data_7T57
#
_entry.id   7T57
#
_cell.length_a   1.00
_cell.length_b   1.00
_cell.length_c   1.00
_cell.angle_alpha   90.00
_cell.angle_beta   90.00
_cell.angle_gamma   90.00
#
_symmetry.space_group_name_H-M   'P 1'
#
loop_
_entity.id
_entity.type
_entity.pdbx_description
1 polymer 'ABC-type bacteriocin transporter'
2 polymer 'PCAT1 peptide substrate'
3 non-polymer "ADENOSINE-5'-TRIPHOSPHATE"
4 non-polymer 'MAGNESIUM ION'
#
loop_
_entity_poly.entity_id
_entity_poly.type
_entity_poly.pdbx_seq_one_letter_code
_entity_poly.pdbx_strand_id
1 'polypeptide(L)'
;SNAMLRRLFKKKYVCVRQYDLTDCGAACLSSIAQYYGLKMSLAKIREMTGTDTQGTNAYGLIHAAKQLGFSAKGVKASKE
DLLKDFRLPAIANVIVDNRLAHFVVIYSIKNRIITVADPGKGIVRYSMDDFCSIWTGGLVLLEPGEAFQKGDYTQNMMVK
FAGFLKPLKKTVLCIFLASLLYTALGIAGSFYIKFLFDDLIKFEKLNDLHIISAGFAVIFLLQIFLNYYRSILVTKLGMS
IDKSIMMEYYSHVLKLPMNFFNSRKVGEIISRFMDASKIRQAISGATLTIMIDTIMAVIGGILLYIQNSSLFFISFIIIL
LYGIIVTVFNKPIQNANRQIMEDNAKLTSALVESVKGIETIKSFGAEEQTEKSTRDKIETVMKSSFKEGMLYINLSSLTG
IVAGLGGIVILWAGAYNVIKGNMSGGQLLAFNALLAYFLTPVKNLIDLQPLIQTAVVASNRLGEILELATEKELREDSDD
FVISLKGDIEFRNVDFRYGLRKPVLKNINLTIPKGKTVAIVGESGSGKTTLAKLLMNFYSPEKGDILINGHSIKNISLEL
IRKKIAFVSQDVFIFSGTVKENLCLGNENVDMDEIIKAAKMANAHDFIEKLPLKYDTFLNESGANLSEGQKQRLAIARAL
LKKPDILILDEATSNLDSITENHIKDAIYGLEDDVTVIIIAHRLSTIVNCDKIYLLKDGEIVESGSHTELIALKGCYFKM
WKQTENTLAS
;
A,B
2 'polypeptide(L)'
;SNAMSEAKKLNIGRELTDEELMEMTGGSTFSIQCQKDYTYKPSLPVVKYGVVIDEPEVVIKYGVGPIVGIKYGVEPIGPI
QPMYGIKPVETLK
;
C,D
#
loop_
_chem_comp.id
_chem_comp.type
_chem_comp.name
_chem_comp.formula
ATP non-polymer ADENOSINE-5'-TRIPHOSPHATE 'C10 H16 N5 O13 P3'
MG non-polymer 'MAGNESIUM ION' 'Mg 2'
#
# COMPACT_ATOMS: atom_id res chain seq x y z
N LYS A 11 -21.53 13.83 36.59
CA LYS A 11 -20.56 14.55 35.76
C LYS A 11 -20.54 13.97 34.35
N LYS A 12 -20.17 14.79 33.38
CA LYS A 12 -20.15 14.36 31.99
C LYS A 12 -19.10 13.28 31.77
N TYR A 13 -19.44 12.29 30.94
CA TYR A 13 -18.52 11.22 30.59
C TYR A 13 -17.80 11.60 29.31
N VAL A 14 -16.47 11.55 29.34
CA VAL A 14 -15.64 11.97 28.22
C VAL A 14 -14.75 10.81 27.80
N CYS A 15 -14.64 10.60 26.48
CA CYS A 15 -13.78 9.58 25.91
C CYS A 15 -12.96 10.18 24.78
N VAL A 16 -11.75 9.65 24.60
CA VAL A 16 -10.83 10.11 23.56
C VAL A 16 -10.60 8.98 22.58
N ARG A 17 -10.92 9.22 21.31
CA ARG A 17 -10.70 8.23 20.27
C ARG A 17 -9.21 8.04 20.02
N GLN A 18 -8.79 6.79 19.87
CA GLN A 18 -7.40 6.49 19.58
C GLN A 18 -7.04 6.97 18.18
N TYR A 19 -5.86 7.61 18.07
CA TYR A 19 -5.44 8.15 16.77
C TYR A 19 -5.06 7.03 15.81
N ASP A 20 -4.37 6.01 16.30
CA ASP A 20 -3.95 4.87 15.50
C ASP A 20 -4.39 3.59 16.20
N LEU A 21 -3.80 2.46 15.78
CA LEU A 21 -4.23 1.17 16.31
C LEU A 21 -3.81 0.99 17.76
N THR A 22 -2.50 1.06 18.03
CA THR A 22 -1.95 0.64 19.33
C THR A 22 -1.85 1.81 20.30
N ASP A 23 -2.98 2.50 20.47
CA ASP A 23 -3.06 3.61 21.42
C ASP A 23 -4.06 3.37 22.55
N CYS A 24 -4.34 2.11 22.90
CA CYS A 24 -5.39 1.84 23.88
C CYS A 24 -5.05 2.43 25.25
N GLY A 25 -3.84 2.15 25.75
CA GLY A 25 -3.48 2.62 27.07
C GLY A 25 -3.43 4.14 27.16
N ALA A 26 -2.81 4.78 26.17
CA ALA A 26 -2.72 6.22 26.16
C ALA A 26 -4.10 6.87 26.05
N ALA A 27 -4.96 6.32 25.19
CA ALA A 27 -6.31 6.86 25.07
C ALA A 27 -7.09 6.71 26.37
N CYS A 28 -6.98 5.55 27.03
CA CYS A 28 -7.67 5.36 28.30
C CYS A 28 -7.16 6.33 29.36
N LEU A 29 -5.84 6.52 29.43
CA LEU A 29 -5.28 7.44 30.41
C LEU A 29 -5.74 8.88 30.13
N SER A 30 -5.77 9.26 28.85
CA SER A 30 -6.26 10.60 28.50
C SER A 30 -7.73 10.76 28.85
N SER A 31 -8.53 9.71 28.65
CA SER A 31 -9.94 9.78 29.00
C SER A 31 -10.11 9.94 30.52
N ILE A 32 -9.31 9.22 31.30
CA ILE A 32 -9.35 9.39 32.75
C ILE A 32 -8.96 10.81 33.14
N ALA A 33 -7.90 11.33 32.53
CA ALA A 33 -7.42 12.67 32.88
C ALA A 33 -8.46 13.73 32.55
N GLN A 34 -9.08 13.64 31.37
CA GLN A 34 -10.02 14.66 30.93
C GLN A 34 -11.34 14.53 31.69
N TYR A 35 -11.55 13.40 32.36
CA TYR A 35 -12.70 13.25 33.25
C TYR A 35 -12.37 13.81 34.63
N TYR A 36 -11.14 13.67 35.10
CA TYR A 36 -10.75 14.27 36.36
C TYR A 36 -10.27 15.72 36.20
N GLY A 37 -10.06 16.18 34.97
CA GLY A 37 -9.76 17.58 34.74
C GLY A 37 -8.53 17.86 33.89
N LEU A 38 -7.48 17.06 34.04
CA LEU A 38 -6.24 17.30 33.34
C LEU A 38 -6.39 16.97 31.86
N LYS A 39 -5.69 17.73 31.00
CA LYS A 39 -5.70 17.51 29.56
C LYS A 39 -4.27 17.67 29.05
N MET A 40 -3.61 16.55 28.77
CA MET A 40 -2.25 16.56 28.27
C MET A 40 -2.21 16.11 26.82
N SER A 41 -1.11 16.44 26.14
CA SER A 41 -0.93 16.06 24.75
C SER A 41 -0.75 14.54 24.64
N LEU A 42 -1.30 13.97 23.56
CA LEU A 42 -1.38 12.51 23.45
C LEU A 42 -0.01 11.89 23.17
N ALA A 43 0.82 12.55 22.35
CA ALA A 43 2.15 12.02 22.06
C ALA A 43 3.01 12.02 23.32
N LYS A 44 2.91 13.07 24.13
CA LYS A 44 3.67 13.12 25.38
C LYS A 44 3.24 11.98 26.31
N ILE A 45 1.94 11.70 26.37
CA ILE A 45 1.45 10.59 27.19
C ILE A 45 1.94 9.26 26.63
N ARG A 46 1.98 9.13 25.30
CA ARG A 46 2.50 7.91 24.69
C ARG A 46 3.95 7.68 25.07
N GLU A 47 4.75 8.76 25.04
CA GLU A 47 6.13 8.66 25.51
C GLU A 47 6.18 8.30 27.00
N MET A 48 5.25 8.86 27.78
CA MET A 48 5.20 8.56 29.22
C MET A 48 4.86 7.10 29.45
N THR A 49 3.90 6.56 28.70
CA THR A 49 3.46 5.18 28.88
C THR A 49 4.40 4.16 28.27
N GLY A 50 5.37 4.58 27.45
CA GLY A 50 6.28 3.63 26.83
C GLY A 50 5.61 2.69 25.86
N THR A 51 4.69 3.20 25.05
CA THR A 51 3.98 2.37 24.09
C THR A 51 4.91 1.93 22.96
N ASP A 52 4.81 0.67 22.57
CA ASP A 52 5.59 0.11 21.48
C ASP A 52 4.65 -0.40 20.38
N THR A 53 5.26 -0.97 19.34
CA THR A 53 4.46 -1.44 18.20
C THR A 53 3.53 -2.58 18.59
N GLN A 54 4.04 -3.56 19.35
CA GLN A 54 3.25 -4.73 19.69
C GLN A 54 2.06 -4.35 20.59
N GLY A 55 2.31 -3.51 21.58
CA GLY A 55 1.25 -3.11 22.49
C GLY A 55 1.83 -2.39 23.70
N THR A 56 0.95 -2.14 24.68
CA THR A 56 1.31 -1.44 25.90
C THR A 56 1.12 -2.37 27.09
N ASN A 57 2.19 -2.55 27.87
CA ASN A 57 2.09 -3.32 29.09
C ASN A 57 1.41 -2.49 30.18
N ALA A 58 0.65 -3.17 31.04
CA ALA A 58 -0.05 -2.48 32.12
C ALA A 58 0.94 -1.87 33.12
N TYR A 59 2.13 -2.46 33.24
CA TYR A 59 3.16 -1.90 34.10
C TYR A 59 3.56 -0.50 33.64
N GLY A 60 3.71 -0.32 32.32
CA GLY A 60 4.01 1.00 31.81
C GLY A 60 2.91 2.01 32.08
N LEU A 61 1.65 1.58 31.93
CA LEU A 61 0.53 2.47 32.22
C LEU A 61 0.51 2.87 33.69
N ILE A 62 0.75 1.92 34.59
CA ILE A 62 0.74 2.23 36.02
C ILE A 62 1.90 3.17 36.35
N HIS A 63 3.08 2.92 35.78
CA HIS A 63 4.23 3.79 36.03
C HIS A 63 3.96 5.20 35.54
N ALA A 64 3.36 5.33 34.35
CA ALA A 64 3.02 6.64 33.82
C ALA A 64 2.00 7.34 34.70
N ALA A 65 1.03 6.58 35.22
CA ALA A 65 0.04 7.16 36.12
C ALA A 65 0.68 7.67 37.40
N LYS A 66 1.59 6.88 37.98
CA LYS A 66 2.24 7.28 39.23
C LYS A 66 3.12 8.51 39.02
N GLN A 67 3.92 8.54 37.95
CA GLN A 67 4.78 9.69 37.73
C GLN A 67 3.98 10.90 37.27
N LEU A 68 2.78 10.68 36.72
CA LEU A 68 1.90 11.77 36.36
C LEU A 68 1.28 12.45 37.58
N GLY A 69 1.12 11.71 38.66
CA GLY A 69 0.48 12.22 39.86
C GLY A 69 -0.64 11.35 40.40
N PHE A 70 -1.18 10.43 39.59
CA PHE A 70 -2.19 9.50 40.08
C PHE A 70 -1.57 8.48 41.01
N SER A 71 -2.40 7.93 41.89
CA SER A 71 -2.06 6.74 42.67
C SER A 71 -2.82 5.59 42.02
N ALA A 72 -2.08 4.69 41.37
CA ALA A 72 -2.68 3.65 40.56
C ALA A 72 -2.22 2.28 41.02
N LYS A 73 -3.11 1.30 40.86
CA LYS A 73 -2.82 -0.07 41.23
C LYS A 73 -3.42 -1.02 40.23
N GLY A 74 -2.67 -2.07 39.89
CA GLY A 74 -3.17 -3.12 39.02
C GLY A 74 -3.49 -4.38 39.80
N VAL A 75 -4.79 -4.65 39.97
CA VAL A 75 -5.24 -5.73 40.83
C VAL A 75 -6.05 -6.72 39.99
N LYS A 76 -6.09 -7.97 40.45
CA LYS A 76 -6.89 -9.01 39.83
C LYS A 76 -8.33 -8.92 40.30
N ALA A 77 -9.23 -9.51 39.52
CA ALA A 77 -10.65 -9.52 39.85
C ALA A 77 -11.32 -10.72 39.21
N SER A 78 -12.22 -11.35 39.97
CA SER A 78 -13.00 -12.49 39.48
C SER A 78 -14.43 -12.32 40.00
N LYS A 79 -15.27 -11.68 39.18
CA LYS A 79 -16.68 -11.44 39.51
C LYS A 79 -16.84 -10.72 40.85
N GLU A 80 -15.97 -9.75 41.14
CA GLU A 80 -16.06 -8.97 42.35
C GLU A 80 -16.45 -7.52 42.08
N ASP A 81 -17.16 -7.27 40.97
CA ASP A 81 -17.59 -5.92 40.60
C ASP A 81 -18.97 -5.58 41.14
N LEU A 82 -19.45 -6.30 42.16
CA LEU A 82 -20.71 -5.99 42.83
C LEU A 82 -20.50 -5.38 44.20
N LEU A 83 -19.50 -5.89 44.93
CA LEU A 83 -19.17 -5.30 46.26
C LEU A 83 -18.87 -3.81 46.07
N LYS A 84 -19.19 -2.98 47.06
CA LYS A 84 -18.99 -1.52 46.94
C LYS A 84 -17.50 -1.17 47.04
N ASP A 85 -16.66 -2.16 47.34
CA ASP A 85 -15.20 -1.90 47.54
C ASP A 85 -14.55 -1.68 46.16
N PHE A 86 -14.68 -0.47 45.60
CA PHE A 86 -14.07 -0.14 44.29
C PHE A 86 -14.17 1.36 44.03
N ARG A 87 -13.41 1.86 43.05
CA ARG A 87 -13.45 3.30 42.69
C ARG A 87 -13.68 3.43 41.18
N LEU A 88 -14.51 4.38 40.75
CA LEU A 88 -14.80 4.51 39.33
C LEU A 88 -14.42 5.90 38.83
N PRO A 89 -14.02 6.03 37.55
CA PRO A 89 -13.90 4.98 36.53
C PRO A 89 -12.64 4.13 36.71
N ALA A 90 -12.58 2.97 36.06
CA ALA A 90 -11.43 2.10 36.19
C ALA A 90 -11.13 1.42 34.87
N ILE A 91 -9.85 1.18 34.61
CA ILE A 91 -9.40 0.65 33.32
C ILE A 91 -9.45 -0.87 33.36
N ALA A 92 -9.92 -1.47 32.27
CA ALA A 92 -10.01 -2.91 32.14
C ALA A 92 -9.44 -3.35 30.80
N ASN A 93 -9.04 -4.62 30.73
CA ASN A 93 -8.54 -5.22 29.51
C ASN A 93 -9.51 -6.28 29.03
N VAL A 94 -9.75 -6.30 27.72
CA VAL A 94 -10.73 -7.20 27.11
C VAL A 94 -10.08 -7.87 25.90
N ILE A 95 -10.77 -8.88 25.38
CA ILE A 95 -10.36 -9.58 24.17
C ILE A 95 -11.54 -9.57 23.20
N VAL A 96 -11.25 -9.31 21.92
CA VAL A 96 -12.29 -9.27 20.91
C VAL A 96 -12.49 -10.68 20.34
N ASP A 97 -13.43 -11.43 20.93
CA ASP A 97 -13.71 -12.83 20.60
C ASP A 97 -12.43 -13.61 20.34
N ASN A 98 -11.48 -13.49 21.28
CA ASN A 98 -10.22 -14.22 21.25
C ASN A 98 -9.44 -13.96 19.96
N ARG A 99 -9.29 -12.67 19.63
CA ARG A 99 -8.51 -12.26 18.48
C ARG A 99 -7.27 -11.47 18.89
N LEU A 100 -7.44 -10.40 19.66
CA LEU A 100 -6.33 -9.57 20.10
C LEU A 100 -6.77 -8.74 21.29
N ALA A 101 -5.82 -8.43 22.16
CA ALA A 101 -6.11 -7.72 23.39
C ALA A 101 -6.48 -6.26 23.11
N HIS A 102 -7.24 -5.68 24.02
CA HIS A 102 -7.68 -4.30 23.89
C HIS A 102 -7.93 -3.73 25.28
N PHE A 103 -7.98 -2.41 25.37
CA PHE A 103 -8.22 -1.72 26.64
C PHE A 103 -9.49 -0.89 26.55
N VAL A 104 -10.33 -1.00 27.59
CA VAL A 104 -11.51 -0.18 27.74
C VAL A 104 -11.48 0.44 29.13
N VAL A 105 -12.41 1.35 29.39
CA VAL A 105 -12.56 1.92 30.72
C VAL A 105 -14.03 1.85 31.13
N ILE A 106 -14.29 1.26 32.31
CA ILE A 106 -15.64 1.23 32.84
C ILE A 106 -15.91 2.50 33.64
N TYR A 107 -17.09 3.08 33.45
CA TYR A 107 -17.47 4.31 34.15
C TYR A 107 -18.42 4.07 35.31
N SER A 108 -19.47 3.29 35.13
CA SER A 108 -20.42 3.03 36.20
C SER A 108 -21.20 1.75 35.89
N ILE A 109 -21.44 0.94 36.91
CA ILE A 109 -22.23 -0.28 36.80
C ILE A 109 -23.40 -0.18 37.77
N LYS A 110 -24.59 -0.52 37.29
CA LYS A 110 -25.79 -0.44 38.11
C LYS A 110 -26.89 -1.17 37.34
N ASN A 111 -27.68 -1.97 38.06
CA ASN A 111 -28.71 -2.83 37.45
C ASN A 111 -28.10 -3.82 36.44
N ARG A 112 -26.88 -4.26 36.74
CA ARG A 112 -26.16 -5.25 35.92
C ARG A 112 -25.99 -4.79 34.47
N ILE A 113 -26.04 -3.47 34.26
CA ILE A 113 -25.83 -2.88 32.93
C ILE A 113 -24.79 -1.77 33.07
N ILE A 114 -23.80 -1.77 32.17
CA ILE A 114 -22.55 -1.05 32.40
C ILE A 114 -22.22 -0.15 31.20
N THR A 115 -21.70 1.03 31.52
CA THR A 115 -21.18 1.98 30.54
C THR A 115 -19.66 1.83 30.48
N VAL A 116 -19.14 1.58 29.28
CA VAL A 116 -17.70 1.47 29.06
C VAL A 116 -17.32 2.30 27.83
N ALA A 117 -16.22 3.03 27.95
CA ALA A 117 -15.61 3.73 26.84
C ALA A 117 -14.52 2.85 26.23
N ASP A 118 -14.69 2.50 24.96
CA ASP A 118 -13.69 1.78 24.18
C ASP A 118 -13.10 2.73 23.15
N PRO A 119 -11.79 2.93 23.11
CA PRO A 119 -11.21 3.87 22.15
C PRO A 119 -11.51 3.52 20.69
N GLY A 120 -11.82 2.25 20.43
CA GLY A 120 -12.11 1.85 19.07
C GLY A 120 -13.39 2.47 18.53
N LYS A 121 -14.44 2.49 19.33
CA LYS A 121 -15.74 2.98 18.89
C LYS A 121 -16.20 4.22 19.64
N GLY A 122 -16.24 4.17 20.96
CA GLY A 122 -16.71 5.26 21.78
C GLY A 122 -17.36 4.74 23.05
N ILE A 123 -18.41 5.44 23.49
CA ILE A 123 -19.23 4.94 24.59
C ILE A 123 -20.11 3.81 24.08
N VAL A 124 -20.04 2.66 24.73
CA VAL A 124 -20.77 1.48 24.27
C VAL A 124 -21.41 0.78 25.46
N ARG A 125 -22.67 0.37 25.29
CA ARG A 125 -23.42 -0.31 26.33
C ARG A 125 -22.96 -1.77 26.46
N TYR A 126 -23.02 -2.29 27.69
CA TYR A 126 -22.88 -3.74 27.85
C TYR A 126 -23.75 -4.22 29.00
N SER A 127 -24.05 -5.51 28.97
CA SER A 127 -24.72 -6.21 30.05
C SER A 127 -23.69 -7.03 30.81
N MET A 128 -24.07 -7.47 32.01
CA MET A 128 -23.13 -8.16 32.89
C MET A 128 -22.61 -9.46 32.27
N ASP A 129 -23.49 -10.29 31.74
CA ASP A 129 -23.10 -11.61 31.25
C ASP A 129 -22.16 -11.53 30.05
N ASP A 130 -22.54 -10.75 29.03
CA ASP A 130 -21.70 -10.62 27.85
C ASP A 130 -20.36 -9.97 28.16
N PHE A 131 -20.36 -8.92 28.98
CA PHE A 131 -19.12 -8.26 29.35
C PHE A 131 -18.21 -9.21 30.12
N CYS A 132 -18.77 -9.97 31.06
CA CYS A 132 -18.00 -10.94 31.83
C CYS A 132 -17.44 -12.03 30.93
N SER A 133 -18.19 -12.39 29.89
CA SER A 133 -17.70 -13.33 28.88
C SER A 133 -16.75 -12.69 27.90
N ILE A 134 -16.56 -11.37 27.95
CA ILE A 134 -15.63 -10.65 27.09
C ILE A 134 -14.27 -10.49 27.77
N TRP A 135 -14.23 -9.82 28.93
CA TRP A 135 -12.96 -9.59 29.60
C TRP A 135 -12.63 -10.76 30.52
N THR A 136 -11.36 -11.14 30.54
CA THR A 136 -10.92 -12.30 31.33
C THR A 136 -10.59 -11.89 32.77
N GLY A 137 -9.65 -10.96 32.93
CA GLY A 137 -9.25 -10.52 34.25
C GLY A 137 -8.29 -9.34 34.23
N GLY A 138 -8.35 -8.52 35.27
CA GLY A 138 -7.48 -7.35 35.36
C GLY A 138 -8.24 -6.06 35.61
N LEU A 139 -7.74 -5.24 36.53
CA LEU A 139 -8.39 -3.97 36.88
C LEU A 139 -7.32 -2.96 37.26
N VAL A 140 -7.29 -1.83 36.56
CA VAL A 140 -6.39 -0.72 36.87
C VAL A 140 -7.23 0.34 37.58
N LEU A 141 -6.92 0.57 38.85
CA LEU A 141 -7.63 1.56 39.65
C LEU A 141 -6.78 2.81 39.81
N LEU A 142 -7.40 3.97 39.63
CA LEU A 142 -6.73 5.27 39.63
C LEU A 142 -7.39 6.16 40.68
N GLU A 143 -6.56 6.85 41.47
CA GLU A 143 -7.06 7.82 42.44
C GLU A 143 -6.28 9.12 42.30
N PRO A 144 -6.94 10.27 42.35
CA PRO A 144 -6.20 11.54 42.26
C PRO A 144 -5.35 11.77 43.50
N GLY A 145 -4.06 12.04 43.29
CA GLY A 145 -3.13 12.27 44.38
C GLY A 145 -3.06 13.73 44.79
N GLU A 146 -2.23 13.99 45.80
CA GLU A 146 -2.06 15.35 46.28
C GLU A 146 -1.32 16.22 45.26
N ALA A 147 -0.41 15.62 44.50
CA ALA A 147 0.35 16.34 43.49
C ALA A 147 -0.42 16.53 42.19
N PHE A 148 -1.61 15.96 42.07
CA PHE A 148 -2.42 16.09 40.86
C PHE A 148 -2.92 17.52 40.74
N GLN A 149 -2.49 18.22 39.69
CA GLN A 149 -2.87 19.60 39.46
C GLN A 149 -3.66 19.69 38.16
N LYS A 150 -4.91 20.15 38.26
CA LYS A 150 -5.75 20.30 37.08
C LYS A 150 -5.33 21.52 36.28
N GLY A 151 -5.36 21.38 34.96
CA GLY A 151 -4.99 22.44 34.05
C GLY A 151 -5.06 21.95 32.63
N ASP A 152 -4.78 22.84 31.67
CA ASP A 152 -4.80 22.46 30.27
C ASP A 152 -3.44 22.65 29.65
N TYR A 153 -2.95 21.61 28.98
CA TYR A 153 -1.64 21.68 28.35
C TYR A 153 -1.58 21.56 26.82
N THR A 154 -2.71 21.63 26.15
CA THR A 154 -2.67 21.53 24.69
C THR A 154 -2.99 22.82 23.97
N GLN A 155 -2.06 23.28 23.16
CA GLN A 155 -2.24 24.50 22.39
C GLN A 155 -3.21 24.22 21.26
N ASN A 156 -4.03 25.19 20.89
CA ASN A 156 -4.94 24.98 19.79
C ASN A 156 -4.09 24.98 18.54
N MET A 157 -4.05 23.85 17.85
CA MET A 157 -3.22 23.70 16.66
C MET A 157 -3.92 24.14 15.39
N MET A 158 -5.24 24.33 15.43
CA MET A 158 -5.94 24.81 14.24
C MET A 158 -5.45 26.18 13.82
N VAL A 159 -5.30 27.10 14.77
CA VAL A 159 -4.75 28.41 14.44
C VAL A 159 -3.27 28.29 14.08
N LYS A 160 -2.57 27.32 14.68
CA LYS A 160 -1.16 27.12 14.34
C LYS A 160 -0.99 26.76 12.88
N PHE A 161 -1.89 25.93 12.34
CA PHE A 161 -1.81 25.56 10.93
C PHE A 161 -2.47 26.60 10.03
N ALA A 162 -3.43 27.37 10.56
CA ALA A 162 -4.06 28.41 9.77
C ALA A 162 -3.18 29.65 9.65
N GLY A 163 -2.16 29.78 10.50
CA GLY A 163 -1.25 30.91 10.40
C GLY A 163 -0.47 30.98 9.10
N PHE A 164 -0.49 29.91 8.31
CA PHE A 164 0.17 29.94 7.01
C PHE A 164 -0.57 30.84 6.02
N LEU A 165 -1.82 31.20 6.33
CA LEU A 165 -2.58 32.12 5.51
C LEU A 165 -2.20 33.58 5.74
N LYS A 166 -1.43 33.88 6.79
CA LYS A 166 -1.01 35.25 7.04
C LYS A 166 -0.20 35.86 5.91
N PRO A 167 0.81 35.19 5.34
CA PRO A 167 1.52 35.76 4.18
C PRO A 167 0.83 35.54 2.85
N LEU A 168 -0.44 35.13 2.83
CA LEU A 168 -1.19 34.88 1.60
C LEU A 168 -2.55 35.58 1.64
N LYS A 169 -2.57 36.82 2.12
CA LYS A 169 -3.83 37.55 2.23
C LYS A 169 -4.29 38.08 0.87
N LYS A 170 -3.34 38.37 -0.03
CA LYS A 170 -3.70 38.92 -1.33
C LYS A 170 -4.53 37.93 -2.13
N THR A 171 -4.12 36.66 -2.14
CA THR A 171 -4.83 35.66 -2.94
C THR A 171 -6.25 35.46 -2.44
N VAL A 172 -6.43 35.32 -1.12
CA VAL A 172 -7.78 35.13 -0.59
C VAL A 172 -8.64 36.38 -0.75
N LEU A 173 -8.04 37.58 -0.63
CA LEU A 173 -8.81 38.80 -0.89
C LEU A 173 -9.29 38.85 -2.33
N CYS A 174 -8.41 38.50 -3.27
CA CYS A 174 -8.80 38.48 -4.68
C CYS A 174 -9.89 37.45 -4.94
N ILE A 175 -9.78 36.28 -4.30
CA ILE A 175 -10.81 35.25 -4.45
C ILE A 175 -12.15 35.74 -3.92
N PHE A 176 -12.12 36.41 -2.76
CA PHE A 176 -13.36 36.92 -2.18
C PHE A 176 -14.00 37.97 -3.09
N LEU A 177 -13.19 38.89 -3.62
CA LEU A 177 -13.73 39.90 -4.52
C LEU A 177 -14.30 39.26 -5.79
N ALA A 178 -13.59 38.27 -6.35
CA ALA A 178 -14.07 37.60 -7.54
C ALA A 178 -15.38 36.87 -7.27
N SER A 179 -15.51 36.24 -6.10
CA SER A 179 -16.76 35.56 -5.76
C SER A 179 -17.90 36.57 -5.60
N LEU A 180 -17.62 37.72 -4.99
CA LEU A 180 -18.64 38.75 -4.86
C LEU A 180 -19.12 39.23 -6.23
N LEU A 181 -18.18 39.50 -7.14
CA LEU A 181 -18.56 39.90 -8.49
C LEU A 181 -19.31 38.78 -9.21
N TYR A 182 -18.92 37.53 -8.97
CA TYR A 182 -19.60 36.38 -9.54
C TYR A 182 -21.07 36.35 -9.13
N THR A 183 -21.33 36.51 -7.83
CA THR A 183 -22.70 36.53 -7.35
C THR A 183 -23.47 37.72 -7.90
N ALA A 184 -22.84 38.90 -7.95
CA ALA A 184 -23.51 40.09 -8.44
C ALA A 184 -23.91 39.90 -9.91
N LEU A 185 -23.02 39.31 -10.71
CA LEU A 185 -23.36 39.08 -12.11
C LEU A 185 -24.40 37.99 -12.27
N GLY A 186 -24.37 36.98 -11.38
CA GLY A 186 -25.36 35.91 -11.46
C GLY A 186 -26.76 36.36 -11.11
N ILE A 187 -26.89 37.37 -10.25
CA ILE A 187 -28.22 37.87 -9.91
C ILE A 187 -28.94 38.41 -11.14
N ALA A 188 -28.22 39.13 -12.00
CA ALA A 188 -28.83 39.65 -13.22
C ALA A 188 -29.26 38.51 -14.16
N GLY A 189 -28.41 37.49 -14.29
CA GLY A 189 -28.78 36.33 -15.09
C GLY A 189 -30.02 35.64 -14.56
N SER A 190 -30.16 35.59 -13.23
CA SER A 190 -31.38 35.05 -12.63
C SER A 190 -32.59 35.91 -12.97
N PHE A 191 -32.45 37.25 -12.87
CA PHE A 191 -33.56 38.16 -13.15
C PHE A 191 -33.90 38.27 -14.63
N TYR A 192 -33.04 37.75 -15.51
CA TYR A 192 -33.27 37.87 -16.95
C TYR A 192 -34.65 37.36 -17.37
N ILE A 193 -35.07 36.22 -16.85
CA ILE A 193 -36.30 35.57 -17.29
C ILE A 193 -37.52 36.40 -16.91
N LYS A 194 -37.43 37.11 -15.78
CA LYS A 194 -38.51 38.01 -15.37
C LYS A 194 -38.70 39.16 -16.35
N PHE A 195 -37.60 39.82 -16.74
CA PHE A 195 -37.69 40.86 -17.75
C PHE A 195 -38.16 40.28 -19.08
N LEU A 196 -37.80 39.03 -19.38
CA LEU A 196 -38.32 38.39 -20.59
C LEU A 196 -39.84 38.28 -20.56
N PHE A 197 -40.39 37.71 -19.49
CA PHE A 197 -41.80 37.38 -19.46
C PHE A 197 -42.69 38.52 -18.98
N ASP A 198 -42.13 39.65 -18.57
CA ASP A 198 -42.95 40.77 -18.13
C ASP A 198 -43.07 41.91 -19.12
N ASP A 199 -42.08 42.12 -19.99
CA ASP A 199 -42.12 43.24 -20.92
C ASP A 199 -41.88 42.82 -22.36
N LEU A 200 -40.99 41.85 -22.56
CA LEU A 200 -40.52 41.49 -23.89
C LEU A 200 -41.45 40.50 -24.59
N ILE A 201 -42.46 40.01 -23.88
CA ILE A 201 -43.44 39.08 -24.45
C ILE A 201 -44.82 39.71 -24.56
N LYS A 202 -45.28 40.36 -23.48
CA LYS A 202 -46.62 40.95 -23.47
C LYS A 202 -46.73 42.08 -24.48
N PHE A 203 -45.62 42.74 -24.78
CA PHE A 203 -45.49 43.60 -25.95
C PHE A 203 -44.53 42.96 -26.95
N GLU A 204 -44.92 42.99 -28.23
CA GLU A 204 -44.13 42.38 -29.31
C GLU A 204 -43.06 43.38 -29.76
N LYS A 205 -42.09 43.59 -28.88
CA LYS A 205 -40.97 44.49 -29.16
C LYS A 205 -39.74 43.64 -29.49
N LEU A 206 -39.64 43.27 -30.77
CA LEU A 206 -38.58 42.36 -31.20
C LEU A 206 -37.20 43.00 -31.10
N ASN A 207 -37.11 44.29 -31.40
CA ASN A 207 -35.81 44.96 -31.35
C ASN A 207 -35.24 44.96 -29.93
N ASP A 208 -36.08 45.31 -28.95
CA ASP A 208 -35.65 45.22 -27.56
C ASP A 208 -35.32 43.80 -27.16
N LEU A 209 -36.04 42.81 -27.69
CA LEU A 209 -35.69 41.41 -27.43
C LEU A 209 -34.28 41.10 -27.91
N HIS A 210 -33.96 41.52 -29.15
CA HIS A 210 -32.63 41.26 -29.69
C HIS A 210 -31.56 41.98 -28.88
N ILE A 211 -31.82 43.22 -28.47
CA ILE A 211 -30.82 43.97 -27.71
C ILE A 211 -30.59 43.33 -26.34
N ILE A 212 -31.67 43.01 -25.63
CA ILE A 212 -31.54 42.50 -24.26
C ILE A 212 -30.96 41.08 -24.25
N SER A 213 -31.40 40.22 -25.16
CA SER A 213 -30.85 38.86 -25.21
C SER A 213 -29.36 38.85 -25.52
N ALA A 214 -28.87 39.82 -26.30
CA ALA A 214 -27.44 39.94 -26.57
C ALA A 214 -26.69 40.63 -25.43
N GLY A 215 -27.33 41.56 -24.72
CA GLY A 215 -26.71 42.24 -23.62
C GLY A 215 -26.69 41.47 -22.31
N PHE A 216 -27.48 40.40 -22.19
CA PHE A 216 -27.46 39.57 -21.00
C PHE A 216 -26.71 38.26 -21.22
N ALA A 217 -25.92 38.18 -22.29
CA ALA A 217 -25.11 37.00 -22.58
C ALA A 217 -23.63 37.28 -22.31
N VAL A 218 -23.19 38.52 -22.50
CA VAL A 218 -21.81 38.88 -22.18
C VAL A 218 -21.55 38.80 -20.69
N ILE A 219 -22.58 39.05 -19.88
CA ILE A 219 -22.44 38.94 -18.43
C ILE A 219 -22.09 37.51 -18.04
N PHE A 220 -22.65 36.53 -18.75
CA PHE A 220 -22.31 35.14 -18.48
C PHE A 220 -20.86 34.86 -18.85
N LEU A 221 -20.36 35.48 -19.92
CA LEU A 221 -18.96 35.31 -20.28
C LEU A 221 -18.05 35.92 -19.22
N LEU A 222 -18.42 37.08 -18.68
CA LEU A 222 -17.66 37.65 -17.58
C LEU A 222 -17.70 36.74 -16.35
N GLN A 223 -18.86 36.12 -16.10
CA GLN A 223 -18.98 35.17 -15.00
C GLN A 223 -18.04 33.98 -15.20
N ILE A 224 -17.96 33.48 -16.43
CA ILE A 224 -17.05 32.38 -16.73
C ILE A 224 -15.60 32.79 -16.53
N PHE A 225 -15.24 34.02 -16.95
CA PHE A 225 -13.88 34.50 -16.74
C PHE A 225 -13.56 34.59 -15.26
N LEU A 226 -14.50 35.09 -14.46
CA LEU A 226 -14.31 35.16 -13.02
C LEU A 226 -14.15 33.76 -12.42
N ASN A 227 -14.94 32.80 -12.90
CA ASN A 227 -14.81 31.43 -12.41
C ASN A 227 -13.43 30.85 -12.75
N TYR A 228 -12.94 31.14 -13.96
CA TYR A 228 -11.60 30.70 -14.35
C TYR A 228 -10.54 31.28 -13.41
N TYR A 229 -10.63 32.58 -13.15
CA TYR A 229 -9.66 33.24 -12.27
C TYR A 229 -9.72 32.63 -10.87
N ARG A 230 -10.93 32.40 -10.36
CA ARG A 230 -11.10 31.81 -9.03
C ARG A 230 -10.50 30.42 -8.99
N SER A 231 -10.74 29.61 -10.02
CA SER A 231 -10.20 28.25 -10.05
C SER A 231 -8.67 28.26 -10.04
N ILE A 232 -8.07 29.13 -10.85
CA ILE A 232 -6.61 29.21 -10.90
C ILE A 232 -6.06 29.62 -9.53
N LEU A 233 -6.65 30.66 -8.92
CA LEU A 233 -6.16 31.13 -7.64
C LEU A 233 -6.31 30.07 -6.56
N VAL A 234 -7.46 29.39 -6.52
CA VAL A 234 -7.68 28.37 -5.50
C VAL A 234 -6.72 27.21 -5.66
N THR A 235 -6.50 26.78 -6.91
CA THR A 235 -5.56 25.69 -7.16
C THR A 235 -4.15 26.06 -6.70
N LYS A 236 -3.70 27.27 -7.05
CA LYS A 236 -2.37 27.70 -6.65
C LYS A 236 -2.25 27.77 -5.12
N LEU A 237 -3.26 28.34 -4.46
CA LEU A 237 -3.24 28.45 -3.01
C LEU A 237 -3.19 27.07 -2.35
N GLY A 238 -4.01 26.13 -2.85
CA GLY A 238 -4.02 24.80 -2.28
C GLY A 238 -2.69 24.08 -2.45
N MET A 239 -2.11 24.17 -3.65
CA MET A 239 -0.82 23.54 -3.88
C MET A 239 0.25 24.14 -2.97
N SER A 240 0.26 25.47 -2.82
CA SER A 240 1.25 26.11 -1.96
C SER A 240 1.10 25.66 -0.52
N ILE A 241 -0.13 25.64 -0.01
CA ILE A 241 -0.35 25.26 1.39
C ILE A 241 0.05 23.81 1.62
N ASP A 242 -0.33 22.92 0.70
CA ASP A 242 0.04 21.52 0.84
C ASP A 242 1.55 21.35 0.85
N LYS A 243 2.25 22.02 -0.08
CA LYS A 243 3.70 21.91 -0.15
C LYS A 243 4.35 22.41 1.14
N SER A 244 3.88 23.56 1.65
CA SER A 244 4.47 24.12 2.85
C SER A 244 4.26 23.21 4.06
N ILE A 245 3.05 22.67 4.21
CA ILE A 245 2.76 21.78 5.33
C ILE A 245 3.62 20.53 5.25
N MET A 246 3.75 19.95 4.05
CA MET A 246 4.57 18.76 3.88
C MET A 246 6.04 19.06 4.21
N MET A 247 6.55 20.21 3.75
CA MET A 247 7.92 20.59 4.08
C MET A 247 8.12 20.68 5.59
N GLU A 248 7.22 21.37 6.29
CA GLU A 248 7.37 21.51 7.73
C GLU A 248 7.35 20.15 8.42
N TYR A 249 6.37 19.31 8.07
CA TYR A 249 6.23 18.03 8.73
C TYR A 249 7.46 17.15 8.51
N TYR A 250 7.91 17.05 7.25
CA TYR A 250 9.06 16.19 6.97
C TYR A 250 10.32 16.72 7.65
N SER A 251 10.55 18.04 7.60
CA SER A 251 11.74 18.60 8.23
C SER A 251 11.73 18.41 9.73
N HIS A 252 10.54 18.43 10.36
CA HIS A 252 10.49 18.20 11.79
C HIS A 252 10.67 16.72 12.12
N VAL A 253 10.12 15.83 11.30
CA VAL A 253 10.24 14.40 11.57
C VAL A 253 11.69 13.94 11.45
N LEU A 254 12.42 14.47 10.47
CA LEU A 254 13.82 14.06 10.33
C LEU A 254 14.69 14.49 11.51
N LYS A 255 14.20 15.39 12.37
CA LYS A 255 14.97 15.81 13.54
C LYS A 255 14.54 15.11 14.81
N LEU A 256 13.53 14.24 14.77
CA LEU A 256 13.04 13.56 15.95
C LEU A 256 14.02 12.49 16.42
N PRO A 257 13.99 12.14 17.72
CA PRO A 257 14.92 11.13 18.23
C PRO A 257 14.62 9.72 17.73
N MET A 258 15.47 8.77 18.08
CA MET A 258 15.34 7.40 17.58
C MET A 258 14.21 6.64 18.27
N ASN A 259 13.89 6.98 19.52
CA ASN A 259 12.82 6.28 20.22
C ASN A 259 11.47 6.51 19.55
N PHE A 260 11.28 7.68 18.94
CA PHE A 260 10.05 7.94 18.20
C PHE A 260 9.92 6.99 17.01
N PHE A 261 11.02 6.74 16.31
CA PHE A 261 10.97 5.83 15.17
C PHE A 261 10.82 4.38 15.62
N ASN A 262 11.48 4.01 16.72
CA ASN A 262 11.39 2.64 17.21
C ASN A 262 10.00 2.32 17.75
N SER A 263 9.36 3.29 18.41
CA SER A 263 8.06 3.03 19.04
C SER A 263 6.96 2.86 17.99
N ARG A 264 7.04 3.58 16.88
CA ARG A 264 5.99 3.56 15.88
C ARG A 264 6.40 2.76 14.66
N LYS A 265 5.42 2.50 13.80
CA LYS A 265 5.60 1.78 12.54
C LYS A 265 5.98 2.79 11.44
N VAL A 266 5.95 2.34 10.19
CA VAL A 266 6.25 3.20 9.05
C VAL A 266 4.98 3.86 8.51
N GLY A 267 3.90 3.09 8.37
CA GLY A 267 2.67 3.64 7.85
C GLY A 267 2.12 4.76 8.71
N GLU A 268 2.33 4.66 10.03
CA GLU A 268 1.88 5.72 10.93
C GLU A 268 2.55 7.04 10.60
N ILE A 269 3.86 7.01 10.31
CA ILE A 269 4.56 8.24 9.92
C ILE A 269 4.13 8.68 8.53
N ILE A 270 3.93 7.73 7.61
CA ILE A 270 3.66 8.10 6.22
C ILE A 270 2.28 8.73 6.07
N SER A 271 1.28 8.24 6.81
CA SER A 271 -0.09 8.68 6.61
C SER A 271 -0.26 10.18 6.88
N ARG A 272 0.60 10.77 7.69
CA ARG A 272 0.49 12.19 7.95
C ARG A 272 0.78 13.05 6.72
N PHE A 273 1.47 12.51 5.71
CA PHE A 273 1.61 13.21 4.44
C PHE A 273 0.28 13.36 3.72
N MET A 274 -0.48 12.26 3.62
CA MET A 274 -1.83 12.36 3.08
C MET A 274 -2.74 13.21 3.98
N ASP A 275 -2.44 13.23 5.28
CA ASP A 275 -3.25 14.03 6.21
C ASP A 275 -3.10 15.53 5.95
N ALA A 276 -2.02 15.92 5.26
CA ALA A 276 -1.81 17.34 4.96
C ALA A 276 -2.92 17.88 4.07
N SER A 277 -3.37 17.09 3.09
CA SER A 277 -4.46 17.53 2.23
C SER A 277 -5.75 17.68 3.02
N LYS A 278 -6.01 16.76 3.94
CA LYS A 278 -7.21 16.86 4.77
C LYS A 278 -7.18 18.12 5.63
N ILE A 279 -6.01 18.46 6.18
CA ILE A 279 -5.90 19.70 6.94
C ILE A 279 -6.09 20.91 6.02
N ARG A 280 -5.48 20.87 4.84
CA ARG A 280 -5.57 22.00 3.91
C ARG A 280 -7.00 22.25 3.46
N GLN A 281 -7.81 21.19 3.37
CA GLN A 281 -9.20 21.35 2.98
C GLN A 281 -9.92 22.33 3.89
N ALA A 282 -9.67 22.24 5.20
CA ALA A 282 -10.21 23.23 6.13
C ALA A 282 -9.44 24.55 6.04
N ILE A 283 -8.10 24.47 5.92
CA ILE A 283 -7.30 25.68 5.93
C ILE A 283 -7.64 26.56 4.73
N SER A 284 -7.75 25.98 3.54
CA SER A 284 -8.01 26.74 2.33
C SER A 284 -9.49 26.80 1.97
N GLY A 285 -10.11 25.65 1.73
CA GLY A 285 -11.48 25.61 1.23
C GLY A 285 -12.55 26.09 2.19
N ALA A 286 -12.51 25.62 3.43
CA ALA A 286 -13.60 25.88 4.37
C ALA A 286 -13.74 27.36 4.69
N THR A 287 -12.62 28.04 4.93
CA THR A 287 -12.68 29.45 5.34
C THR A 287 -13.28 30.32 4.23
N LEU A 288 -12.74 30.21 3.01
CA LEU A 288 -13.27 30.98 1.89
C LEU A 288 -14.72 30.59 1.60
N THR A 289 -15.02 29.29 1.65
CA THR A 289 -16.37 28.83 1.38
C THR A 289 -17.37 29.47 2.33
N ILE A 290 -17.13 29.39 3.63
CA ILE A 290 -18.06 29.96 4.59
C ILE A 290 -18.10 31.48 4.47
N MET A 291 -16.94 32.11 4.27
CA MET A 291 -16.89 33.58 4.25
C MET A 291 -17.70 34.14 3.08
N ILE A 292 -17.62 33.50 1.91
CA ILE A 292 -18.39 34.02 0.78
C ILE A 292 -19.84 33.54 0.84
N ASP A 293 -20.07 32.31 1.30
CA ASP A 293 -21.40 31.74 1.22
C ASP A 293 -22.34 32.35 2.26
N THR A 294 -21.82 32.74 3.42
CA THR A 294 -22.67 33.38 4.41
C THR A 294 -23.29 34.66 3.86
N ILE A 295 -22.44 35.56 3.32
CA ILE A 295 -22.94 36.83 2.81
C ILE A 295 -23.79 36.63 1.57
N MET A 296 -23.41 35.67 0.70
CA MET A 296 -24.20 35.45 -0.50
C MET A 296 -25.58 34.88 -0.14
N ALA A 297 -25.65 33.99 0.85
CA ALA A 297 -26.93 33.48 1.32
C ALA A 297 -27.76 34.59 1.95
N VAL A 298 -27.12 35.49 2.72
CA VAL A 298 -27.87 36.59 3.34
C VAL A 298 -28.48 37.49 2.27
N ILE A 299 -27.70 37.85 1.25
CA ILE A 299 -28.24 38.75 0.23
C ILE A 299 -29.30 38.05 -0.60
N GLY A 300 -29.10 36.75 -0.88
CA GLY A 300 -30.12 36.00 -1.60
C GLY A 300 -31.42 35.90 -0.82
N GLY A 301 -31.33 35.67 0.49
CA GLY A 301 -32.53 35.62 1.32
C GLY A 301 -33.21 36.97 1.41
N ILE A 302 -32.43 38.06 1.47
CA ILE A 302 -33.02 39.39 1.47
C ILE A 302 -33.77 39.65 0.17
N LEU A 303 -33.16 39.28 -0.96
CA LEU A 303 -33.84 39.45 -2.24
C LEU A 303 -35.11 38.61 -2.31
N LEU A 304 -35.05 37.37 -1.81
CA LEU A 304 -36.23 36.52 -1.80
C LEU A 304 -37.34 37.11 -0.94
N TYR A 305 -36.99 37.67 0.22
CA TYR A 305 -37.97 38.33 1.06
C TYR A 305 -38.57 39.54 0.37
N ILE A 306 -37.75 40.28 -0.39
CA ILE A 306 -38.28 41.38 -1.19
C ILE A 306 -39.29 40.85 -2.21
N GLN A 307 -39.00 39.71 -2.83
CA GLN A 307 -39.92 39.13 -3.80
C GLN A 307 -41.24 38.72 -3.14
N ASN A 308 -41.17 37.81 -2.18
CA ASN A 308 -42.37 37.31 -1.52
C ASN A 308 -42.01 36.82 -0.12
N SER A 309 -43.03 36.77 0.75
CA SER A 309 -42.80 36.34 2.13
C SER A 309 -43.14 34.86 2.32
N SER A 310 -44.31 34.44 1.83
CA SER A 310 -44.74 33.06 2.03
C SER A 310 -43.80 32.08 1.32
N LEU A 311 -43.36 32.41 0.10
CA LEU A 311 -42.44 31.54 -0.61
C LEU A 311 -41.09 31.46 0.11
N PHE A 312 -40.63 32.60 0.65
CA PHE A 312 -39.39 32.58 1.43
C PHE A 312 -39.53 31.72 2.67
N PHE A 313 -40.68 31.78 3.34
CA PHE A 313 -40.93 30.93 4.49
C PHE A 313 -40.96 29.45 4.09
N ILE A 314 -41.57 29.13 2.95
CA ILE A 314 -41.59 27.74 2.49
C ILE A 314 -40.17 27.26 2.21
N SER A 315 -39.36 28.09 1.56
CA SER A 315 -37.97 27.72 1.29
C SER A 315 -37.19 27.52 2.58
N PHE A 316 -37.41 28.39 3.58
CA PHE A 316 -36.76 28.23 4.86
C PHE A 316 -37.17 26.92 5.53
N ILE A 317 -38.45 26.57 5.44
CA ILE A 317 -38.92 25.31 6.00
C ILE A 317 -38.24 24.13 5.31
N ILE A 318 -38.15 24.17 3.97
CA ILE A 318 -37.56 23.08 3.23
C ILE A 318 -36.09 22.90 3.60
N ILE A 319 -35.34 24.01 3.66
CA ILE A 319 -33.94 23.88 4.03
C ILE A 319 -33.80 23.43 5.48
N LEU A 320 -34.78 23.78 6.33
CA LEU A 320 -34.78 23.27 7.70
C LEU A 320 -34.91 21.75 7.72
N LEU A 321 -35.86 21.19 6.97
CA LEU A 321 -35.98 19.73 6.93
C LEU A 321 -34.73 19.10 6.35
N TYR A 322 -34.14 19.71 5.32
CA TYR A 322 -32.91 19.18 4.75
C TYR A 322 -31.79 19.14 5.78
N GLY A 323 -31.62 20.23 6.53
CA GLY A 323 -30.60 20.25 7.56
C GLY A 323 -30.84 19.23 8.65
N ILE A 324 -32.10 19.08 9.07
CA ILE A 324 -32.43 18.09 10.09
C ILE A 324 -32.09 16.69 9.60
N ILE A 325 -32.45 16.38 8.35
CA ILE A 325 -32.19 15.06 7.80
C ILE A 325 -30.69 14.80 7.71
N VAL A 326 -29.92 15.77 7.23
CA VAL A 326 -28.48 15.60 7.14
C VAL A 326 -27.87 15.40 8.52
N THR A 327 -28.31 16.19 9.50
CA THR A 327 -27.77 16.07 10.85
C THR A 327 -28.08 14.70 11.45
N VAL A 328 -29.31 14.21 11.26
CA VAL A 328 -29.67 12.94 11.89
C VAL A 328 -28.98 11.77 11.19
N PHE A 329 -28.76 11.86 9.88
CA PHE A 329 -28.14 10.76 9.15
C PHE A 329 -26.61 10.85 9.07
N ASN A 330 -26.00 11.93 9.56
CA ASN A 330 -24.55 12.07 9.43
C ASN A 330 -23.80 10.98 10.18
N LYS A 331 -24.11 10.79 11.47
CA LYS A 331 -23.29 9.91 12.31
C LYS A 331 -23.29 8.46 11.82
N PRO A 332 -24.42 7.85 11.46
CA PRO A 332 -24.35 6.47 10.94
C PRO A 332 -23.46 6.34 9.71
N ILE A 333 -23.33 7.39 8.90
CA ILE A 333 -22.45 7.33 7.75
C ILE A 333 -21.00 7.14 8.19
N GLN A 334 -20.56 7.92 9.17
CA GLN A 334 -19.20 7.75 9.68
C GLN A 334 -19.02 6.40 10.35
N ASN A 335 -20.04 5.94 11.09
CA ASN A 335 -19.94 4.62 11.73
C ASN A 335 -19.77 3.52 10.69
N ALA A 336 -20.59 3.55 9.63
CA ALA A 336 -20.49 2.53 8.59
C ALA A 336 -19.18 2.64 7.84
N ASN A 337 -18.69 3.85 7.59
CA ASN A 337 -17.41 4.02 6.91
C ASN A 337 -16.27 3.44 7.74
N ARG A 338 -16.28 3.70 9.05
CA ARG A 338 -15.26 3.13 9.92
C ARG A 338 -15.34 1.61 9.94
N GLN A 339 -16.55 1.06 10.01
CA GLN A 339 -16.70 -0.39 9.99
C GLN A 339 -16.21 -1.00 8.68
N ILE A 340 -16.52 -0.39 7.54
CA ILE A 340 -16.00 -0.90 6.26
C ILE A 340 -14.48 -0.82 6.23
N MET A 341 -13.92 0.31 6.68
CA MET A 341 -12.46 0.45 6.67
C MET A 341 -11.81 -0.58 7.59
N GLU A 342 -12.51 -0.99 8.64
CA GLU A 342 -12.00 -2.04 9.51
C GLU A 342 -12.12 -3.43 8.89
N ASP A 343 -13.21 -3.72 8.17
CA ASP A 343 -13.39 -5.06 7.63
C ASP A 343 -12.66 -5.30 6.31
N ASN A 344 -12.38 -4.25 5.54
CA ASN A 344 -11.63 -4.44 4.30
C ASN A 344 -10.12 -4.37 4.50
N ALA A 345 -9.66 -4.03 5.71
CA ALA A 345 -8.25 -4.09 6.05
C ALA A 345 -7.84 -5.45 6.59
N LYS A 346 -8.79 -6.37 6.73
CA LYS A 346 -8.50 -7.74 7.12
C LYS A 346 -8.42 -8.69 5.94
N LEU A 347 -9.22 -8.47 4.89
CA LEU A 347 -9.16 -9.27 3.68
C LEU A 347 -7.87 -9.03 2.90
N THR A 348 -7.45 -7.77 2.79
CA THR A 348 -6.22 -7.45 2.08
C THR A 348 -5.00 -8.06 2.76
N SER A 349 -5.07 -8.21 4.09
CA SER A 349 -3.99 -8.88 4.81
C SER A 349 -3.96 -10.37 4.52
N ALA A 350 -5.14 -10.98 4.37
CA ALA A 350 -5.21 -12.41 4.07
C ALA A 350 -4.67 -12.70 2.67
N LEU A 351 -4.96 -11.81 1.71
CA LEU A 351 -4.52 -12.03 0.34
C LEU A 351 -3.01 -11.96 0.23
N VAL A 352 -2.40 -10.93 0.82
CA VAL A 352 -0.95 -10.79 0.79
C VAL A 352 -0.29 -11.95 1.52
N GLU A 353 -0.85 -12.32 2.68
CA GLU A 353 -0.30 -13.45 3.43
C GLU A 353 -0.40 -14.74 2.64
N SER A 354 -1.52 -14.95 1.95
CA SER A 354 -1.69 -16.18 1.17
C SER A 354 -0.74 -16.22 -0.01
N VAL A 355 -0.55 -15.08 -0.69
CA VAL A 355 0.34 -15.05 -1.85
C VAL A 355 1.80 -15.22 -1.44
N LYS A 356 2.20 -14.57 -0.35
CA LYS A 356 3.58 -14.67 0.11
C LYS A 356 3.94 -16.09 0.53
N GLY A 357 3.02 -16.79 1.19
CA GLY A 357 3.27 -18.15 1.61
C GLY A 357 2.62 -19.17 0.72
N ILE A 358 2.65 -18.92 -0.60
CA ILE A 358 2.03 -19.84 -1.55
C ILE A 358 2.78 -21.16 -1.61
N GLU A 359 4.09 -21.14 -1.35
CA GLU A 359 4.89 -22.37 -1.41
C GLU A 359 4.41 -23.38 -0.37
N THR A 360 4.25 -22.93 0.88
CA THR A 360 3.78 -23.83 1.94
C THR A 360 2.34 -24.26 1.69
N ILE A 361 1.51 -23.35 1.19
CA ILE A 361 0.12 -23.67 0.91
C ILE A 361 0.04 -24.79 -0.12
N LYS A 362 0.83 -24.68 -1.19
CA LYS A 362 0.87 -25.74 -2.19
C LYS A 362 1.45 -27.02 -1.61
N SER A 363 2.50 -26.92 -0.80
CA SER A 363 3.15 -28.11 -0.25
C SER A 363 2.20 -28.91 0.62
N PHE A 364 1.45 -28.24 1.50
CA PHE A 364 0.49 -28.92 2.34
C PHE A 364 -0.88 -29.08 1.69
N GLY A 365 -1.08 -28.51 0.50
CA GLY A 365 -2.33 -28.65 -0.20
C GLY A 365 -3.51 -27.99 0.48
N ALA A 366 -3.30 -26.82 1.10
CA ALA A 366 -4.36 -26.10 1.79
C ALA A 366 -4.98 -25.05 0.86
N GLU A 367 -5.47 -25.54 -0.29
CA GLU A 367 -6.12 -24.65 -1.24
C GLU A 367 -7.60 -24.47 -0.94
N GLU A 368 -8.30 -25.56 -0.65
CA GLU A 368 -9.72 -25.49 -0.34
C GLU A 368 -9.95 -24.66 0.92
N GLN A 369 -9.13 -24.87 1.95
CA GLN A 369 -9.27 -24.10 3.18
C GLN A 369 -9.08 -22.61 2.92
N THR A 370 -8.09 -22.25 2.12
CA THR A 370 -7.82 -20.84 1.85
C THR A 370 -8.95 -20.21 1.04
N GLU A 371 -9.44 -20.91 0.01
CA GLU A 371 -10.50 -20.33 -0.80
C GLU A 371 -11.82 -20.26 -0.04
N LYS A 372 -12.01 -21.15 0.95
CA LYS A 372 -13.18 -21.05 1.80
C LYS A 372 -13.05 -19.91 2.80
N SER A 373 -11.85 -19.70 3.34
CA SER A 373 -11.64 -18.65 4.33
C SER A 373 -11.75 -17.26 3.70
N THR A 374 -11.20 -17.09 2.50
CA THR A 374 -11.22 -15.78 1.86
C THR A 374 -12.64 -15.37 1.48
N ARG A 375 -13.47 -16.35 1.12
CA ARG A 375 -14.84 -16.04 0.70
C ARG A 375 -15.63 -15.42 1.85
N ASP A 376 -15.44 -15.92 3.07
CA ASP A 376 -16.16 -15.37 4.22
C ASP A 376 -15.80 -13.90 4.46
N LYS A 377 -14.51 -13.57 4.36
CA LYS A 377 -14.08 -12.19 4.51
C LYS A 377 -14.66 -11.31 3.41
N ILE A 378 -14.69 -11.83 2.17
CA ILE A 378 -15.26 -11.05 1.08
C ILE A 378 -16.75 -10.81 1.31
N GLU A 379 -17.46 -11.82 1.80
CA GLU A 379 -18.88 -11.64 2.10
C GLU A 379 -19.08 -10.63 3.22
N THR A 380 -18.22 -10.62 4.24
CA THR A 380 -18.32 -9.62 5.28
C THR A 380 -18.11 -8.21 4.73
N VAL A 381 -17.11 -8.05 3.85
CA VAL A 381 -16.86 -6.76 3.23
C VAL A 381 -18.07 -6.32 2.41
N MET A 382 -18.65 -7.24 1.65
CA MET A 382 -19.83 -6.94 0.85
C MET A 382 -21.01 -6.55 1.73
N LYS A 383 -21.17 -7.23 2.87
CA LYS A 383 -22.26 -6.89 3.78
C LYS A 383 -22.10 -5.49 4.35
N SER A 384 -20.87 -5.14 4.74
CA SER A 384 -20.63 -3.78 5.24
C SER A 384 -20.88 -2.74 4.16
N SER A 385 -20.44 -3.02 2.94
CA SER A 385 -20.69 -2.11 1.82
C SER A 385 -22.17 -1.99 1.54
N PHE A 386 -22.92 -3.08 1.70
CA PHE A 386 -24.36 -3.03 1.47
C PHE A 386 -25.07 -2.22 2.56
N LYS A 387 -24.57 -2.31 3.80
CA LYS A 387 -25.11 -1.46 4.86
C LYS A 387 -24.88 0.02 4.54
N GLU A 388 -23.67 0.36 4.10
CA GLU A 388 -23.39 1.74 3.70
C GLU A 388 -24.26 2.17 2.54
N GLY A 389 -24.47 1.27 1.57
CA GLY A 389 -25.35 1.58 0.45
C GLY A 389 -26.78 1.80 0.90
N MET A 390 -27.24 1.01 1.87
CA MET A 390 -28.57 1.21 2.43
C MET A 390 -28.69 2.60 3.05
N LEU A 391 -27.70 3.00 3.83
CA LEU A 391 -27.74 4.33 4.45
C LEU A 391 -27.73 5.43 3.39
N TYR A 392 -26.88 5.29 2.37
CA TYR A 392 -26.80 6.29 1.31
C TYR A 392 -28.10 6.37 0.53
N ILE A 393 -28.71 5.22 0.23
CA ILE A 393 -29.97 5.22 -0.52
C ILE A 393 -31.08 5.85 0.29
N ASN A 394 -31.15 5.55 1.59
CA ASN A 394 -32.17 6.18 2.43
C ASN A 394 -31.98 7.69 2.47
N LEU A 395 -30.74 8.15 2.66
CA LEU A 395 -30.48 9.59 2.70
C LEU A 395 -30.85 10.26 1.38
N SER A 396 -30.44 9.65 0.26
CA SER A 396 -30.72 10.23 -1.04
C SER A 396 -32.22 10.26 -1.33
N SER A 397 -32.94 9.20 -0.95
CA SER A 397 -34.38 9.16 -1.18
C SER A 397 -35.08 10.24 -0.38
N LEU A 398 -34.72 10.39 0.90
CA LEU A 398 -35.36 11.43 1.71
C LEU A 398 -35.04 12.82 1.18
N THR A 399 -33.78 13.06 0.82
CA THR A 399 -33.41 14.37 0.30
C THR A 399 -34.13 14.68 -1.01
N GLY A 400 -34.24 13.67 -1.89
CA GLY A 400 -34.96 13.88 -3.13
C GLY A 400 -36.44 14.14 -2.92
N ILE A 401 -37.06 13.41 -1.98
CA ILE A 401 -38.46 13.65 -1.67
C ILE A 401 -38.67 15.07 -1.17
N VAL A 402 -37.80 15.51 -0.26
CA VAL A 402 -37.92 16.86 0.28
C VAL A 402 -37.75 17.90 -0.82
N ALA A 403 -36.73 17.73 -1.66
CA ALA A 403 -36.46 18.70 -2.72
C ALA A 403 -37.60 18.75 -3.73
N GLY A 404 -38.12 17.60 -4.13
CA GLY A 404 -39.21 17.57 -5.09
C GLY A 404 -40.48 18.17 -4.54
N LEU A 405 -40.81 17.83 -3.28
CA LEU A 405 -42.00 18.41 -2.66
C LEU A 405 -41.87 19.92 -2.52
N GLY A 406 -40.68 20.39 -2.15
CA GLY A 406 -40.47 21.84 -2.08
C GLY A 406 -40.60 22.51 -3.43
N GLY A 407 -40.05 21.90 -4.48
CA GLY A 407 -40.18 22.46 -5.80
C GLY A 407 -41.62 22.51 -6.29
N ILE A 408 -42.39 21.46 -6.02
CA ILE A 408 -43.80 21.45 -6.43
C ILE A 408 -44.60 22.43 -5.59
N VAL A 409 -44.31 22.52 -4.29
CA VAL A 409 -45.06 23.41 -3.41
C VAL A 409 -44.79 24.87 -3.77
N ILE A 410 -43.55 25.20 -4.13
CA ILE A 410 -43.21 26.58 -4.47
C ILE A 410 -44.01 27.05 -5.67
N LEU A 411 -44.05 26.24 -6.73
CA LEU A 411 -44.80 26.61 -7.94
C LEU A 411 -46.29 26.71 -7.65
N TRP A 412 -46.83 25.79 -6.86
CA TRP A 412 -48.25 25.84 -6.53
C TRP A 412 -48.59 27.09 -5.73
N ALA A 413 -47.77 27.44 -4.73
CA ALA A 413 -48.02 28.64 -3.96
C ALA A 413 -47.90 29.90 -4.81
N GLY A 414 -46.91 29.93 -5.71
CA GLY A 414 -46.78 31.07 -6.60
C GLY A 414 -47.97 31.23 -7.53
N ALA A 415 -48.43 30.12 -8.11
CA ALA A 415 -49.61 30.18 -8.97
C ALA A 415 -50.84 30.62 -8.20
N TYR A 416 -50.99 30.13 -6.96
CA TYR A 416 -52.11 30.54 -6.11
C TYR A 416 -52.06 32.03 -5.80
N ASN A 417 -50.88 32.56 -5.47
CA ASN A 417 -50.74 33.98 -5.21
C ASN A 417 -51.04 34.81 -6.45
N VAL A 418 -50.62 34.32 -7.62
CA VAL A 418 -50.96 35.01 -8.87
C VAL A 418 -52.46 34.97 -9.11
N ILE A 419 -53.11 33.86 -8.73
CA ILE A 419 -54.57 33.76 -8.87
C ILE A 419 -55.24 34.84 -8.05
N LYS A 420 -54.83 35.01 -6.79
CA LYS A 420 -55.28 36.23 -6.09
C LYS A 420 -54.61 37.47 -6.65
N GLY A 421 -53.34 37.39 -7.03
CA GLY A 421 -52.69 38.53 -7.64
C GLY A 421 -51.86 39.33 -6.67
N ASN A 422 -51.17 38.64 -5.76
CA ASN A 422 -50.30 39.30 -4.81
C ASN A 422 -48.93 39.63 -5.39
N MET A 423 -48.65 39.18 -6.62
CA MET A 423 -47.40 39.46 -7.30
C MET A 423 -47.62 39.21 -8.79
N SER A 424 -46.69 39.72 -9.60
CA SER A 424 -46.77 39.52 -11.03
C SER A 424 -46.48 38.07 -11.38
N GLY A 425 -46.99 37.64 -12.54
CA GLY A 425 -46.79 36.27 -12.96
C GLY A 425 -45.34 35.96 -13.28
N GLY A 426 -44.62 36.93 -13.85
CA GLY A 426 -43.25 36.70 -14.25
C GLY A 426 -42.27 36.59 -13.11
N GLN A 427 -42.60 37.14 -11.94
CA GLN A 427 -41.69 37.09 -10.81
C GLN A 427 -41.57 35.69 -10.20
N LEU A 428 -42.53 34.80 -10.47
CA LEU A 428 -42.43 33.43 -10.00
C LEU A 428 -41.24 32.73 -10.64
N LEU A 429 -41.02 32.94 -11.94
CA LEU A 429 -39.87 32.36 -12.61
C LEU A 429 -38.57 32.94 -12.05
N ALA A 430 -38.55 34.25 -11.78
CA ALA A 430 -37.37 34.85 -11.17
C ALA A 430 -37.12 34.30 -9.78
N PHE A 431 -38.19 34.08 -9.01
CA PHE A 431 -38.04 33.47 -7.69
C PHE A 431 -37.47 32.06 -7.80
N ASN A 432 -37.96 31.28 -8.76
CA ASN A 432 -37.45 29.93 -8.96
C ASN A 432 -35.96 29.97 -9.35
N ALA A 433 -35.57 30.93 -10.19
CA ALA A 433 -34.18 31.06 -10.57
C ALA A 433 -33.31 31.43 -9.38
N LEU A 434 -33.77 32.38 -8.55
CA LEU A 434 -33.00 32.80 -7.39
C LEU A 434 -32.99 31.74 -6.29
N LEU A 435 -33.91 30.78 -6.34
CA LEU A 435 -33.92 29.71 -5.35
C LEU A 435 -32.61 28.93 -5.35
N ALA A 436 -32.00 28.73 -6.52
CA ALA A 436 -30.72 28.04 -6.57
C ALA A 436 -29.63 28.84 -5.86
N TYR A 437 -29.56 30.14 -6.15
CA TYR A 437 -28.57 31.00 -5.50
C TYR A 437 -28.81 31.12 -4.00
N PHE A 438 -30.05 30.93 -3.54
CA PHE A 438 -30.31 30.98 -2.12
C PHE A 438 -30.04 29.65 -1.42
N LEU A 439 -30.28 28.53 -2.10
CA LEU A 439 -30.16 27.21 -1.49
C LEU A 439 -28.74 26.65 -1.54
N THR A 440 -27.97 26.96 -2.59
CA THR A 440 -26.62 26.40 -2.69
C THR A 440 -25.72 26.79 -1.51
N PRO A 441 -25.62 28.06 -1.09
CA PRO A 441 -24.71 28.38 0.02
C PRO A 441 -25.13 27.77 1.35
N VAL A 442 -26.42 27.79 1.66
CA VAL A 442 -26.87 27.18 2.92
C VAL A 442 -26.68 25.68 2.89
N LYS A 443 -26.86 25.06 1.71
CA LYS A 443 -26.59 23.62 1.58
C LYS A 443 -25.11 23.34 1.82
N ASN A 444 -24.22 24.17 1.27
CA ASN A 444 -22.80 23.98 1.52
C ASN A 444 -22.46 24.16 2.99
N LEU A 445 -23.06 25.14 3.65
CA LEU A 445 -22.83 25.35 5.07
C LEU A 445 -23.29 24.14 5.89
N ILE A 446 -24.45 23.58 5.54
CA ILE A 446 -24.95 22.40 6.26
C ILE A 446 -24.03 21.21 6.03
N ASP A 447 -23.55 21.02 4.80
CA ASP A 447 -22.70 19.88 4.48
C ASP A 447 -21.25 20.07 4.90
N LEU A 448 -20.88 21.27 5.35
CA LEU A 448 -19.51 21.54 5.78
C LEU A 448 -19.15 20.95 7.13
N GLN A 449 -20.14 20.62 7.96
CA GLN A 449 -19.84 20.17 9.33
C GLN A 449 -19.01 18.89 9.39
N PRO A 450 -19.33 17.81 8.66
CA PRO A 450 -18.46 16.63 8.73
C PRO A 450 -17.04 16.92 8.28
N LEU A 451 -16.88 17.80 7.29
CA LEU A 451 -15.54 18.20 6.87
C LEU A 451 -14.80 18.89 8.01
N ILE A 452 -15.48 19.77 8.73
CA ILE A 452 -14.84 20.46 9.86
C ILE A 452 -14.45 19.47 10.95
N GLN A 453 -15.33 18.51 11.25
CA GLN A 453 -15.01 17.52 12.27
C GLN A 453 -13.79 16.68 11.87
N THR A 454 -13.79 16.16 10.64
CA THR A 454 -12.67 15.36 10.18
C THR A 454 -11.38 16.18 10.17
N ALA A 455 -11.48 17.45 9.77
CA ALA A 455 -10.29 18.30 9.68
C ALA A 455 -9.73 18.63 11.06
N VAL A 456 -10.60 18.88 12.05
CA VAL A 456 -10.09 19.19 13.38
C VAL A 456 -9.47 17.95 14.01
N VAL A 457 -10.07 16.76 13.78
CA VAL A 457 -9.44 15.53 14.25
C VAL A 457 -8.09 15.33 13.57
N ALA A 458 -8.02 15.60 12.27
CA ALA A 458 -6.76 15.47 11.55
C ALA A 458 -5.70 16.42 12.08
N SER A 459 -6.08 17.67 12.36
CA SER A 459 -5.14 18.64 12.89
C SER A 459 -4.65 18.24 14.28
N ASN A 460 -5.55 17.70 15.11
CA ASN A 460 -5.12 17.19 16.41
C ASN A 460 -4.18 16.01 16.27
N ARG A 461 -4.38 15.18 15.25
CA ARG A 461 -3.53 14.01 15.06
C ARG A 461 -2.15 14.40 14.54
N LEU A 462 -2.08 15.31 13.56
CA LEU A 462 -0.81 15.61 12.92
C LEU A 462 -0.01 16.63 13.73
N GLY A 463 -0.64 17.71 14.16
CA GLY A 463 0.03 18.69 15.00
C GLY A 463 0.50 18.15 16.33
N GLU A 464 -0.02 16.99 16.74
CA GLU A 464 0.45 16.33 17.95
C GLU A 464 1.94 16.05 17.89
N ILE A 465 2.45 15.67 16.71
CA ILE A 465 3.86 15.33 16.57
C ILE A 465 4.73 16.57 16.72
N LEU A 466 4.28 17.70 16.19
CA LEU A 466 5.12 18.90 16.11
C LEU A 466 5.47 19.48 17.48
N GLU A 467 4.81 19.04 18.55
CA GLU A 467 5.10 19.50 19.90
C GLU A 467 6.15 18.65 20.60
N LEU A 468 6.72 17.66 19.91
CA LEU A 468 7.75 16.81 20.47
C LEU A 468 9.11 17.52 20.44
N ALA A 469 10.02 17.02 21.27
CA ALA A 469 11.35 17.61 21.39
C ALA A 469 12.34 16.84 20.52
N THR A 470 13.13 17.58 19.74
CA THR A 470 14.12 16.99 18.88
C THR A 470 15.41 16.70 19.65
N GLU A 471 16.38 16.13 18.96
CA GLU A 471 17.65 15.76 19.56
C GLU A 471 18.56 16.94 19.91
N LYS A 472 18.51 17.99 19.09
CA LYS A 472 19.35 19.16 19.33
C LYS A 472 19.04 19.85 20.65
N GLU A 473 17.75 19.99 20.96
CA GLU A 473 17.34 20.63 22.21
C GLU A 473 17.81 19.87 23.45
N LEU A 474 17.67 18.54 23.42
CA LEU A 474 18.08 17.71 24.54
C LEU A 474 19.57 17.77 24.81
N ARG A 475 20.36 17.76 23.73
CA ARG A 475 21.82 17.81 23.84
C ARG A 475 22.33 19.15 24.32
N GLU A 476 23.38 19.13 25.12
CA GLU A 476 24.00 20.35 25.64
C GLU A 476 25.15 20.76 24.73
N ASP A 477 25.99 21.66 25.20
CA ASP A 477 27.14 22.12 24.40
C ASP A 477 28.54 21.65 24.84
N SER A 478 29.37 21.27 23.87
CA SER A 478 30.71 20.78 24.19
C SER A 478 31.71 21.04 23.07
N ASP A 479 31.38 21.98 22.19
CA ASP A 479 32.25 22.30 21.05
C ASP A 479 33.35 23.29 21.41
N ASP A 480 33.21 23.91 22.58
CA ASP A 480 34.18 24.89 23.04
C ASP A 480 35.57 24.31 23.25
N PHE A 481 35.63 23.07 23.76
CA PHE A 481 36.91 22.43 24.05
C PHE A 481 37.27 21.22 23.18
N VAL A 482 36.27 20.44 22.80
CA VAL A 482 36.52 19.23 22.01
C VAL A 482 37.12 19.48 20.63
N ILE A 483 38.03 18.59 20.26
CA ILE A 483 38.69 18.65 18.95
C ILE A 483 38.41 17.33 18.24
N SER A 484 38.74 16.21 18.88
CA SER A 484 38.47 14.89 18.32
C SER A 484 38.10 13.83 19.34
N LEU A 485 37.75 12.63 18.86
CA LEU A 485 37.32 11.54 19.73
C LEU A 485 38.38 10.45 19.84
N LYS A 486 39.55 10.81 20.37
CA LYS A 486 40.63 9.86 20.61
C LYS A 486 40.85 9.68 22.10
N GLY A 487 41.36 8.52 22.47
CA GLY A 487 41.68 8.24 23.87
C GLY A 487 41.20 6.90 24.37
N ASP A 488 40.75 6.87 25.62
CA ASP A 488 40.34 5.64 26.29
C ASP A 488 38.85 5.72 26.60
N ILE A 489 38.13 4.63 26.37
CA ILE A 489 36.68 4.62 26.49
C ILE A 489 36.28 3.88 27.75
N GLU A 490 35.52 4.55 28.62
CA GLU A 490 35.02 3.96 29.87
C GLU A 490 33.51 3.86 29.80
N PHE A 491 32.98 2.68 30.10
CA PHE A 491 31.57 2.47 30.37
C PHE A 491 31.45 2.20 31.86
N ARG A 492 30.90 3.16 32.61
CA ARG A 492 30.89 3.07 34.07
C ARG A 492 29.45 3.03 34.56
N ASN A 493 29.07 1.89 35.17
CA ASN A 493 27.77 1.73 35.82
C ASN A 493 26.62 2.00 34.85
N VAL A 494 26.80 1.58 33.61
CA VAL A 494 25.86 1.90 32.54
C VAL A 494 24.69 0.93 32.62
N ASP A 495 23.53 1.45 32.98
CA ASP A 495 22.28 0.69 32.98
C ASP A 495 21.33 1.31 31.97
N PHE A 496 20.80 0.49 31.06
CA PHE A 496 19.93 0.97 30.00
C PHE A 496 18.73 0.04 29.89
N ARG A 497 17.56 0.64 29.66
CA ARG A 497 16.33 -0.11 29.42
C ARG A 497 15.87 0.17 28.00
N TYR A 498 15.45 -0.87 27.28
CA TYR A 498 15.03 -0.72 25.89
C TYR A 498 13.61 -0.18 25.81
N GLY A 499 13.09 0.30 26.93
CA GLY A 499 11.73 0.80 27.02
C GLY A 499 11.24 0.77 28.45
N LEU A 500 10.06 0.19 28.66
CA LEU A 500 9.57 -0.02 30.01
C LEU A 500 9.48 -1.51 30.30
N ARG A 501 10.51 -2.25 29.88
CA ARG A 501 10.59 -3.68 30.09
C ARG A 501 11.80 -3.97 30.97
N LYS A 502 12.12 -5.26 31.10
CA LYS A 502 13.25 -5.65 31.92
C LYS A 502 14.55 -5.08 31.34
N PRO A 503 15.49 -4.66 32.19
CA PRO A 503 16.74 -4.08 31.67
C PRO A 503 17.56 -5.11 30.90
N VAL A 504 17.73 -4.84 29.60
CA VAL A 504 18.53 -5.73 28.76
C VAL A 504 20.03 -5.57 29.02
N LEU A 505 20.45 -4.43 29.56
CA LEU A 505 21.86 -4.15 29.79
C LEU A 505 22.06 -3.84 31.27
N LYS A 506 23.05 -4.50 31.87
CA LYS A 506 23.31 -4.42 33.30
C LYS A 506 24.53 -3.54 33.59
N ASN A 507 24.86 -3.43 34.87
CA ASN A 507 25.96 -2.59 35.33
C ASN A 507 27.30 -3.13 34.84
N ILE A 508 28.08 -2.27 34.18
CA ILE A 508 29.31 -2.69 33.52
C ILE A 508 30.42 -1.70 33.85
N ASN A 509 31.64 -2.25 34.06
CA ASN A 509 32.87 -1.47 34.14
C ASN A 509 33.74 -1.88 32.96
N LEU A 510 33.56 -1.20 31.83
CA LEU A 510 34.20 -1.56 30.57
C LEU A 510 35.29 -0.55 30.23
N THR A 511 36.47 -1.04 29.87
CA THR A 511 37.64 -0.21 29.55
C THR A 511 38.16 -0.59 28.17
N ILE A 512 38.11 0.35 27.23
CA ILE A 512 38.63 0.14 25.88
C ILE A 512 39.86 1.04 25.71
N PRO A 513 41.06 0.47 25.67
CA PRO A 513 42.26 1.30 25.68
C PRO A 513 42.56 1.95 24.34
N LYS A 514 43.58 2.79 24.34
CA LYS A 514 44.00 3.49 23.12
C LYS A 514 44.61 2.54 22.10
N GLY A 515 44.18 2.68 20.85
CA GLY A 515 44.79 1.95 19.75
C GLY A 515 44.77 0.44 19.90
N LYS A 516 43.65 -0.12 20.31
CA LYS A 516 43.53 -1.55 20.55
C LYS A 516 42.31 -2.10 19.85
N THR A 517 42.46 -3.26 19.21
CA THR A 517 41.36 -3.93 18.54
C THR A 517 40.52 -4.64 19.60
N VAL A 518 39.23 -4.33 19.65
CA VAL A 518 38.32 -4.88 20.65
C VAL A 518 37.36 -5.84 19.96
N ALA A 519 37.17 -7.01 20.56
CA ALA A 519 36.25 -8.02 20.02
C ALA A 519 35.18 -8.30 21.08
N ILE A 520 33.97 -7.79 20.85
CA ILE A 520 32.85 -8.02 21.76
C ILE A 520 32.09 -9.23 21.25
N VAL A 521 32.04 -10.28 22.06
CA VAL A 521 31.35 -11.52 21.68
C VAL A 521 30.38 -11.91 22.79
N GLY A 522 29.30 -12.57 22.39
CA GLY A 522 28.29 -12.98 23.35
C GLY A 522 27.23 -13.81 22.66
N GLU A 523 26.21 -14.17 23.43
CA GLU A 523 25.12 -14.98 22.92
C GLU A 523 24.25 -14.13 21.97
N SER A 524 23.49 -14.83 21.12
CA SER A 524 22.67 -14.15 20.12
C SER A 524 21.61 -13.28 20.78
N GLY A 525 20.97 -13.78 21.83
CA GLY A 525 19.97 -13.00 22.54
C GLY A 525 20.53 -11.94 23.44
N SER A 526 21.85 -11.93 23.63
CA SER A 526 22.48 -10.91 24.46
C SER A 526 22.54 -9.57 23.72
N GLY A 527 22.79 -8.51 24.48
CA GLY A 527 22.85 -7.18 23.91
C GLY A 527 24.23 -6.77 23.47
N LYS A 528 24.50 -6.80 22.17
CA LYS A 528 25.78 -6.38 21.62
C LYS A 528 25.63 -5.17 20.72
N THR A 529 24.68 -5.25 19.77
CA THR A 529 24.41 -4.11 18.90
C THR A 529 23.88 -2.92 19.70
N THR A 530 23.12 -3.20 20.76
CA THR A 530 22.59 -2.11 21.59
C THR A 530 23.72 -1.31 22.24
N LEU A 531 24.77 -2.00 22.69
CA LEU A 531 25.90 -1.31 23.31
C LEU A 531 26.58 -0.38 22.31
N ALA A 532 26.73 -0.83 21.07
CA ALA A 532 27.25 0.05 20.02
C ALA A 532 26.30 1.22 19.79
N LYS A 533 24.98 0.99 19.90
CA LYS A 533 24.03 2.08 19.73
C LYS A 533 24.20 3.14 20.81
N LEU A 534 24.36 2.72 22.07
CA LEU A 534 24.66 3.70 23.12
C LEU A 534 26.03 4.34 22.92
N LEU A 535 26.95 3.63 22.27
CA LEU A 535 28.26 4.21 22.00
C LEU A 535 28.17 5.46 21.13
N MET A 536 27.31 5.45 20.11
CA MET A 536 27.09 6.60 19.26
C MET A 536 26.03 7.55 19.83
N ASN A 537 25.43 7.19 20.97
CA ASN A 537 24.44 8.01 21.66
C ASN A 537 23.17 8.15 20.83
N PHE A 538 22.63 7.02 20.36
CA PHE A 538 21.27 7.02 19.83
C PHE A 538 20.25 7.04 20.96
N TYR A 539 20.61 6.50 22.12
CA TYR A 539 19.75 6.47 23.29
C TYR A 539 20.52 7.06 24.47
N SER A 540 19.80 7.29 25.56
CA SER A 540 20.40 7.84 26.76
C SER A 540 20.28 6.88 27.94
N PRO A 541 21.39 6.48 28.56
CA PRO A 541 21.30 5.60 29.71
C PRO A 541 20.61 6.29 30.89
N GLU A 542 19.90 5.49 31.68
CA GLU A 542 19.21 6.02 32.86
C GLU A 542 20.18 6.32 34.00
N LYS A 543 21.25 5.56 34.14
CA LYS A 543 22.25 5.80 35.18
C LYS A 543 23.59 5.31 34.66
N GLY A 544 24.67 5.91 35.18
CA GLY A 544 26.00 5.63 34.68
C GLY A 544 26.40 6.61 33.60
N ASP A 545 27.63 6.43 33.10
CA ASP A 545 28.18 7.39 32.16
C ASP A 545 29.15 6.70 31.20
N ILE A 546 29.41 7.40 30.09
CA ILE A 546 30.41 7.03 29.11
C ILE A 546 31.49 8.11 29.14
N LEU A 547 32.71 7.69 29.45
CA LEU A 547 33.82 8.61 29.70
C LEU A 547 34.82 8.52 28.55
N ILE A 548 35.15 9.66 27.96
CA ILE A 548 36.16 9.76 26.91
C ILE A 548 37.17 10.82 27.35
N ASN A 549 38.41 10.41 27.56
CA ASN A 549 39.48 11.30 28.03
C ASN A 549 39.08 12.00 29.33
N GLY A 550 38.41 11.27 30.21
CA GLY A 550 37.94 11.85 31.46
C GLY A 550 36.78 12.79 31.32
N HIS A 551 35.99 12.66 30.26
CA HIS A 551 34.85 13.55 30.03
C HIS A 551 33.64 12.73 29.60
N SER A 552 32.51 13.01 30.24
CA SER A 552 31.30 12.23 30.04
C SER A 552 30.59 12.41 28.70
N ILE A 553 29.49 11.67 28.55
CA ILE A 553 28.69 11.75 27.36
C ILE A 553 28.13 13.16 27.22
N LYS A 554 27.65 13.73 28.34
CA LYS A 554 27.17 15.12 28.33
C LYS A 554 28.28 16.07 27.83
N ASN A 555 29.51 15.57 27.76
CA ASN A 555 30.65 16.41 27.40
C ASN A 555 31.20 16.33 25.99
N ILE A 556 30.57 15.52 25.15
CA ILE A 556 31.03 15.37 23.77
C ILE A 556 29.95 15.87 22.82
N SER A 557 30.31 16.79 21.93
CA SER A 557 29.36 17.38 21.00
C SER A 557 28.76 16.37 20.03
N LEU A 558 27.46 16.46 19.84
CA LEU A 558 26.72 15.55 18.97
C LEU A 558 27.32 15.36 17.57
N GLU A 559 27.47 16.46 16.84
CA GLU A 559 28.02 16.40 15.49
C GLU A 559 29.36 15.68 15.45
N LEU A 560 30.20 15.91 16.47
CA LEU A 560 31.49 15.23 16.52
C LEU A 560 31.30 13.72 16.67
N ILE A 561 30.35 13.30 17.51
CA ILE A 561 30.08 11.88 17.71
C ILE A 561 29.61 11.25 16.40
N ARG A 562 28.70 11.94 15.69
CA ARG A 562 28.18 11.38 14.45
C ARG A 562 29.27 11.32 13.38
N LYS A 563 30.12 12.34 13.30
CA LYS A 563 31.09 12.42 12.22
C LYS A 563 32.25 11.46 12.44
N LYS A 564 32.70 11.31 13.68
CA LYS A 564 33.92 10.57 13.98
C LYS A 564 33.69 9.09 14.28
N ILE A 565 32.45 8.61 14.18
CA ILE A 565 32.13 7.21 14.46
C ILE A 565 31.43 6.63 13.23
N ALA A 566 31.93 5.50 12.74
CA ALA A 566 31.32 4.79 11.63
C ALA A 566 30.83 3.43 12.09
N PHE A 567 29.53 3.17 11.90
CA PHE A 567 28.88 1.93 12.31
C PHE A 567 28.31 1.24 11.08
N VAL A 568 28.67 -0.03 10.90
CA VAL A 568 28.11 -0.85 9.83
C VAL A 568 26.99 -1.69 10.44
N SER A 569 25.77 -1.42 10.01
CA SER A 569 24.61 -2.11 10.56
C SER A 569 24.57 -3.59 10.23
N GLN A 570 23.86 -4.33 11.08
CA GLN A 570 23.66 -5.75 10.87
C GLN A 570 22.85 -5.94 9.59
N ASP A 571 21.82 -5.12 9.42
CA ASP A 571 20.97 -5.14 8.24
C ASP A 571 21.35 -3.93 7.40
N VAL A 572 22.21 -4.14 6.41
CA VAL A 572 22.65 -3.03 5.58
C VAL A 572 21.51 -2.55 4.70
N PHE A 573 21.39 -1.24 4.55
CA PHE A 573 20.37 -0.61 3.72
C PHE A 573 21.06 0.15 2.59
N ILE A 574 20.69 -0.17 1.36
CA ILE A 574 21.26 0.46 0.18
C ILE A 574 20.21 1.40 -0.42
N PHE A 575 20.54 2.68 -0.52
CA PHE A 575 19.62 3.67 -1.03
C PHE A 575 19.56 3.62 -2.56
N SER A 576 18.41 4.00 -3.10
CA SER A 576 18.23 4.03 -4.54
C SER A 576 19.01 5.21 -5.14
N GLY A 577 19.76 4.93 -6.19
CA GLY A 577 20.55 5.95 -6.85
C GLY A 577 21.87 5.37 -7.30
N THR A 578 22.78 6.26 -7.69
CA THR A 578 24.11 5.85 -8.14
C THR A 578 24.96 5.38 -6.97
N VAL A 579 25.88 4.45 -7.26
CA VAL A 579 26.77 3.92 -6.23
C VAL A 579 27.70 5.02 -5.71
N LYS A 580 28.07 5.97 -6.57
CA LYS A 580 28.91 7.08 -6.12
C LYS A 580 28.23 7.89 -5.03
N GLU A 581 26.94 8.21 -5.22
CA GLU A 581 26.21 8.94 -4.20
C GLU A 581 26.11 8.12 -2.91
N ASN A 582 26.06 6.80 -3.04
CA ASN A 582 25.97 5.94 -1.86
C ASN A 582 27.25 5.96 -1.05
N LEU A 583 28.40 5.80 -1.71
CA LEU A 583 29.66 5.76 -0.97
C LEU A 583 29.97 7.08 -0.28
N CYS A 584 29.77 8.20 -0.96
CA CYS A 584 30.06 9.52 -0.38
C CYS A 584 28.75 10.29 -0.25
N LEU A 585 28.07 10.08 0.87
CA LEU A 585 26.87 10.82 1.22
C LEU A 585 27.06 11.46 2.58
N GLY A 586 26.46 12.64 2.75
CA GLY A 586 26.66 13.40 3.97
C GLY A 586 27.80 14.40 3.83
N ASN A 587 28.96 13.93 3.39
CA ASN A 587 30.10 14.79 3.12
C ASN A 587 30.40 14.86 1.63
N GLU A 588 30.73 16.06 1.17
CA GLU A 588 31.01 16.33 -0.23
C GLU A 588 32.47 16.76 -0.40
N ASN A 589 32.80 17.18 -1.62
CA ASN A 589 34.13 17.71 -1.94
C ASN A 589 35.23 16.69 -1.63
N VAL A 590 34.96 15.43 -1.95
CA VAL A 590 35.93 14.35 -1.76
C VAL A 590 36.42 13.88 -3.12
N ASP A 591 37.71 13.63 -3.23
CA ASP A 591 38.30 13.20 -4.49
C ASP A 591 37.95 11.73 -4.76
N MET A 592 38.11 11.33 -6.03
CA MET A 592 37.83 9.95 -6.40
C MET A 592 38.86 8.99 -5.82
N ASP A 593 40.03 9.49 -5.43
CA ASP A 593 41.09 8.61 -4.93
C ASP A 593 40.67 7.91 -3.64
N GLU A 594 40.01 8.64 -2.74
CA GLU A 594 39.54 8.02 -1.50
C GLU A 594 38.52 6.93 -1.79
N ILE A 595 37.62 7.16 -2.74
CA ILE A 595 36.66 6.13 -3.14
C ILE A 595 37.39 4.92 -3.70
N ILE A 596 38.42 5.15 -4.51
CA ILE A 596 39.16 4.05 -5.12
C ILE A 596 39.84 3.20 -4.05
N LYS A 597 40.51 3.84 -3.09
CA LYS A 597 41.18 3.05 -2.06
C LYS A 597 40.19 2.39 -1.11
N ALA A 598 39.04 3.04 -0.85
CA ALA A 598 38.02 2.40 -0.04
C ALA A 598 37.50 1.14 -0.72
N ALA A 599 37.29 1.19 -2.04
CA ALA A 599 36.90 0.00 -2.78
C ALA A 599 38.02 -1.05 -2.76
N LYS A 600 39.27 -0.62 -2.86
CA LYS A 600 40.39 -1.57 -2.90
C LYS A 600 40.51 -2.34 -1.60
N MET A 601 40.57 -1.64 -0.46
CA MET A 601 40.63 -2.35 0.82
C MET A 601 39.28 -2.95 1.21
N ALA A 602 38.20 -2.58 0.53
CA ALA A 602 36.91 -3.22 0.74
C ALA A 602 36.67 -4.37 -0.23
N ASN A 603 37.62 -4.66 -1.12
CA ASN A 603 37.46 -5.70 -2.14
C ASN A 603 36.21 -5.45 -2.97
N ALA A 604 36.01 -4.18 -3.35
CA ALA A 604 34.85 -3.79 -4.13
C ALA A 604 35.19 -3.37 -5.56
N HIS A 605 36.46 -3.07 -5.84
CA HIS A 605 36.85 -2.66 -7.19
C HIS A 605 36.73 -3.81 -8.18
N ASP A 606 36.72 -5.05 -7.69
CA ASP A 606 36.70 -6.20 -8.59
C ASP A 606 35.36 -6.33 -9.30
N PHE A 607 34.25 -6.25 -8.56
CA PHE A 607 32.94 -6.47 -9.14
C PHE A 607 32.29 -5.19 -9.67
N ILE A 608 32.69 -4.03 -9.15
CA ILE A 608 32.10 -2.77 -9.62
C ILE A 608 32.47 -2.52 -11.08
N GLU A 609 33.69 -2.88 -11.47
CA GLU A 609 34.11 -2.69 -12.86
C GLU A 609 33.27 -3.52 -13.82
N LYS A 610 32.72 -4.65 -13.35
CA LYS A 610 31.90 -5.50 -14.21
C LYS A 610 30.57 -4.84 -14.55
N LEU A 611 30.12 -3.87 -13.76
CA LEU A 611 28.85 -3.20 -14.02
C LEU A 611 28.91 -2.43 -15.33
N PRO A 612 27.75 -2.20 -15.95
CA PRO A 612 27.75 -1.46 -17.23
C PRO A 612 28.38 -0.08 -17.13
N LEU A 613 28.19 0.62 -16.02
CA LEU A 613 28.81 1.92 -15.80
C LEU A 613 29.87 1.78 -14.72
N LYS A 614 30.97 2.52 -14.88
CA LYS A 614 32.11 2.38 -13.98
C LYS A 614 31.73 2.75 -12.55
N TYR A 615 31.16 3.94 -12.36
CA TYR A 615 30.64 4.34 -11.05
C TYR A 615 29.33 5.10 -11.11
N ASP A 616 28.74 5.27 -12.29
CA ASP A 616 27.47 5.96 -12.42
C ASP A 616 26.28 5.01 -12.52
N THR A 617 26.51 3.72 -12.27
CA THR A 617 25.43 2.74 -12.33
C THR A 617 24.34 3.08 -11.34
N PHE A 618 23.08 3.03 -11.78
CA PHE A 618 21.94 3.35 -10.93
C PHE A 618 21.46 2.08 -10.23
N LEU A 619 21.41 2.13 -8.90
CA LEU A 619 21.00 0.98 -8.09
C LEU A 619 19.51 1.09 -7.83
N ASN A 620 18.73 0.41 -8.67
CA ASN A 620 17.27 0.44 -8.53
C ASN A 620 16.82 -0.51 -7.42
N GLU A 621 15.53 -0.44 -7.11
CA GLU A 621 14.87 -1.25 -6.07
C GLU A 621 15.74 -1.42 -4.83
N SER A 622 16.29 -0.29 -4.36
CA SER A 622 17.14 -0.25 -3.17
C SER A 622 18.33 -1.19 -3.29
N GLY A 623 18.85 -1.34 -4.51
CA GLY A 623 19.99 -2.20 -4.74
C GLY A 623 19.74 -3.66 -4.43
N ALA A 624 18.55 -4.16 -4.78
CA ALA A 624 18.23 -5.57 -4.54
C ALA A 624 18.89 -6.50 -5.54
N ASN A 625 19.29 -5.99 -6.71
CA ASN A 625 19.94 -6.85 -7.70
C ASN A 625 21.30 -7.33 -7.22
N LEU A 626 22.04 -6.47 -6.53
CA LEU A 626 23.37 -6.85 -6.05
C LEU A 626 23.27 -7.90 -4.96
N SER A 627 24.31 -8.73 -4.87
CA SER A 627 24.35 -9.79 -3.87
C SER A 627 24.59 -9.20 -2.48
N GLU A 628 24.33 -10.02 -1.47
CA GLU A 628 24.50 -9.57 -0.08
C GLU A 628 25.95 -9.24 0.22
N GLY A 629 26.89 -10.03 -0.30
CA GLY A 629 28.29 -9.74 -0.09
C GLY A 629 28.71 -8.42 -0.71
N GLN A 630 28.17 -8.11 -1.89
CA GLN A 630 28.43 -6.82 -2.51
C GLN A 630 27.88 -5.67 -1.67
N LYS A 631 26.70 -5.86 -1.08
CA LYS A 631 26.15 -4.85 -0.19
C LYS A 631 27.05 -4.66 1.03
N GLN A 632 27.59 -5.77 1.57
CA GLN A 632 28.53 -5.67 2.69
C GLN A 632 29.79 -4.91 2.29
N ARG A 633 30.31 -5.18 1.09
CA ARG A 633 31.49 -4.48 0.61
C ARG A 633 31.21 -2.98 0.45
N LEU A 634 30.03 -2.64 -0.07
CA LEU A 634 29.66 -1.23 -0.17
C LEU A 634 29.57 -0.58 1.20
N ALA A 635 29.00 -1.28 2.18
CA ALA A 635 28.92 -0.76 3.54
C ALA A 635 30.30 -0.52 4.12
N ILE A 636 31.22 -1.45 3.90
CA ILE A 636 32.58 -1.31 4.40
C ILE A 636 33.27 -0.12 3.71
N ALA A 637 33.09 0.02 2.40
CA ALA A 637 33.69 1.14 1.70
C ALA A 637 33.17 2.47 2.23
N ARG A 638 31.86 2.55 2.48
CA ARG A 638 31.29 3.77 3.05
C ARG A 638 31.83 4.01 4.46
N ALA A 639 32.01 2.95 5.24
CA ALA A 639 32.48 3.11 6.61
C ALA A 639 33.88 3.70 6.66
N LEU A 640 34.83 3.11 5.92
CA LEU A 640 36.18 3.69 5.91
C LEU A 640 36.35 4.85 4.94
N LEU A 641 35.32 5.24 4.18
CA LEU A 641 35.45 6.43 3.36
C LEU A 641 35.50 7.70 4.20
N LYS A 642 34.93 7.67 5.40
CA LYS A 642 34.79 8.85 6.24
C LYS A 642 35.97 9.03 7.20
N LYS A 643 36.97 8.14 7.14
CA LYS A 643 38.12 8.05 8.04
C LYS A 643 37.73 8.41 9.48
N PRO A 644 36.86 7.65 10.11
CA PRO A 644 36.36 8.01 11.45
C PRO A 644 37.36 7.65 12.54
N ASP A 645 37.10 8.22 13.73
CA ASP A 645 37.93 7.91 14.88
C ASP A 645 37.57 6.55 15.48
N ILE A 646 36.29 6.18 15.44
CA ILE A 646 35.81 4.96 16.07
C ILE A 646 35.13 4.12 14.99
N LEU A 647 35.69 2.94 14.72
CA LEU A 647 35.18 2.06 13.69
C LEU A 647 34.50 0.86 14.35
N ILE A 648 33.17 0.81 14.31
CA ILE A 648 32.47 -0.30 14.96
C ILE A 648 31.79 -1.19 13.93
N LEU A 649 32.40 -2.36 13.68
CA LEU A 649 31.84 -3.34 12.76
C LEU A 649 30.91 -4.30 13.50
N ASP A 650 29.81 -4.66 12.84
CA ASP A 650 28.83 -5.57 13.43
C ASP A 650 28.76 -6.93 12.76
N GLU A 651 28.50 -7.00 11.45
CA GLU A 651 28.37 -8.28 10.78
C GLU A 651 29.04 -8.24 9.41
N ALA A 652 30.25 -7.67 9.34
CA ALA A 652 30.95 -7.57 8.06
C ALA A 652 31.32 -8.94 7.52
N THR A 653 31.77 -9.84 8.39
CA THR A 653 32.22 -11.16 7.95
C THR A 653 31.10 -12.17 7.81
N SER A 654 29.85 -11.72 7.65
CA SER A 654 28.74 -12.65 7.53
C SER A 654 28.88 -13.53 6.29
N ASN A 655 29.27 -12.94 5.16
CA ASN A 655 29.48 -13.67 3.92
C ASN A 655 30.92 -13.48 3.47
N LEU A 656 31.57 -14.57 3.09
CA LEU A 656 32.97 -14.52 2.69
C LEU A 656 33.25 -15.65 1.70
N ASP A 657 34.30 -15.45 0.90
CA ASP A 657 34.75 -16.43 -0.08
C ASP A 657 36.03 -17.13 0.38
N SER A 658 36.23 -17.22 1.70
CA SER A 658 37.35 -17.92 2.33
C SER A 658 38.66 -17.16 2.17
N ILE A 659 38.64 -16.06 1.40
CA ILE A 659 39.84 -15.23 1.28
C ILE A 659 39.48 -13.75 1.46
N THR A 660 38.20 -13.42 1.28
CA THR A 660 37.76 -12.04 1.45
C THR A 660 37.89 -11.60 2.90
N GLU A 661 37.64 -12.52 3.84
CA GLU A 661 37.86 -12.20 5.25
C GLU A 661 39.34 -11.96 5.53
N ASN A 662 40.22 -12.70 4.84
CA ASN A 662 41.65 -12.43 4.97
C ASN A 662 41.99 -11.04 4.46
N HIS A 663 41.42 -10.64 3.31
CA HIS A 663 41.66 -9.30 2.80
C HIS A 663 41.16 -8.23 3.78
N ILE A 664 39.97 -8.42 4.33
CA ILE A 664 39.41 -7.40 5.21
C ILE A 664 40.20 -7.33 6.52
N LYS A 665 40.67 -8.48 7.01
CA LYS A 665 41.52 -8.47 8.21
C LYS A 665 42.85 -7.77 7.94
N ASP A 666 43.44 -7.99 6.76
CA ASP A 666 44.66 -7.28 6.40
C ASP A 666 44.41 -5.77 6.31
N ALA A 667 43.25 -5.40 5.76
CA ALA A 667 42.90 -3.98 5.67
C ALA A 667 42.73 -3.35 7.04
N ILE A 668 42.06 -4.05 7.97
CA ILE A 668 41.89 -3.53 9.33
C ILE A 668 43.25 -3.41 10.01
N TYR A 669 44.11 -4.41 9.84
CA TYR A 669 45.47 -4.32 10.39
C TYR A 669 46.28 -3.20 9.73
N GLY A 670 45.94 -2.82 8.50
CA GLY A 670 46.67 -1.78 7.80
C GLY A 670 46.09 -0.38 7.98
N LEU A 671 46.18 0.16 9.20
CA LEU A 671 45.77 1.54 9.45
C LEU A 671 46.90 2.46 9.88
N GLU A 672 47.90 1.98 10.61
CA GLU A 672 49.04 2.78 11.03
C GLU A 672 48.59 4.03 11.80
N ASP A 673 47.56 3.84 12.63
CA ASP A 673 47.01 4.94 13.41
C ASP A 673 46.35 4.34 14.65
N ASP A 674 46.18 5.18 15.67
CA ASP A 674 45.62 4.73 16.95
C ASP A 674 44.10 4.67 16.96
N VAL A 675 43.45 4.70 15.79
CA VAL A 675 42.00 4.60 15.72
C VAL A 675 41.56 3.24 16.27
N THR A 676 40.46 3.23 17.01
CA THR A 676 39.99 2.04 17.69
C THR A 676 38.91 1.36 16.85
N VAL A 677 39.04 0.05 16.70
CA VAL A 677 38.10 -0.77 15.94
C VAL A 677 37.47 -1.77 16.91
N ILE A 678 36.14 -1.74 16.98
CA ILE A 678 35.38 -2.65 17.83
C ILE A 678 34.54 -3.54 16.93
N ILE A 679 34.73 -4.85 17.05
CA ILE A 679 34.06 -5.83 16.20
C ILE A 679 33.11 -6.64 17.07
N ILE A 680 31.83 -6.62 16.71
CA ILE A 680 30.87 -7.53 17.33
C ILE A 680 30.92 -8.86 16.59
N ALA A 681 31.15 -9.94 17.34
CA ALA A 681 31.45 -11.23 16.74
C ALA A 681 30.40 -12.26 17.14
N HIS A 682 29.91 -13.00 16.14
CA HIS A 682 29.02 -14.12 16.38
C HIS A 682 29.82 -15.42 16.29
N ARG A 683 30.55 -15.59 15.19
CA ARG A 683 31.44 -16.74 15.05
C ARG A 683 32.84 -16.38 15.55
N LEU A 684 33.48 -17.34 16.21
CA LEU A 684 34.72 -17.09 16.92
C LEU A 684 35.98 -17.27 16.07
N SER A 685 35.90 -17.98 14.95
CA SER A 685 37.08 -18.17 14.12
C SER A 685 37.54 -16.86 13.50
N THR A 686 36.61 -15.95 13.24
CA THR A 686 36.97 -14.67 12.63
C THR A 686 37.84 -13.84 13.56
N ILE A 687 37.53 -13.84 14.85
CA ILE A 687 38.29 -13.06 15.83
C ILE A 687 39.41 -13.89 16.45
N VAL A 688 40.57 -13.87 15.82
CA VAL A 688 41.76 -14.51 16.35
C VAL A 688 42.90 -13.50 16.34
N ASN A 689 43.90 -13.75 17.20
CA ASN A 689 45.01 -12.83 17.41
C ASN A 689 44.50 -11.43 17.78
N CYS A 690 43.49 -11.40 18.64
CA CYS A 690 42.87 -10.15 19.07
C CYS A 690 43.44 -9.73 20.43
N ASP A 691 43.80 -8.45 20.53
CA ASP A 691 44.42 -7.96 21.76
C ASP A 691 43.44 -8.02 22.94
N LYS A 692 42.20 -7.63 22.72
CA LYS A 692 41.21 -7.60 23.80
C LYS A 692 39.91 -8.21 23.33
N ILE A 693 39.39 -9.16 24.12
CA ILE A 693 38.13 -9.82 23.86
C ILE A 693 37.25 -9.71 25.10
N TYR A 694 35.99 -9.35 24.89
CA TYR A 694 35.02 -9.22 25.98
C TYR A 694 33.87 -10.18 25.71
N LEU A 695 33.74 -11.20 26.55
CA LEU A 695 32.70 -12.21 26.43
C LEU A 695 31.57 -11.89 27.41
N LEU A 696 30.36 -11.76 26.87
CA LEU A 696 29.20 -11.28 27.61
C LEU A 696 28.18 -12.39 27.79
N LYS A 697 27.71 -12.56 29.03
CA LYS A 697 26.55 -13.39 29.33
C LYS A 697 25.60 -12.57 30.19
N ASP A 698 24.30 -12.70 29.90
CA ASP A 698 23.24 -12.08 30.71
C ASP A 698 23.46 -10.57 30.85
N GLY A 699 23.82 -9.91 29.76
CA GLY A 699 24.10 -8.49 29.82
C GLY A 699 25.26 -8.11 30.70
N GLU A 700 26.30 -8.95 30.80
CA GLU A 700 27.43 -8.66 31.65
C GLU A 700 28.68 -9.24 31.01
N ILE A 701 29.74 -8.43 30.93
CA ILE A 701 31.01 -8.90 30.42
C ILE A 701 31.77 -9.57 31.55
N VAL A 702 32.07 -10.86 31.38
CA VAL A 702 32.67 -11.67 32.43
C VAL A 702 34.18 -11.73 32.28
N GLU A 703 34.67 -12.18 31.13
CA GLU A 703 36.10 -12.37 30.92
C GLU A 703 36.66 -11.14 30.21
N SER A 704 37.74 -10.58 30.76
CA SER A 704 38.40 -9.40 30.21
C SER A 704 39.91 -9.68 30.13
N GLY A 705 40.38 -10.01 28.94
CA GLY A 705 41.80 -10.27 28.75
C GLY A 705 42.06 -10.78 27.35
N SER A 706 43.34 -11.08 27.08
CA SER A 706 43.72 -11.66 25.81
C SER A 706 43.43 -13.16 25.82
N HIS A 707 43.63 -13.80 24.67
CA HIS A 707 43.15 -15.16 24.47
C HIS A 707 43.81 -16.15 25.42
N THR A 708 45.12 -16.03 25.59
CA THR A 708 45.91 -17.10 26.22
C THR A 708 45.51 -17.30 27.69
N GLU A 709 45.49 -16.23 28.47
CA GLU A 709 45.24 -16.39 29.91
C GLU A 709 43.80 -16.83 30.18
N LEU A 710 42.85 -16.34 29.39
CA LEU A 710 41.46 -16.75 29.59
C LEU A 710 41.24 -18.18 29.13
N ILE A 711 42.00 -18.64 28.14
CA ILE A 711 42.03 -20.08 27.84
C ILE A 711 42.56 -20.83 29.05
N ALA A 712 43.65 -20.35 29.64
CA ALA A 712 44.20 -20.98 30.82
C ALA A 712 43.28 -20.82 32.03
N LEU A 713 42.39 -19.83 32.01
CA LEU A 713 41.52 -19.57 33.15
C LEU A 713 40.53 -20.71 33.39
N LYS A 714 40.17 -21.43 32.32
CA LYS A 714 39.19 -22.53 32.42
C LYS A 714 37.83 -21.93 32.79
N GLY A 715 37.35 -20.98 31.99
CA GLY A 715 36.05 -20.33 32.27
C GLY A 715 35.06 -20.57 31.14
N CYS A 716 33.90 -19.90 31.20
CA CYS A 716 32.82 -20.12 30.20
C CYS A 716 33.34 -19.87 28.78
N TYR A 717 34.44 -19.12 28.63
CA TYR A 717 34.92 -18.81 27.27
C TYR A 717 35.30 -20.12 26.57
N PHE A 718 36.12 -20.95 27.23
CA PHE A 718 36.57 -22.22 26.63
C PHE A 718 35.36 -23.14 26.47
N LYS A 719 34.38 -23.00 27.36
CA LYS A 719 33.15 -23.83 27.28
C LYS A 719 32.41 -23.51 25.97
N MET A 720 32.27 -22.22 25.68
CA MET A 720 31.65 -21.81 24.39
C MET A 720 32.45 -22.44 23.25
N TRP A 721 33.78 -22.47 23.38
CA TRP A 721 34.61 -23.15 22.35
C TRP A 721 34.17 -24.61 22.28
N LYS A 722 34.03 -25.25 23.44
CA LYS A 722 33.59 -26.67 23.49
C LYS A 722 32.19 -26.76 22.89
N GLN A 723 31.57 -25.60 22.63
CA GLN A 723 30.19 -25.58 22.05
C GLN A 723 30.29 -25.36 20.55
N THR A 724 31.09 -24.38 20.11
CA THR A 724 31.21 -24.05 18.66
C THR A 724 31.92 -25.20 17.93
N GLU A 725 32.99 -25.74 18.53
CA GLU A 725 33.77 -26.82 17.87
C GLU A 725 32.87 -28.03 17.65
N ASN B 11 -7.70 -3.00 49.24
CA ASN B 11 -8.57 -2.47 48.20
C ASN B 11 -9.60 -3.51 47.75
N ILE B 12 -9.82 -3.61 46.44
CA ILE B 12 -10.77 -4.57 45.92
C ILE B 12 -10.27 -6.00 46.12
N GLY B 13 -8.98 -6.24 45.81
CA GLY B 13 -8.42 -7.57 45.96
C GLY B 13 -6.93 -7.49 46.25
N ARG B 14 -6.31 -8.67 46.31
CA ARG B 14 -4.88 -8.76 46.55
C ARG B 14 -4.11 -8.27 45.33
N GLU B 15 -3.13 -7.39 45.56
CA GLU B 15 -2.38 -6.79 44.46
C GLU B 15 -1.51 -7.83 43.77
N LEU B 16 -1.40 -7.70 42.46
CA LEU B 16 -0.62 -8.63 41.64
C LEU B 16 0.85 -8.22 41.64
N THR B 17 1.71 -9.20 41.31
CA THR B 17 3.14 -8.95 41.27
C THR B 17 3.55 -8.30 39.95
N ASP B 18 4.72 -7.67 39.96
CA ASP B 18 5.19 -6.94 38.80
C ASP B 18 5.46 -7.86 37.61
N GLU B 19 6.02 -9.04 37.88
CA GLU B 19 6.31 -9.98 36.79
C GLU B 19 5.03 -10.42 36.09
N GLU B 20 3.99 -10.74 36.86
CA GLU B 20 2.71 -11.06 36.26
C GLU B 20 2.01 -9.81 35.74
N LEU B 21 2.33 -8.65 36.31
CA LEU B 21 1.77 -7.40 35.81
C LEU B 21 2.23 -7.13 34.38
N MET B 22 3.49 -7.46 34.08
CA MET B 22 4.02 -7.29 32.73
C MET B 22 3.26 -8.16 31.73
N GLU B 23 2.66 -9.25 32.19
CA GLU B 23 1.94 -10.15 31.30
C GLU B 23 0.71 -9.50 30.67
N MET B 24 0.17 -8.45 31.30
CA MET B 24 -0.98 -7.76 30.74
C MET B 24 -0.52 -6.88 29.58
N THR B 25 -1.14 -7.06 28.42
CA THR B 25 -0.77 -6.33 27.21
C THR B 25 -2.00 -5.69 26.59
N GLY B 26 -1.77 -4.60 25.87
CA GLY B 26 -2.84 -3.89 25.18
C GLY B 26 -2.64 -3.86 23.68
N GLY B 27 -3.37 -2.99 23.00
CA GLY B 27 -3.25 -2.86 21.56
C GLY B 27 -3.75 -4.08 20.80
N LYS C 11 1.22 0.83 -44.65
CA LYS C 11 0.82 -0.22 -43.73
C LYS C 11 0.68 0.35 -42.31
N LYS C 12 -0.29 -0.18 -41.56
CA LYS C 12 -0.56 0.34 -40.23
C LYS C 12 0.51 -0.09 -39.25
N TYR C 13 0.92 0.84 -38.38
CA TYR C 13 1.87 0.55 -37.32
C TYR C 13 1.10 0.33 -36.02
N VAL C 14 1.46 -0.72 -35.28
CA VAL C 14 0.74 -1.12 -34.08
C VAL C 14 1.75 -1.26 -32.94
N CYS C 15 1.34 -0.86 -31.74
CA CYS C 15 2.14 -0.99 -30.53
C CYS C 15 1.30 -1.62 -29.43
N VAL C 16 1.97 -2.25 -28.47
CA VAL C 16 1.33 -2.94 -27.37
C VAL C 16 1.73 -2.26 -26.07
N ARG C 17 0.74 -1.83 -25.29
CA ARG C 17 1.00 -1.21 -24.01
C ARG C 17 1.23 -2.28 -22.94
N GLN C 18 2.31 -2.12 -22.18
CA GLN C 18 2.66 -3.10 -21.15
C GLN C 18 1.68 -3.04 -19.99
N TYR C 19 1.29 -4.23 -19.50
CA TYR C 19 0.43 -4.28 -18.32
C TYR C 19 1.22 -4.02 -17.05
N ASP C 20 2.47 -4.50 -16.99
CA ASP C 20 3.30 -4.38 -15.80
C ASP C 20 4.59 -3.64 -16.17
N LEU C 21 5.39 -3.33 -15.15
CA LEU C 21 6.61 -2.56 -15.37
C LEU C 21 7.65 -3.38 -16.13
N THR C 22 7.90 -4.61 -15.68
CA THR C 22 8.93 -5.46 -16.28
C THR C 22 8.31 -6.39 -17.33
N ASP C 23 7.64 -5.76 -18.29
CA ASP C 23 7.02 -6.51 -19.39
C ASP C 23 7.34 -5.88 -20.74
N CYS C 24 8.56 -5.38 -20.94
CA CYS C 24 8.87 -4.63 -22.16
C CYS C 24 9.15 -5.55 -23.34
N GLY C 25 9.98 -6.59 -23.12
CA GLY C 25 10.39 -7.44 -24.22
C GLY C 25 9.23 -8.21 -24.83
N ALA C 26 8.36 -8.76 -23.98
CA ALA C 26 7.20 -9.49 -24.48
C ALA C 26 6.26 -8.56 -25.24
N ALA C 27 6.08 -7.33 -24.74
CA ALA C 27 5.24 -6.37 -25.45
C ALA C 27 5.82 -6.02 -26.81
N CYS C 28 7.14 -5.83 -26.89
CA CYS C 28 7.77 -5.53 -28.17
C CYS C 28 7.63 -6.70 -29.14
N LEU C 29 7.80 -7.93 -28.64
CA LEU C 29 7.63 -9.10 -29.49
C LEU C 29 6.19 -9.21 -29.99
N SER C 30 5.22 -8.92 -29.13
CA SER C 30 3.82 -8.94 -29.55
C SER C 30 3.55 -7.87 -30.59
N SER C 31 4.15 -6.69 -30.43
CA SER C 31 3.99 -5.62 -31.42
C SER C 31 4.58 -6.04 -32.76
N ILE C 32 5.74 -6.70 -32.74
CA ILE C 32 6.33 -7.21 -33.98
C ILE C 32 5.39 -8.22 -34.64
N ALA C 33 4.85 -9.14 -33.83
CA ALA C 33 3.98 -10.17 -34.36
C ALA C 33 2.72 -9.59 -34.98
N GLN C 34 2.11 -8.61 -34.30
CA GLN C 34 0.86 -8.02 -34.79
C GLN C 34 1.11 -7.13 -36.01
N TYR C 35 2.39 -6.82 -36.28
CA TYR C 35 2.76 -6.13 -37.51
C TYR C 35 2.98 -7.14 -38.62
N TYR C 36 3.59 -8.29 -38.33
CA TYR C 36 3.76 -9.34 -39.33
C TYR C 36 2.52 -10.22 -39.49
N GLY C 37 1.56 -10.14 -38.58
CA GLY C 37 0.31 -10.85 -38.75
C GLY C 37 -0.13 -11.67 -37.56
N LEU C 38 0.80 -12.31 -36.86
CA LEU C 38 0.45 -13.16 -35.74
C LEU C 38 -0.05 -12.33 -34.57
N LYS C 39 -0.96 -12.90 -33.79
CA LYS C 39 -1.52 -12.24 -32.61
C LYS C 39 -1.60 -13.29 -31.50
N MET C 40 -0.61 -13.24 -30.60
CA MET C 40 -0.55 -14.19 -29.49
C MET C 40 -0.87 -13.49 -28.18
N SER C 41 -1.25 -14.29 -27.19
CA SER C 41 -1.54 -13.75 -25.87
C SER C 41 -0.26 -13.28 -25.19
N LEU C 42 -0.35 -12.15 -24.49
CA LEU C 42 0.85 -11.54 -23.93
C LEU C 42 1.46 -12.38 -22.81
N ALA C 43 0.62 -12.98 -21.97
CA ALA C 43 1.14 -13.79 -20.86
C ALA C 43 1.87 -15.02 -21.37
N LYS C 44 1.35 -15.65 -22.43
CA LYS C 44 2.04 -16.80 -23.01
C LYS C 44 3.39 -16.37 -23.59
N ILE C 45 3.44 -15.21 -24.23
CA ILE C 45 4.72 -14.70 -24.73
C ILE C 45 5.68 -14.45 -23.57
N ARG C 46 5.16 -13.91 -22.47
CA ARG C 46 5.98 -13.75 -21.26
C ARG C 46 6.55 -15.10 -20.82
N GLU C 47 5.73 -16.15 -20.93
CA GLU C 47 6.22 -17.49 -20.60
C GLU C 47 7.34 -17.94 -21.54
N MET C 48 7.18 -17.72 -22.84
CA MET C 48 8.26 -18.07 -23.77
C MET C 48 9.49 -17.21 -23.55
N THR C 49 9.31 -15.90 -23.36
CA THR C 49 10.44 -14.98 -23.23
C THR C 49 11.18 -15.14 -21.91
N GLY C 50 10.67 -15.94 -20.97
CA GLY C 50 11.36 -16.09 -19.71
C GLY C 50 11.42 -14.83 -18.90
N THR C 51 10.32 -14.08 -18.85
CA THR C 51 10.30 -12.82 -18.13
C THR C 51 10.42 -13.05 -16.63
N ASP C 52 11.31 -12.30 -15.99
CA ASP C 52 11.54 -12.38 -14.57
C ASP C 52 11.26 -11.01 -13.93
N THR C 53 11.42 -10.95 -12.61
CA THR C 53 11.18 -9.70 -11.90
C THR C 53 12.17 -8.61 -12.34
N GLN C 54 13.44 -8.99 -12.52
CA GLN C 54 14.45 -8.00 -12.91
C GLN C 54 14.22 -7.51 -14.34
N GLY C 55 14.01 -8.44 -15.27
CA GLY C 55 13.81 -8.06 -16.66
C GLY C 55 13.94 -9.28 -17.56
N THR C 56 13.99 -9.01 -18.86
CA THR C 56 14.08 -10.04 -19.89
C THR C 56 15.39 -9.88 -20.64
N ASN C 57 16.14 -10.97 -20.78
CA ASN C 57 17.39 -10.94 -21.51
C ASN C 57 17.13 -10.95 -23.02
N ALA C 58 18.11 -10.43 -23.77
CA ALA C 58 18.00 -10.45 -25.23
C ALA C 58 18.01 -11.88 -25.77
N TYR C 59 18.81 -12.75 -25.15
CA TYR C 59 18.81 -14.15 -25.54
C TYR C 59 17.43 -14.76 -25.36
N GLY C 60 16.70 -14.32 -24.33
CA GLY C 60 15.33 -14.78 -24.15
C GLY C 60 14.43 -14.39 -25.31
N LEU C 61 14.55 -13.15 -25.77
CA LEU C 61 13.76 -12.71 -26.91
C LEU C 61 14.14 -13.48 -28.17
N ILE C 62 15.44 -13.73 -28.37
CA ILE C 62 15.87 -14.48 -29.54
C ILE C 62 15.32 -15.89 -29.51
N HIS C 63 15.38 -16.55 -28.35
CA HIS C 63 14.87 -17.90 -28.22
C HIS C 63 13.37 -17.94 -28.44
N ALA C 64 12.65 -16.96 -27.89
CA ALA C 64 11.20 -16.90 -28.08
C ALA C 64 10.85 -16.72 -29.54
N ALA C 65 11.59 -15.85 -30.25
CA ALA C 65 11.34 -15.65 -31.67
C ALA C 65 11.63 -16.91 -32.46
N LYS C 66 12.73 -17.59 -32.16
CA LYS C 66 13.07 -18.82 -32.88
C LYS C 66 12.02 -19.90 -32.64
N GLN C 67 11.56 -20.05 -31.41
CA GLN C 67 10.51 -21.02 -31.12
C GLN C 67 9.20 -20.65 -31.81
N LEU C 68 8.88 -19.35 -31.84
CA LEU C 68 7.65 -18.89 -32.48
C LEU C 68 7.69 -19.06 -33.99
N GLY C 69 8.87 -19.07 -34.59
CA GLY C 69 9.02 -19.21 -36.03
C GLY C 69 9.87 -18.13 -36.68
N PHE C 70 10.12 -17.02 -36.01
CA PHE C 70 10.97 -15.97 -36.57
C PHE C 70 12.42 -16.44 -36.62
N SER C 71 13.18 -15.84 -37.53
CA SER C 71 14.64 -15.95 -37.54
C SER C 71 15.15 -14.65 -36.93
N ALA C 72 15.76 -14.76 -35.75
CA ALA C 72 16.17 -13.59 -34.99
C ALA C 72 17.68 -13.59 -34.78
N LYS C 73 18.25 -12.39 -34.80
CA LYS C 73 19.69 -12.24 -34.58
C LYS C 73 19.93 -10.98 -33.76
N GLY C 74 20.74 -11.12 -32.71
CA GLY C 74 21.14 -9.98 -31.93
C GLY C 74 22.50 -9.47 -32.33
N VAL C 75 22.56 -8.29 -32.95
CA VAL C 75 23.79 -7.75 -33.48
C VAL C 75 24.10 -6.42 -32.80
N LYS C 76 25.39 -6.12 -32.68
CA LYS C 76 25.83 -4.86 -32.13
C LYS C 76 25.77 -3.76 -33.19
N ALA C 77 25.68 -2.52 -32.73
CA ALA C 77 25.59 -1.37 -33.62
C ALA C 77 26.23 -0.15 -32.96
N SER C 78 26.97 0.62 -33.75
CA SER C 78 27.57 1.87 -33.29
C SER C 78 27.29 2.94 -34.34
N LYS C 79 26.13 3.60 -34.18
CA LYS C 79 25.70 4.68 -35.06
C LYS C 79 25.72 4.26 -36.52
N GLU C 80 25.27 3.04 -36.81
CA GLU C 80 25.24 2.52 -38.18
C GLU C 80 23.81 2.33 -38.70
N ASP C 81 22.89 3.21 -38.32
CA ASP C 81 21.50 3.12 -38.75
C ASP C 81 21.25 3.82 -40.08
N LEU C 82 22.31 4.07 -40.86
CA LEU C 82 22.20 4.72 -42.16
C LEU C 82 22.36 3.74 -43.31
N LEU C 83 23.28 2.80 -43.20
CA LEU C 83 23.48 1.81 -44.25
C LEU C 83 22.26 0.92 -44.39
N LYS C 84 21.94 0.54 -45.63
CA LYS C 84 20.78 -0.30 -45.91
C LYS C 84 21.13 -1.77 -45.68
N ASP C 85 20.26 -2.68 -46.13
CA ASP C 85 20.45 -4.12 -46.00
C ASP C 85 20.30 -4.58 -44.56
N PHE C 86 19.41 -3.93 -43.82
CA PHE C 86 18.99 -4.41 -42.51
C PHE C 86 17.48 -4.22 -42.42
N ARG C 87 16.79 -5.23 -41.91
CA ARG C 87 15.33 -5.28 -41.98
C ARG C 87 14.69 -4.62 -40.76
N LEU C 88 13.78 -3.67 -41.03
CA LEU C 88 12.90 -2.98 -40.10
C LEU C 88 11.52 -3.64 -40.10
N PRO C 89 10.79 -3.64 -38.97
CA PRO C 89 11.14 -3.05 -37.67
C PRO C 89 12.16 -3.87 -36.90
N ALA C 90 12.79 -3.27 -35.88
CA ALA C 90 13.80 -3.97 -35.11
C ALA C 90 13.71 -3.56 -33.65
N ILE C 91 14.11 -4.47 -32.76
CA ILE C 91 14.03 -4.22 -31.32
C ILE C 91 15.30 -3.54 -30.86
N ALA C 92 15.15 -2.49 -30.06
CA ALA C 92 16.28 -1.73 -29.54
C ALA C 92 16.15 -1.56 -28.04
N ASN C 93 17.29 -1.38 -27.37
CA ASN C 93 17.36 -1.15 -25.95
C ASN C 93 17.81 0.27 -25.67
N VAL C 94 17.08 0.96 -24.80
CA VAL C 94 17.34 2.36 -24.49
C VAL C 94 17.49 2.52 -22.98
N ILE C 95 18.06 3.66 -22.59
CA ILE C 95 18.21 4.03 -21.19
C ILE C 95 17.67 5.44 -21.03
N VAL C 96 16.77 5.62 -20.06
CA VAL C 96 16.07 6.89 -19.89
C VAL C 96 16.88 7.81 -18.97
N ASP C 97 17.67 8.70 -19.58
CA ASP C 97 18.57 9.63 -18.89
C ASP C 97 19.29 8.96 -17.71
N ASN C 98 19.89 7.80 -17.99
CA ASN C 98 20.71 7.07 -17.03
C ASN C 98 19.92 6.72 -15.76
N ARG C 99 18.71 6.20 -15.95
CA ARG C 99 17.87 5.76 -14.85
C ARG C 99 17.65 4.25 -14.87
N LEU C 100 17.15 3.71 -15.99
CA LEU C 100 16.89 2.29 -16.09
C LEU C 100 16.82 1.90 -17.56
N ALA C 101 17.04 0.61 -17.83
CA ALA C 101 16.97 0.11 -19.18
C ALA C 101 15.52 -0.18 -19.57
N HIS C 102 15.25 -0.13 -20.88
CA HIS C 102 13.90 -0.35 -21.37
C HIS C 102 14.01 -0.77 -22.83
N PHE C 103 12.93 -1.35 -23.36
CA PHE C 103 12.93 -1.83 -24.74
C PHE C 103 11.93 -1.06 -25.58
N VAL C 104 12.35 -0.72 -26.81
CA VAL C 104 11.50 -0.05 -27.79
C VAL C 104 11.64 -0.81 -29.11
N VAL C 105 10.79 -0.46 -30.07
CA VAL C 105 10.89 -1.04 -31.41
C VAL C 105 10.92 0.09 -32.43
N ILE C 106 11.92 0.07 -33.31
CA ILE C 106 12.05 1.08 -34.35
C ILE C 106 11.35 0.57 -35.61
N TYR C 107 10.58 1.45 -36.26
CA TYR C 107 9.80 1.09 -37.43
C TYR C 107 10.40 1.58 -38.74
N SER C 108 10.69 2.87 -38.86
CA SER C 108 11.12 3.42 -40.14
C SER C 108 12.24 4.43 -39.93
N ILE C 109 13.18 4.47 -40.86
CA ILE C 109 14.26 5.45 -40.86
C ILE C 109 14.15 6.28 -42.14
N LYS C 110 14.13 7.60 -41.97
CA LYS C 110 13.98 8.51 -43.10
C LYS C 110 14.31 9.93 -42.64
N ASN C 111 15.17 10.61 -43.39
CA ASN C 111 15.45 12.03 -43.21
C ASN C 111 15.86 12.32 -41.76
N ARG C 112 16.65 11.42 -41.18
CA ARG C 112 17.22 11.60 -39.85
C ARG C 112 16.14 11.78 -38.77
N ILE C 113 14.94 11.30 -39.04
CA ILE C 113 13.82 11.40 -38.10
C ILE C 113 13.21 10.01 -37.98
N ILE C 114 12.95 9.57 -36.74
CA ILE C 114 12.75 8.16 -36.44
C ILE C 114 11.42 7.94 -35.74
N THR C 115 10.69 6.91 -36.19
CA THR C 115 9.48 6.44 -35.54
C THR C 115 9.82 5.22 -34.68
N VAL C 116 9.57 5.33 -33.37
CA VAL C 116 9.78 4.24 -32.44
C VAL C 116 8.54 4.07 -31.58
N ALA C 117 8.15 2.82 -31.38
CA ALA C 117 7.06 2.46 -30.48
C ALA C 117 7.65 2.05 -29.13
N ASP C 118 7.23 2.73 -28.09
CA ASP C 118 7.60 2.48 -26.70
C ASP C 118 6.39 1.92 -25.97
N PRO C 119 6.50 0.75 -25.34
CA PRO C 119 5.34 0.17 -24.65
C PRO C 119 4.78 1.08 -23.56
N GLY C 120 5.64 1.93 -23.00
CA GLY C 120 5.20 2.83 -21.94
C GLY C 120 4.20 3.87 -22.41
N LYS C 121 4.45 4.46 -23.57
CA LYS C 121 3.65 5.58 -24.05
C LYS C 121 2.89 5.27 -25.33
N GLY C 122 3.59 4.82 -26.37
CA GLY C 122 2.99 4.56 -27.67
C GLY C 122 3.98 4.87 -28.76
N ILE C 123 3.47 5.36 -29.89
CA ILE C 123 4.37 5.79 -30.96
C ILE C 123 4.88 7.18 -30.65
N VAL C 124 6.20 7.32 -30.55
CA VAL C 124 6.82 8.57 -30.13
C VAL C 124 7.90 8.95 -31.14
N ARG C 125 7.92 10.23 -31.50
CA ARG C 125 8.89 10.75 -32.45
C ARG C 125 10.27 10.82 -31.80
N TYR C 126 11.32 10.63 -32.60
CA TYR C 126 12.66 10.83 -32.08
C TYR C 126 13.56 11.37 -33.19
N SER C 127 14.64 12.02 -32.78
CA SER C 127 15.62 12.59 -33.69
C SER C 127 16.88 11.75 -33.63
N MET C 128 17.71 11.88 -34.67
CA MET C 128 18.91 11.05 -34.77
C MET C 128 19.87 11.30 -33.62
N ASP C 129 20.18 12.57 -33.34
CA ASP C 129 21.14 12.90 -32.29
C ASP C 129 20.64 12.48 -30.92
N ASP C 130 19.38 12.83 -30.60
CA ASP C 130 18.83 12.47 -29.30
C ASP C 130 18.72 10.97 -29.11
N PHE C 131 18.24 10.25 -30.12
CA PHE C 131 18.13 8.80 -30.02
C PHE C 131 19.51 8.17 -29.85
N CYS C 132 20.47 8.57 -30.68
CA CYS C 132 21.81 8.02 -30.62
C CYS C 132 22.50 8.35 -29.30
N SER C 133 22.07 9.44 -28.66
CA SER C 133 22.58 9.79 -27.34
C SER C 133 21.77 9.14 -26.22
N ILE C 134 20.65 8.48 -26.53
CA ILE C 134 19.86 7.78 -25.53
C ILE C 134 20.22 6.29 -25.47
N TRP C 135 20.10 5.58 -26.59
CA TRP C 135 20.41 4.16 -26.57
C TRP C 135 21.89 3.93 -26.83
N THR C 136 22.48 2.99 -26.09
CA THR C 136 23.92 2.73 -26.17
C THR C 136 24.25 1.85 -27.37
N GLY C 137 23.73 0.63 -27.38
CA GLY C 137 24.02 -0.29 -28.46
C GLY C 137 23.28 -1.61 -28.36
N GLY C 138 23.02 -2.24 -29.49
CA GLY C 138 22.34 -3.52 -29.51
C GLY C 138 21.03 -3.48 -30.26
N LEU C 139 20.90 -4.33 -31.29
CA LEU C 139 19.69 -4.39 -32.10
C LEU C 139 19.31 -5.85 -32.31
N VAL C 140 18.05 -6.17 -32.05
CA VAL C 140 17.50 -7.49 -32.33
C VAL C 140 16.77 -7.37 -33.68
N LEU C 141 17.28 -8.08 -34.68
CA LEU C 141 16.66 -8.11 -36.00
C LEU C 141 15.83 -9.37 -36.14
N LEU C 142 14.61 -9.21 -36.65
CA LEU C 142 13.62 -10.28 -36.76
C LEU C 142 13.24 -10.43 -38.23
N GLU C 143 13.16 -11.66 -38.71
CA GLU C 143 12.73 -11.93 -40.07
C GLU C 143 11.67 -13.03 -40.07
N PRO C 144 10.55 -12.84 -40.75
CA PRO C 144 9.54 -13.91 -40.82
C PRO C 144 10.06 -15.10 -41.62
N GLY C 145 10.21 -16.23 -40.93
CA GLY C 145 10.71 -17.44 -41.57
C GLY C 145 9.61 -18.26 -42.20
N GLU C 146 10.01 -19.40 -42.78
CA GLU C 146 9.05 -20.30 -43.39
C GLU C 146 8.16 -20.95 -42.34
N ALA C 147 8.68 -21.16 -41.14
CA ALA C 147 7.91 -21.75 -40.04
C ALA C 147 6.98 -20.75 -39.36
N PHE C 148 6.74 -19.59 -39.97
CA PHE C 148 5.85 -18.59 -39.39
C PHE C 148 4.55 -18.55 -40.18
N GLN C 149 3.43 -18.85 -39.52
CA GLN C 149 2.11 -18.75 -40.11
C GLN C 149 1.31 -17.70 -39.35
N LYS C 150 0.78 -16.71 -40.08
CA LYS C 150 -0.05 -15.69 -39.46
C LYS C 150 -1.42 -16.26 -39.09
N GLY C 151 -1.94 -15.78 -37.97
CA GLY C 151 -3.22 -16.21 -37.47
C GLY C 151 -3.54 -15.49 -36.18
N ASP C 152 -4.78 -15.60 -35.71
CA ASP C 152 -5.17 -14.93 -34.48
C ASP C 152 -5.49 -15.93 -33.39
N TYR C 153 -4.84 -15.78 -32.25
CA TYR C 153 -5.06 -16.68 -31.13
C TYR C 153 -5.65 -16.07 -29.86
N THR C 154 -6.21 -14.87 -29.96
CA THR C 154 -6.66 -14.16 -28.77
C THR C 154 -8.18 -14.16 -28.63
N GLN C 155 -8.68 -14.68 -27.53
CA GLN C 155 -10.12 -14.77 -27.34
C GLN C 155 -10.69 -13.40 -27.02
N ASN C 156 -11.96 -13.18 -27.30
CA ASN C 156 -12.53 -11.90 -26.96
C ASN C 156 -12.86 -12.06 -25.51
N MET C 157 -12.18 -11.27 -24.68
CA MET C 157 -12.35 -11.37 -23.24
C MET C 157 -13.75 -11.04 -22.76
N MET C 158 -14.35 -10.00 -23.32
CA MET C 158 -15.67 -9.61 -22.85
C MET C 158 -16.75 -10.67 -23.06
N VAL C 159 -16.74 -11.34 -24.20
CA VAL C 159 -17.76 -12.35 -24.47
C VAL C 159 -17.66 -13.51 -23.50
N LYS C 160 -16.88 -13.33 -22.45
CA LYS C 160 -16.70 -14.30 -21.39
C LYS C 160 -17.14 -13.74 -20.04
N PHE C 161 -16.81 -12.48 -19.77
CA PHE C 161 -17.23 -11.87 -18.51
C PHE C 161 -18.70 -11.46 -18.54
N ALA C 162 -19.22 -11.11 -19.72
CA ALA C 162 -20.65 -10.81 -19.82
C ALA C 162 -21.51 -12.05 -19.69
N GLY C 163 -20.94 -13.24 -19.91
CA GLY C 163 -21.67 -14.48 -19.68
C GLY C 163 -22.09 -14.67 -18.24
N PHE C 164 -21.47 -13.95 -17.30
CA PHE C 164 -21.91 -14.02 -15.91
C PHE C 164 -23.28 -13.40 -15.72
N LEU C 165 -23.72 -12.57 -16.67
CA LEU C 165 -25.02 -11.94 -16.63
C LEU C 165 -26.15 -12.85 -17.13
N LYS C 166 -25.80 -13.98 -17.76
CA LYS C 166 -26.82 -14.88 -18.27
C LYS C 166 -27.76 -15.43 -17.20
N PRO C 167 -27.28 -15.90 -16.05
CA PRO C 167 -28.22 -16.42 -15.03
C PRO C 167 -28.91 -15.37 -14.17
N LEU C 168 -28.87 -14.10 -14.57
CA LEU C 168 -29.50 -13.02 -13.82
C LEU C 168 -30.34 -12.12 -14.73
N LYS C 169 -31.16 -12.74 -15.58
CA LYS C 169 -31.98 -11.97 -16.52
C LYS C 169 -33.10 -11.23 -15.81
N LYS C 170 -33.63 -11.80 -14.73
CA LYS C 170 -34.78 -11.20 -14.04
C LYS C 170 -34.41 -9.84 -13.48
N THR C 171 -33.23 -9.73 -12.86
CA THR C 171 -32.84 -8.47 -12.24
C THR C 171 -32.68 -7.36 -13.27
N VAL C 172 -31.98 -7.64 -14.37
CA VAL C 172 -31.81 -6.63 -15.40
C VAL C 172 -33.12 -6.28 -16.09
N LEU C 173 -34.02 -7.25 -16.27
CA LEU C 173 -35.32 -6.95 -16.85
C LEU C 173 -36.12 -6.02 -15.94
N CYS C 174 -36.10 -6.30 -14.63
CA CYS C 174 -36.79 -5.43 -13.67
C CYS C 174 -36.20 -4.04 -13.66
N ILE C 175 -34.86 -3.95 -13.71
CA ILE C 175 -34.21 -2.64 -13.74
C ILE C 175 -34.60 -1.86 -14.98
N PHE C 176 -34.63 -2.53 -16.14
CA PHE C 176 -35.01 -1.87 -17.37
C PHE C 176 -36.45 -1.36 -17.31
N LEU C 177 -37.36 -2.19 -16.79
CA LEU C 177 -38.75 -1.76 -16.67
C LEU C 177 -38.87 -0.58 -15.70
N ALA C 178 -38.13 -0.62 -14.60
CA ALA C 178 -38.18 0.47 -13.63
C ALA C 178 -37.66 1.76 -14.25
N SER C 179 -36.58 1.69 -15.02
CA SER C 179 -36.05 2.89 -15.68
C SER C 179 -37.04 3.44 -16.71
N LEU C 180 -37.68 2.55 -17.48
CA LEU C 180 -38.67 3.00 -18.44
C LEU C 180 -39.84 3.70 -17.76
N LEU C 181 -40.34 3.12 -16.67
CA LEU C 181 -41.42 3.75 -15.94
C LEU C 181 -40.98 5.06 -15.31
N TYR C 182 -39.72 5.12 -14.86
CA TYR C 182 -39.16 6.36 -14.31
C TYR C 182 -39.21 7.47 -15.35
N THR C 183 -38.73 7.19 -16.56
CA THR C 183 -38.76 8.19 -17.62
C THR C 183 -40.18 8.58 -17.99
N ALA C 184 -41.08 7.60 -18.06
CA ALA C 184 -42.47 7.87 -18.42
C ALA C 184 -43.12 8.80 -17.39
N LEU C 185 -42.84 8.56 -16.10
CA LEU C 185 -43.38 9.43 -15.06
C LEU C 185 -42.73 10.80 -15.09
N GLY C 186 -41.43 10.87 -15.40
CA GLY C 186 -40.75 12.15 -15.47
C GLY C 186 -41.26 13.04 -16.58
N ILE C 187 -41.68 12.44 -17.70
CA ILE C 187 -42.22 13.24 -18.81
C ILE C 187 -43.47 14.01 -18.36
N ALA C 188 -44.32 13.37 -17.57
CA ALA C 188 -45.53 14.04 -17.09
C ALA C 188 -45.18 15.21 -16.16
N GLY C 189 -44.21 14.99 -15.27
CA GLY C 189 -43.76 16.09 -14.42
C GLY C 189 -43.17 17.24 -15.21
N SER C 190 -42.47 16.92 -16.31
CA SER C 190 -41.98 17.96 -17.20
C SER C 190 -43.12 18.73 -17.85
N PHE C 191 -44.14 18.02 -18.34
CA PHE C 191 -45.27 18.66 -19.01
C PHE C 191 -46.21 19.38 -18.04
N TYR C 192 -46.07 19.16 -16.74
CA TYR C 192 -46.91 19.82 -15.75
C TYR C 192 -46.90 21.34 -15.92
N ILE C 193 -45.73 21.92 -16.16
CA ILE C 193 -45.58 23.38 -16.17
C ILE C 193 -46.35 23.99 -17.33
N LYS C 194 -46.50 23.25 -18.42
CA LYS C 194 -47.28 23.74 -19.56
C LYS C 194 -48.75 23.96 -19.19
N PHE C 195 -49.39 22.95 -18.58
CA PHE C 195 -50.75 23.13 -18.10
C PHE C 195 -50.81 24.18 -16.99
N LEU C 196 -49.76 24.29 -16.19
CA LEU C 196 -49.74 25.28 -15.12
C LEU C 196 -49.78 26.70 -15.67
N PHE C 197 -49.01 26.98 -16.73
CA PHE C 197 -48.88 28.35 -17.22
C PHE C 197 -49.69 28.62 -18.49
N ASP C 198 -50.50 27.68 -18.97
CA ASP C 198 -51.35 27.95 -20.12
C ASP C 198 -52.82 28.13 -19.79
N ASP C 199 -53.38 27.33 -18.88
CA ASP C 199 -54.82 27.36 -18.65
C ASP C 199 -55.16 27.83 -17.24
N LEU C 200 -54.38 27.39 -16.26
CA LEU C 200 -54.75 27.59 -14.86
C LEU C 200 -54.52 29.02 -14.38
N ILE C 201 -53.69 29.78 -15.09
CA ILE C 201 -53.39 31.16 -14.73
C ILE C 201 -54.22 32.14 -15.55
N LYS C 202 -54.33 31.90 -16.86
CA LYS C 202 -55.15 32.76 -17.70
C LYS C 202 -56.61 32.74 -17.27
N PHE C 203 -57.11 31.56 -16.93
CA PHE C 203 -58.44 31.40 -16.35
C PHE C 203 -58.30 31.00 -14.89
N GLU C 204 -58.95 31.76 -14.01
CA GLU C 204 -58.82 31.57 -12.56
C GLU C 204 -59.65 30.36 -12.13
N LYS C 205 -59.14 29.17 -12.47
CA LYS C 205 -59.76 27.91 -12.08
C LYS C 205 -59.03 27.38 -10.84
N LEU C 206 -59.49 27.83 -9.68
CA LEU C 206 -58.81 27.50 -8.43
C LEU C 206 -59.00 26.02 -8.07
N ASN C 207 -60.22 25.51 -8.25
CA ASN C 207 -60.48 24.11 -7.91
C ASN C 207 -59.67 23.18 -8.80
N ASP C 208 -59.63 23.47 -10.10
CA ASP C 208 -58.79 22.70 -11.01
C ASP C 208 -57.31 22.82 -10.68
N LEU C 209 -56.86 24.00 -10.24
CA LEU C 209 -55.47 24.15 -9.81
C LEU C 209 -55.18 23.26 -8.62
N HIS C 210 -56.07 23.23 -7.63
CA HIS C 210 -55.88 22.38 -6.47
C HIS C 210 -55.87 20.90 -6.87
N ILE C 211 -56.73 20.52 -7.80
CA ILE C 211 -56.78 19.12 -8.25
C ILE C 211 -55.48 18.75 -8.97
N ILE C 212 -55.04 19.59 -9.91
CA ILE C 212 -53.87 19.27 -10.72
C ILE C 212 -52.60 19.29 -9.88
N SER C 213 -52.47 20.23 -8.94
CA SER C 213 -51.29 20.28 -8.09
C SER C 213 -51.14 19.01 -7.25
N ALA C 214 -52.24 18.48 -6.72
CA ALA C 214 -52.19 17.21 -6.00
C ALA C 214 -52.03 16.01 -6.92
N GLY C 215 -52.52 16.09 -8.15
CA GLY C 215 -52.38 15.02 -9.11
C GLY C 215 -51.02 14.91 -9.77
N PHE C 216 -50.21 15.96 -9.70
CA PHE C 216 -48.83 15.90 -10.20
C PHE C 216 -47.81 15.80 -9.07
N ALA C 217 -48.26 15.41 -7.87
CA ALA C 217 -47.36 15.21 -6.73
C ALA C 217 -47.18 13.71 -6.47
N VAL C 218 -48.22 12.90 -6.68
CA VAL C 218 -48.09 11.46 -6.49
C VAL C 218 -47.19 10.85 -7.56
N ILE C 219 -47.12 11.48 -8.74
CA ILE C 219 -46.23 11.00 -9.80
C ILE C 219 -44.78 11.04 -9.34
N PHE C 220 -44.39 12.14 -8.69
CA PHE C 220 -43.02 12.24 -8.19
C PHE C 220 -42.76 11.21 -7.10
N LEU C 221 -43.76 10.94 -6.25
CA LEU C 221 -43.59 9.91 -5.22
C LEU C 221 -43.38 8.53 -5.83
N LEU C 222 -44.16 8.20 -6.86
CA LEU C 222 -43.96 6.94 -7.56
C LEU C 222 -42.59 6.89 -8.23
N GLN C 223 -42.15 8.03 -8.78
CA GLN C 223 -40.83 8.11 -9.39
C GLN C 223 -39.74 7.84 -8.35
N ILE C 224 -39.88 8.40 -7.15
CA ILE C 224 -38.91 8.16 -6.09
C ILE C 224 -38.92 6.70 -5.67
N PHE C 225 -40.10 6.10 -5.55
CA PHE C 225 -40.18 4.68 -5.19
C PHE C 225 -39.50 3.81 -6.24
N LEU C 226 -39.73 4.11 -7.51
CA LEU C 226 -39.09 3.36 -8.59
C LEU C 226 -37.58 3.54 -8.56
N ASN C 227 -37.11 4.75 -8.27
CA ASN C 227 -35.68 5.00 -8.16
C ASN C 227 -35.07 4.19 -7.02
N TYR C 228 -35.76 4.15 -5.88
CA TYR C 228 -35.30 3.35 -4.75
C TYR C 228 -35.18 1.88 -5.15
N TYR C 229 -36.23 1.34 -5.77
CA TYR C 229 -36.22 -0.07 -6.14
C TYR C 229 -35.12 -0.39 -7.15
N ARG C 230 -34.96 0.48 -8.16
CA ARG C 230 -33.96 0.22 -9.19
C ARG C 230 -32.54 0.36 -8.63
N SER C 231 -32.34 1.31 -7.70
CA SER C 231 -31.03 1.44 -7.07
C SER C 231 -30.71 0.20 -6.24
N ILE C 232 -31.70 -0.32 -5.52
CA ILE C 232 -31.50 -1.54 -4.74
C ILE C 232 -31.10 -2.70 -5.66
N LEU C 233 -31.83 -2.86 -6.76
CA LEU C 233 -31.55 -3.96 -7.68
C LEU C 233 -30.17 -3.81 -8.32
N VAL C 234 -29.79 -2.60 -8.72
CA VAL C 234 -28.49 -2.37 -9.32
C VAL C 234 -27.38 -2.69 -8.33
N THR C 235 -27.55 -2.24 -7.08
CA THR C 235 -26.54 -2.52 -6.06
C THR C 235 -26.37 -4.02 -5.85
N LYS C 236 -27.49 -4.74 -5.73
CA LYS C 236 -27.41 -6.18 -5.52
C LYS C 236 -26.75 -6.88 -6.70
N LEU C 237 -27.12 -6.50 -7.93
CA LEU C 237 -26.54 -7.11 -9.12
C LEU C 237 -25.04 -6.85 -9.17
N GLY C 238 -24.62 -5.60 -8.93
CA GLY C 238 -23.21 -5.29 -8.97
C GLY C 238 -22.41 -6.04 -7.92
N MET C 239 -22.95 -6.14 -6.71
CA MET C 239 -22.26 -6.87 -5.66
C MET C 239 -22.13 -8.34 -6.01
N SER C 240 -23.19 -8.94 -6.56
CA SER C 240 -23.13 -10.34 -6.95
C SER C 240 -22.08 -10.56 -8.04
N ILE C 241 -22.06 -9.69 -9.05
CA ILE C 241 -21.09 -9.84 -10.12
C ILE C 241 -19.66 -9.70 -9.60
N ASP C 242 -19.44 -8.71 -8.73
CA ASP C 242 -18.11 -8.51 -8.16
C ASP C 242 -17.67 -9.74 -7.37
N LYS C 243 -18.55 -10.26 -6.52
CA LYS C 243 -18.19 -11.43 -5.71
C LYS C 243 -17.87 -12.62 -6.60
N SER C 244 -18.69 -12.86 -7.63
CA SER C 244 -18.47 -14.00 -8.51
C SER C 244 -17.13 -13.87 -9.24
N ILE C 245 -16.86 -12.68 -9.80
CA ILE C 245 -15.62 -12.49 -10.56
C ILE C 245 -14.40 -12.65 -9.66
N MET C 246 -14.44 -12.05 -8.47
CA MET C 246 -13.32 -12.14 -7.55
C MET C 246 -13.09 -13.58 -7.11
N MET C 247 -14.16 -14.31 -6.77
CA MET C 247 -14.01 -15.70 -6.34
C MET C 247 -13.43 -16.55 -7.46
N GLU C 248 -13.94 -16.39 -8.68
CA GLU C 248 -13.47 -17.18 -9.80
C GLU C 248 -11.99 -16.90 -10.08
N TYR C 249 -11.61 -15.62 -10.07
CA TYR C 249 -10.22 -15.26 -10.32
C TYR C 249 -9.29 -15.84 -9.25
N TYR C 250 -9.68 -15.72 -7.98
CA TYR C 250 -8.84 -16.24 -6.90
C TYR C 250 -8.72 -17.75 -6.98
N SER C 251 -9.84 -18.44 -7.26
CA SER C 251 -9.80 -19.90 -7.36
C SER C 251 -8.93 -20.36 -8.51
N HIS C 252 -8.94 -19.64 -9.64
CA HIS C 252 -8.06 -20.03 -10.74
C HIS C 252 -6.60 -19.70 -10.44
N VAL C 253 -6.34 -18.58 -9.78
CA VAL C 253 -4.96 -18.20 -9.46
C VAL C 253 -4.34 -19.20 -8.48
N LEU C 254 -5.13 -19.69 -7.53
CA LEU C 254 -4.58 -20.57 -6.51
C LEU C 254 -4.12 -21.92 -7.08
N LYS C 255 -4.48 -22.24 -8.32
CA LYS C 255 -4.12 -23.50 -8.94
C LYS C 255 -3.01 -23.36 -9.98
N LEU C 256 -2.46 -22.17 -10.18
CA LEU C 256 -1.44 -21.94 -11.18
C LEU C 256 -0.11 -22.54 -10.76
N PRO C 257 0.78 -22.84 -11.72
CA PRO C 257 2.07 -23.45 -11.37
C PRO C 257 3.01 -22.48 -10.64
N MET C 258 4.12 -23.01 -10.13
CA MET C 258 5.03 -22.20 -9.31
C MET C 258 5.84 -21.21 -10.14
N ASN C 259 6.09 -21.51 -11.42
CA ASN C 259 6.83 -20.57 -12.26
C ASN C 259 6.08 -19.26 -12.44
N PHE C 260 4.74 -19.31 -12.49
CA PHE C 260 3.96 -18.09 -12.59
C PHE C 260 4.15 -17.22 -11.35
N PHE C 261 4.18 -17.84 -10.17
CA PHE C 261 4.35 -17.08 -8.93
C PHE C 261 5.78 -16.55 -8.81
N ASN C 262 6.76 -17.33 -9.26
CA ASN C 262 8.15 -16.88 -9.17
C ASN C 262 8.42 -15.75 -10.16
N SER C 263 7.78 -15.77 -11.33
CA SER C 263 8.02 -14.75 -12.34
C SER C 263 7.51 -13.39 -11.88
N ARG C 264 6.35 -13.35 -11.25
CA ARG C 264 5.69 -12.09 -10.90
C ARG C 264 5.87 -11.76 -9.41
N LYS C 265 5.53 -10.53 -9.08
CA LYS C 265 5.57 -10.03 -7.71
C LYS C 265 4.21 -10.28 -7.04
N VAL C 266 3.99 -9.69 -5.87
CA VAL C 266 2.74 -9.84 -5.15
C VAL C 266 1.72 -8.78 -5.54
N GLY C 267 2.16 -7.53 -5.69
CA GLY C 267 1.24 -6.47 -6.07
C GLY C 267 0.60 -6.71 -7.42
N GLU C 268 1.34 -7.34 -8.34
CA GLU C 268 0.78 -7.68 -9.64
C GLU C 268 -0.41 -8.62 -9.49
N ILE C 269 -0.30 -9.61 -8.61
CA ILE C 269 -1.42 -10.52 -8.36
C ILE C 269 -2.56 -9.79 -7.64
N ILE C 270 -2.21 -8.92 -6.69
CA ILE C 270 -3.25 -8.30 -5.86
C ILE C 270 -4.08 -7.31 -6.68
N SER C 271 -3.46 -6.56 -7.59
CA SER C 271 -4.16 -5.50 -8.30
C SER C 271 -5.33 -6.03 -9.12
N ARG C 272 -5.25 -7.28 -9.57
CA ARG C 272 -6.36 -7.85 -10.35
C ARG C 272 -7.63 -8.03 -9.52
N PHE C 273 -7.53 -8.00 -8.19
CA PHE C 273 -8.72 -8.02 -7.34
C PHE C 273 -9.50 -6.72 -7.44
N MET C 274 -8.80 -5.58 -7.36
CA MET C 274 -9.46 -4.30 -7.58
C MET C 274 -9.82 -4.10 -9.05
N ASP C 275 -9.16 -4.85 -9.94
CA ASP C 275 -9.52 -4.80 -11.36
C ASP C 275 -10.92 -5.32 -11.61
N ALA C 276 -11.44 -6.17 -10.71
CA ALA C 276 -12.76 -6.73 -10.89
C ALA C 276 -13.83 -5.65 -10.87
N SER C 277 -13.66 -4.62 -10.03
CA SER C 277 -14.61 -3.52 -10.00
C SER C 277 -14.62 -2.76 -11.32
N LYS C 278 -13.43 -2.52 -11.89
CA LYS C 278 -13.37 -1.85 -13.19
C LYS C 278 -14.04 -2.67 -14.28
N ILE C 279 -13.85 -4.00 -14.24
CA ILE C 279 -14.52 -4.84 -15.22
C ILE C 279 -16.04 -4.81 -15.03
N ARG C 280 -16.49 -4.87 -13.77
CA ARG C 280 -17.92 -4.87 -13.49
C ARG C 280 -18.57 -3.56 -13.93
N GLN C 281 -17.85 -2.44 -13.81
CA GLN C 281 -18.43 -1.16 -14.20
C GLN C 281 -18.82 -1.15 -15.67
N ALA C 282 -18.19 -2.00 -16.48
CA ALA C 282 -18.64 -2.16 -17.86
C ALA C 282 -19.65 -3.28 -17.99
N ILE C 283 -19.43 -4.39 -17.27
CA ILE C 283 -20.33 -5.53 -17.37
C ILE C 283 -21.73 -5.16 -16.88
N SER C 284 -21.80 -4.46 -15.75
CA SER C 284 -23.10 -4.10 -15.18
C SER C 284 -23.55 -2.71 -15.61
N GLY C 285 -22.76 -1.68 -15.29
CA GLY C 285 -23.16 -0.31 -15.54
C GLY C 285 -23.28 0.09 -16.99
N ALA C 286 -22.31 -0.28 -17.82
CA ALA C 286 -22.25 0.25 -19.18
C ALA C 286 -23.40 -0.26 -20.04
N THR C 287 -23.65 -1.57 -20.00
CA THR C 287 -24.66 -2.16 -20.89
C THR C 287 -26.06 -1.64 -20.56
N LEU C 288 -26.46 -1.72 -19.29
CA LEU C 288 -27.76 -1.20 -18.89
C LEU C 288 -27.84 0.30 -19.12
N THR C 289 -26.76 1.02 -18.82
CA THR C 289 -26.73 2.46 -19.01
C THR C 289 -27.03 2.82 -20.46
N ILE C 290 -26.30 2.23 -21.41
CA ILE C 290 -26.52 2.58 -22.81
C ILE C 290 -27.89 2.10 -23.26
N MET C 291 -28.33 0.92 -22.79
CA MET C 291 -29.61 0.38 -23.22
C MET C 291 -30.76 1.27 -22.81
N ILE C 292 -30.68 1.90 -21.63
CA ILE C 292 -31.78 2.75 -21.20
C ILE C 292 -31.65 4.16 -21.78
N ASP C 293 -30.42 4.69 -21.87
CA ASP C 293 -30.28 6.05 -22.36
C ASP C 293 -30.58 6.14 -23.85
N THR C 294 -30.30 5.08 -24.63
CA THR C 294 -30.66 5.11 -26.03
C THR C 294 -32.16 5.37 -26.22
N ILE C 295 -32.99 4.58 -25.53
CA ILE C 295 -34.43 4.70 -25.73
C ILE C 295 -34.96 6.00 -25.12
N MET C 296 -34.45 6.40 -23.95
CA MET C 296 -34.98 7.64 -23.37
C MET C 296 -34.57 8.86 -24.19
N ALA C 297 -33.34 8.87 -24.71
CA ALA C 297 -32.93 9.96 -25.59
C ALA C 297 -33.73 9.97 -26.87
N VAL C 298 -34.02 8.78 -27.43
CA VAL C 298 -34.82 8.72 -28.65
C VAL C 298 -36.21 9.31 -28.42
N ILE C 299 -36.87 8.89 -27.34
CA ILE C 299 -38.23 9.38 -27.10
C ILE C 299 -38.22 10.87 -26.77
N GLY C 300 -37.23 11.33 -26.01
CA GLY C 300 -37.12 12.75 -25.73
C GLY C 300 -36.90 13.58 -27.00
N GLY C 301 -36.05 13.08 -27.90
CA GLY C 301 -35.83 13.79 -29.15
C GLY C 301 -37.05 13.82 -30.03
N ILE C 302 -37.80 12.72 -30.08
CA ILE C 302 -39.05 12.71 -30.85
C ILE C 302 -40.03 13.72 -30.26
N LEU C 303 -40.16 13.74 -28.93
CA LEU C 303 -41.07 14.71 -28.32
C LEU C 303 -40.64 16.14 -28.61
N LEU C 304 -39.34 16.43 -28.52
CA LEU C 304 -38.85 17.77 -28.79
C LEU C 304 -39.12 18.16 -30.25
N TYR C 305 -38.91 17.23 -31.18
CA TYR C 305 -39.20 17.50 -32.58
C TYR C 305 -40.68 17.77 -32.80
N ILE C 306 -41.54 17.07 -32.05
CA ILE C 306 -42.98 17.36 -32.11
C ILE C 306 -43.25 18.78 -31.63
N GLN C 307 -42.60 19.20 -30.53
CA GLN C 307 -42.79 20.56 -30.04
C GLN C 307 -42.33 21.60 -31.07
N ASN C 308 -41.04 21.59 -31.40
CA ASN C 308 -40.50 22.55 -32.34
C ASN C 308 -39.25 21.97 -33.00
N SER C 309 -38.96 22.44 -34.22
CA SER C 309 -37.84 21.90 -34.98
C SER C 309 -36.57 22.73 -34.79
N SER C 310 -36.70 24.06 -34.83
CA SER C 310 -35.52 24.92 -34.72
C SER C 310 -34.83 24.74 -33.37
N LEU C 311 -35.61 24.68 -32.29
CA LEU C 311 -35.03 24.49 -30.96
C LEU C 311 -34.36 23.13 -30.85
N PHE C 312 -34.98 22.10 -31.45
CA PHE C 312 -34.36 20.77 -31.45
C PHE C 312 -33.03 20.77 -32.19
N PHE C 313 -32.97 21.46 -33.34
CA PHE C 313 -31.72 21.53 -34.08
C PHE C 313 -30.65 22.32 -33.33
N ILE C 314 -31.04 23.39 -32.65
CA ILE C 314 -30.08 24.14 -31.83
C ILE C 314 -29.54 23.25 -30.71
N SER C 315 -30.42 22.49 -30.05
CA SER C 315 -29.97 21.59 -29.00
C SER C 315 -29.06 20.51 -29.54
N PHE C 316 -29.36 20.01 -30.75
CA PHE C 316 -28.48 19.03 -31.38
C PHE C 316 -27.10 19.63 -31.64
N ILE C 317 -27.05 20.88 -32.10
CA ILE C 317 -25.76 21.54 -32.31
C ILE C 317 -25.02 21.69 -30.99
N ILE C 318 -25.76 22.03 -29.91
CA ILE C 318 -25.15 22.19 -28.60
C ILE C 318 -24.50 20.90 -28.13
N ILE C 319 -25.26 19.79 -28.24
CA ILE C 319 -24.73 18.51 -27.76
C ILE C 319 -23.60 18.03 -28.65
N LEU C 320 -23.66 18.33 -29.95
CA LEU C 320 -22.54 18.00 -30.83
C LEU C 320 -21.28 18.75 -30.42
N LEU C 321 -21.42 20.03 -30.10
CA LEU C 321 -20.27 20.80 -29.63
C LEU C 321 -19.71 20.23 -28.34
N TYR C 322 -20.59 19.87 -27.40
CA TYR C 322 -20.14 19.28 -26.14
C TYR C 322 -19.39 17.99 -26.37
N GLY C 323 -19.92 17.12 -27.23
CA GLY C 323 -19.23 15.88 -27.55
C GLY C 323 -17.88 16.12 -28.21
N ILE C 324 -17.81 17.13 -29.10
CA ILE C 324 -16.55 17.44 -29.76
C ILE C 324 -15.51 17.88 -28.74
N ILE C 325 -15.90 18.75 -27.80
CA ILE C 325 -14.96 19.22 -26.78
C ILE C 325 -14.49 18.06 -25.91
N VAL C 326 -15.43 17.20 -25.49
CA VAL C 326 -15.05 16.06 -24.64
C VAL C 326 -14.08 15.14 -25.38
N THR C 327 -14.38 14.85 -26.65
CA THR C 327 -13.52 13.95 -27.43
C THR C 327 -12.14 14.56 -27.63
N VAL C 328 -12.07 15.87 -27.89
CA VAL C 328 -10.76 16.47 -28.17
C VAL C 328 -9.94 16.61 -26.89
N PHE C 329 -10.59 16.74 -25.73
CA PHE C 329 -9.85 16.85 -24.48
C PHE C 329 -9.67 15.53 -23.75
N ASN C 330 -10.20 14.42 -24.27
CA ASN C 330 -10.08 13.14 -23.58
C ASN C 330 -8.62 12.72 -23.39
N LYS C 331 -7.83 12.73 -24.47
CA LYS C 331 -6.49 12.13 -24.40
C LYS C 331 -5.55 12.86 -23.45
N PRO C 332 -5.43 14.19 -23.49
CA PRO C 332 -4.50 14.85 -22.55
C PRO C 332 -4.81 14.58 -21.09
N ILE C 333 -6.09 14.36 -20.75
CA ILE C 333 -6.43 13.99 -19.38
C ILE C 333 -5.77 12.68 -19.00
N GLN C 334 -5.84 11.69 -19.89
CA GLN C 334 -5.20 10.41 -19.61
C GLN C 334 -3.69 10.55 -19.53
N ASN C 335 -3.10 11.35 -20.41
CA ASN C 335 -1.64 11.56 -20.36
C ASN C 335 -1.23 12.19 -19.04
N ALA C 336 -1.95 13.21 -18.59
CA ALA C 336 -1.63 13.87 -17.33
C ALA C 336 -1.83 12.93 -16.16
N ASN C 337 -2.88 12.12 -16.19
CA ASN C 337 -3.11 11.16 -15.12
C ASN C 337 -1.99 10.13 -15.05
N ARG C 338 -1.54 9.64 -16.21
CA ARG C 338 -0.43 8.69 -16.23
C ARG C 338 0.85 9.33 -15.70
N GLN C 339 1.11 10.58 -16.07
CA GLN C 339 2.27 11.29 -15.55
C GLN C 339 2.20 11.47 -14.03
N ILE C 340 1.04 11.85 -13.50
CA ILE C 340 0.89 11.98 -12.06
C ILE C 340 1.09 10.64 -11.36
N MET C 341 0.53 9.56 -11.92
CA MET C 341 0.67 8.26 -11.30
C MET C 341 2.12 7.79 -11.29
N GLU C 342 2.85 8.03 -12.38
CA GLU C 342 4.24 7.61 -12.42
C GLU C 342 5.16 8.50 -11.60
N ASP C 343 4.82 9.79 -11.42
CA ASP C 343 5.63 10.66 -10.58
C ASP C 343 5.25 10.58 -9.11
N ASN C 344 4.11 9.98 -8.79
CA ASN C 344 3.68 9.80 -7.41
C ASN C 344 4.11 8.46 -6.84
N ALA C 345 4.45 7.49 -7.69
CA ALA C 345 4.99 6.22 -7.24
C ALA C 345 6.49 6.27 -7.04
N LYS C 346 7.14 7.39 -7.40
CA LYS C 346 8.54 7.61 -7.15
C LYS C 346 8.79 8.35 -5.85
N LEU C 347 7.87 9.22 -5.44
CA LEU C 347 7.97 9.94 -4.18
C LEU C 347 7.76 9.03 -2.98
N THR C 348 6.77 8.14 -3.05
CA THR C 348 6.50 7.24 -1.93
C THR C 348 7.64 6.27 -1.72
N SER C 349 8.40 5.96 -2.77
CA SER C 349 9.57 5.11 -2.62
C SER C 349 10.65 5.79 -1.80
N ALA C 350 10.89 7.08 -2.04
CA ALA C 350 11.90 7.81 -1.29
C ALA C 350 11.51 7.94 0.18
N LEU C 351 10.22 8.16 0.45
CA LEU C 351 9.75 8.28 1.83
C LEU C 351 9.94 6.98 2.59
N VAL C 352 9.60 5.86 1.96
CA VAL C 352 9.67 4.56 2.63
C VAL C 352 11.11 4.21 2.95
N GLU C 353 12.02 4.39 2.00
CA GLU C 353 13.43 4.07 2.24
C GLU C 353 14.03 5.02 3.27
N SER C 354 13.62 6.28 3.27
CA SER C 354 14.11 7.23 4.26
C SER C 354 13.64 6.85 5.66
N VAL C 355 12.38 6.42 5.80
CA VAL C 355 11.88 6.02 7.11
C VAL C 355 12.55 4.74 7.58
N LYS C 356 12.62 3.72 6.70
CA LYS C 356 13.24 2.46 7.09
C LYS C 356 14.72 2.60 7.39
N GLY C 357 15.45 3.37 6.58
CA GLY C 357 16.87 3.55 6.79
C GLY C 357 17.22 4.82 7.53
N ILE C 358 16.40 5.19 8.51
CA ILE C 358 16.66 6.41 9.27
C ILE C 358 17.93 6.27 10.10
N GLU C 359 18.25 5.05 10.53
CA GLU C 359 19.45 4.85 11.35
C GLU C 359 20.71 5.23 10.58
N THR C 360 20.81 4.81 9.32
CA THR C 360 21.97 5.18 8.51
C THR C 360 22.01 6.68 8.26
N ILE C 361 20.85 7.29 8.03
CA ILE C 361 20.81 8.73 7.78
C ILE C 361 21.32 9.49 9.01
N LYS C 362 20.88 9.08 10.20
CA LYS C 362 21.38 9.70 11.42
C LYS C 362 22.87 9.44 11.61
N SER C 363 23.32 8.23 11.30
CA SER C 363 24.73 7.89 11.50
C SER C 363 25.63 8.74 10.62
N PHE C 364 25.26 8.91 9.35
CA PHE C 364 26.05 9.72 8.43
C PHE C 364 25.65 11.19 8.42
N GLY C 365 24.57 11.55 9.10
CA GLY C 365 24.15 12.94 9.17
C GLY C 365 23.70 13.52 7.84
N ALA C 366 23.06 12.72 6.99
CA ALA C 366 22.59 13.18 5.69
C ALA C 366 21.13 13.62 5.77
N GLU C 367 20.88 14.60 6.63
CA GLU C 367 19.52 15.12 6.79
C GLU C 367 19.20 16.19 5.77
N GLU C 368 20.10 17.16 5.59
CA GLU C 368 19.87 18.23 4.62
C GLU C 368 19.76 17.67 3.21
N GLN C 369 20.56 16.67 2.89
CA GLN C 369 20.49 16.05 1.57
C GLN C 369 19.12 15.43 1.33
N THR C 370 18.59 14.73 2.33
CA THR C 370 17.28 14.10 2.18
C THR C 370 16.17 15.14 2.07
N GLU C 371 16.26 16.21 2.87
CA GLU C 371 15.24 17.26 2.79
C GLU C 371 15.28 17.95 1.43
N LYS C 372 16.47 18.16 0.87
CA LYS C 372 16.57 18.77 -0.44
C LYS C 372 16.08 17.83 -1.53
N SER C 373 16.36 16.53 -1.40
CA SER C 373 15.98 15.57 -2.43
C SER C 373 14.46 15.38 -2.47
N THR C 374 13.82 15.28 -1.30
CA THR C 374 12.39 15.06 -1.27
C THR C 374 11.62 16.27 -1.79
N ARG C 375 12.20 17.47 -1.61
CA ARG C 375 11.54 18.69 -2.05
C ARG C 375 11.37 18.69 -3.56
N ASP C 376 12.38 18.25 -4.30
CA ASP C 376 12.29 18.24 -5.76
C ASP C 376 11.22 17.27 -6.25
N LYS C 377 11.15 16.09 -5.63
CA LYS C 377 10.13 15.13 -6.02
C LYS C 377 8.73 15.66 -5.73
N ILE C 378 8.54 16.27 -4.57
CA ILE C 378 7.22 16.83 -4.25
C ILE C 378 6.89 17.99 -5.20
N GLU C 379 7.89 18.78 -5.57
CA GLU C 379 7.67 19.87 -6.52
C GLU C 379 7.24 19.33 -7.87
N THR C 380 7.87 18.24 -8.33
CA THR C 380 7.45 17.61 -9.58
C THR C 380 6.01 17.09 -9.49
N VAL C 381 5.66 16.49 -8.34
CA VAL C 381 4.30 16.01 -8.14
C VAL C 381 3.31 17.16 -8.23
N MET C 382 3.62 18.28 -7.57
CA MET C 382 2.74 19.45 -7.64
C MET C 382 2.65 20.01 -9.05
N LYS C 383 3.76 19.99 -9.79
CA LYS C 383 3.72 20.48 -11.17
C LYS C 383 2.78 19.62 -12.03
N SER C 384 2.89 18.30 -11.90
CA SER C 384 2.00 17.42 -12.66
C SER C 384 0.55 17.61 -12.24
N SER C 385 0.31 17.75 -10.94
CA SER C 385 -1.05 17.97 -10.44
C SER C 385 -1.61 19.28 -10.96
N PHE C 386 -0.78 20.33 -11.01
CA PHE C 386 -1.22 21.61 -11.53
C PHE C 386 -1.53 21.54 -13.02
N LYS C 387 -0.74 20.77 -13.77
CA LYS C 387 -1.03 20.60 -15.18
C LYS C 387 -2.37 19.90 -15.39
N GLU C 388 -2.62 18.83 -14.63
CA GLU C 388 -3.91 18.15 -14.74
C GLU C 388 -5.06 19.06 -14.30
N GLY C 389 -4.84 19.85 -13.25
CA GLY C 389 -5.86 20.78 -12.80
C GLY C 389 -6.17 21.83 -13.85
N MET C 390 -5.13 22.33 -14.53
CA MET C 390 -5.34 23.30 -15.60
C MET C 390 -6.11 22.68 -16.75
N LEU C 391 -5.82 21.42 -17.09
CA LEU C 391 -6.60 20.73 -18.11
C LEU C 391 -8.07 20.61 -17.69
N TYR C 392 -8.31 20.24 -16.43
CA TYR C 392 -9.67 20.15 -15.93
C TYR C 392 -10.38 21.50 -15.98
N ILE C 393 -9.67 22.57 -15.62
CA ILE C 393 -10.27 23.91 -15.64
C ILE C 393 -10.62 24.31 -17.06
N ASN C 394 -9.74 24.04 -18.03
CA ASN C 394 -10.06 24.35 -19.42
C ASN C 394 -11.28 23.58 -19.89
N LEU C 395 -11.34 22.28 -19.59
CA LEU C 395 -12.48 21.48 -20.01
C LEU C 395 -13.78 21.98 -19.38
N SER C 396 -13.74 22.26 -18.08
CA SER C 396 -14.93 22.73 -17.37
C SER C 396 -15.37 24.09 -17.89
N SER C 397 -14.42 24.99 -18.16
CA SER C 397 -14.77 26.31 -18.67
C SER C 397 -15.42 26.21 -20.04
N LEU C 398 -14.86 25.38 -20.93
CA LEU C 398 -15.47 25.23 -22.25
C LEU C 398 -16.85 24.61 -22.15
N THR C 399 -17.01 23.58 -21.31
CA THR C 399 -18.33 22.95 -21.15
C THR C 399 -19.34 23.94 -20.59
N GLY C 400 -18.93 24.75 -19.60
CA GLY C 400 -19.84 25.74 -19.04
C GLY C 400 -20.22 26.81 -20.05
N ILE C 401 -19.26 27.26 -20.86
CA ILE C 401 -19.56 28.24 -21.90
C ILE C 401 -20.57 27.67 -22.87
N VAL C 402 -20.35 26.43 -23.32
CA VAL C 402 -21.28 25.81 -24.27
C VAL C 402 -22.66 25.68 -23.66
N ALA C 403 -22.73 25.21 -22.41
CA ALA C 403 -24.03 25.01 -21.76
C ALA C 403 -24.77 26.32 -21.57
N GLY C 404 -24.06 27.36 -21.11
CA GLY C 404 -24.71 28.65 -20.90
C GLY C 404 -25.16 29.29 -22.19
N LEU C 405 -24.33 29.25 -23.22
CA LEU C 405 -24.73 29.80 -24.51
C LEU C 405 -25.92 29.04 -25.07
N GLY C 406 -25.93 27.72 -24.93
CA GLY C 406 -27.07 26.94 -25.39
C GLY C 406 -28.34 27.26 -24.64
N GLY C 407 -28.24 27.43 -23.32
CA GLY C 407 -29.42 27.82 -22.55
C GLY C 407 -29.94 29.19 -22.95
N ILE C 408 -29.02 30.12 -23.26
CA ILE C 408 -29.46 31.46 -23.65
C ILE C 408 -30.11 31.44 -25.03
N VAL C 409 -29.50 30.74 -25.99
CA VAL C 409 -30.00 30.79 -27.37
C VAL C 409 -31.33 30.05 -27.49
N ILE C 410 -31.49 28.94 -26.78
CA ILE C 410 -32.74 28.19 -26.82
C ILE C 410 -33.89 29.05 -26.32
N LEU C 411 -33.69 29.71 -25.18
CA LEU C 411 -34.71 30.58 -24.61
C LEU C 411 -35.02 31.75 -25.54
N TRP C 412 -33.99 32.35 -26.12
CA TRP C 412 -34.20 33.48 -27.02
C TRP C 412 -34.98 33.07 -28.27
N ALA C 413 -34.64 31.90 -28.84
CA ALA C 413 -35.38 31.41 -30.01
C ALA C 413 -36.81 31.06 -29.65
N GLY C 414 -37.04 30.50 -28.47
CA GLY C 414 -38.39 30.23 -28.04
C GLY C 414 -39.21 31.50 -27.87
N ALA C 415 -38.59 32.54 -27.29
CA ALA C 415 -39.27 33.83 -27.17
C ALA C 415 -39.57 34.42 -28.54
N TYR C 416 -38.63 34.31 -29.48
CA TYR C 416 -38.87 34.80 -30.84
C TYR C 416 -40.03 34.07 -31.49
N ASN C 417 -40.09 32.75 -31.34
CA ASN C 417 -41.19 31.98 -31.90
C ASN C 417 -42.52 32.37 -31.26
N VAL C 418 -42.50 32.62 -29.94
CA VAL C 418 -43.72 33.02 -29.25
C VAL C 418 -44.22 34.37 -29.77
N ILE C 419 -43.30 35.32 -29.95
CA ILE C 419 -43.69 36.63 -30.48
C ILE C 419 -44.22 36.50 -31.90
N LYS C 420 -43.53 35.74 -32.75
CA LYS C 420 -44.01 35.56 -34.12
C LYS C 420 -45.30 34.74 -34.15
N GLY C 421 -45.47 33.85 -33.18
CA GLY C 421 -46.69 33.06 -33.08
C GLY C 421 -46.55 31.65 -33.62
N ASN C 422 -45.36 31.06 -33.49
CA ASN C 422 -45.12 29.70 -33.94
C ASN C 422 -45.49 28.67 -32.88
N MET C 423 -45.70 29.07 -31.64
CA MET C 423 -46.07 28.16 -30.56
C MET C 423 -46.56 28.99 -29.38
N SER C 424 -47.23 28.31 -28.45
CA SER C 424 -47.73 28.99 -27.27
C SER C 424 -46.58 29.29 -26.30
N GLY C 425 -46.85 30.21 -25.37
CA GLY C 425 -45.83 30.59 -24.41
C GLY C 425 -45.44 29.48 -23.46
N GLY C 426 -46.42 28.69 -23.03
CA GLY C 426 -46.14 27.65 -22.04
C GLY C 426 -45.33 26.48 -22.56
N GLN C 427 -45.38 26.23 -23.88
CA GLN C 427 -44.61 25.13 -24.45
C GLN C 427 -43.10 25.38 -24.37
N LEU C 428 -42.68 26.64 -24.29
CA LEU C 428 -41.25 26.94 -24.16
C LEU C 428 -40.70 26.38 -22.84
N LEU C 429 -41.46 26.53 -21.75
CA LEU C 429 -41.03 25.95 -20.48
C LEU C 429 -41.07 24.42 -20.55
N ALA C 430 -42.01 23.86 -21.30
CA ALA C 430 -42.04 22.42 -21.50
C ALA C 430 -40.79 21.94 -22.23
N PHE C 431 -40.38 22.67 -23.28
CA PHE C 431 -39.15 22.33 -23.98
C PHE C 431 -37.94 22.46 -23.07
N ASN C 432 -37.91 23.52 -22.25
CA ASN C 432 -36.80 23.70 -21.32
C ASN C 432 -36.72 22.54 -20.32
N ALA C 433 -37.87 22.09 -19.82
CA ALA C 433 -37.88 20.98 -18.88
C ALA C 433 -37.47 19.68 -19.55
N LEU C 434 -37.96 19.43 -20.77
CA LEU C 434 -37.59 18.21 -21.48
C LEU C 434 -36.15 18.24 -21.98
N LEU C 435 -35.52 19.41 -22.00
CA LEU C 435 -34.12 19.49 -22.39
C LEU C 435 -33.24 18.63 -21.49
N ALA C 436 -33.56 18.55 -20.20
CA ALA C 436 -32.79 17.70 -19.30
C ALA C 436 -32.92 16.23 -19.69
N TYR C 437 -34.16 15.77 -19.89
CA TYR C 437 -34.39 14.38 -20.28
C TYR C 437 -33.80 14.06 -21.65
N PHE C 438 -33.59 15.07 -22.49
CA PHE C 438 -32.97 14.83 -23.79
C PHE C 438 -31.45 14.85 -23.73
N LEU C 439 -30.87 15.71 -22.88
CA LEU C 439 -29.42 15.90 -22.88
C LEU C 439 -28.69 14.98 -21.91
N THR C 440 -29.26 14.70 -20.74
CA THR C 440 -28.57 13.87 -19.76
C THR C 440 -28.25 12.47 -20.28
N PRO C 441 -29.18 11.73 -20.91
CA PRO C 441 -28.79 10.41 -21.44
C PRO C 441 -27.70 10.49 -22.50
N VAL C 442 -27.75 11.50 -23.37
CA VAL C 442 -26.72 11.62 -24.40
C VAL C 442 -25.39 12.00 -23.77
N LYS C 443 -25.42 12.85 -22.73
CA LYS C 443 -24.19 13.18 -22.01
C LYS C 443 -23.58 11.94 -21.37
N ASN C 444 -24.42 11.09 -20.78
CA ASN C 444 -23.92 9.83 -20.20
C ASN C 444 -23.34 8.93 -21.28
N LEU C 445 -24.00 8.86 -22.44
CA LEU C 445 -23.48 8.05 -23.54
C LEU C 445 -22.12 8.56 -24.01
N ILE C 446 -21.96 9.88 -24.09
CA ILE C 446 -20.68 10.45 -24.49
C ILE C 446 -19.61 10.16 -23.45
N ASP C 447 -19.94 10.30 -22.16
CA ASP C 447 -18.97 10.08 -21.09
C ASP C 447 -18.65 8.60 -20.89
N LEU C 448 -19.46 7.69 -21.42
CA LEU C 448 -19.24 6.26 -21.24
C LEU C 448 -18.07 5.71 -22.04
N GLN C 449 -17.65 6.39 -23.11
CA GLN C 449 -16.61 5.85 -23.98
C GLN C 449 -15.28 5.62 -23.28
N PRO C 450 -14.71 6.59 -22.54
CA PRO C 450 -13.45 6.28 -21.84
C PRO C 450 -13.59 5.16 -20.82
N LEU C 451 -14.75 5.06 -20.18
CA LEU C 451 -15.01 3.95 -19.26
C LEU C 451 -14.94 2.62 -20.01
N ILE C 452 -15.56 2.55 -21.19
CA ILE C 452 -15.54 1.31 -21.97
C ILE C 452 -14.12 0.98 -22.40
N GLN C 453 -13.34 1.99 -22.80
CA GLN C 453 -11.97 1.74 -23.25
C GLN C 453 -11.12 1.21 -22.10
N THR C 454 -11.13 1.91 -20.95
CA THR C 454 -10.33 1.45 -19.83
C THR C 454 -10.81 0.11 -19.31
N ALA C 455 -12.11 -0.17 -19.46
CA ALA C 455 -12.65 -1.44 -18.98
C ALA C 455 -12.25 -2.60 -19.89
N VAL C 456 -12.22 -2.38 -21.20
CA VAL C 456 -11.78 -3.44 -22.10
C VAL C 456 -10.28 -3.68 -21.92
N VAL C 457 -9.50 -2.62 -21.68
CA VAL C 457 -8.09 -2.80 -21.36
C VAL C 457 -7.94 -3.60 -20.06
N ALA C 458 -8.76 -3.28 -19.06
CA ALA C 458 -8.71 -3.99 -17.79
C ALA C 458 -9.07 -5.46 -17.97
N SER C 459 -10.08 -5.75 -18.79
CA SER C 459 -10.48 -7.12 -19.04
C SER C 459 -9.38 -7.90 -19.77
N ASN C 460 -8.73 -7.25 -20.74
CA ASN C 460 -7.59 -7.88 -21.40
C ASN C 460 -6.45 -8.13 -20.42
N ARG C 461 -6.31 -7.26 -19.40
CA ARG C 461 -5.28 -7.46 -18.39
C ARG C 461 -5.62 -8.64 -17.47
N LEU C 462 -6.87 -8.73 -17.02
CA LEU C 462 -7.25 -9.74 -16.04
C LEU C 462 -7.55 -11.08 -16.72
N GLY C 463 -8.32 -11.05 -17.81
CA GLY C 463 -8.70 -12.28 -18.48
C GLY C 463 -7.57 -13.01 -19.17
N GLU C 464 -6.42 -12.36 -19.32
CA GLU C 464 -5.27 -13.01 -19.95
C GLU C 464 -4.76 -14.17 -19.11
N ILE C 465 -4.70 -13.98 -17.79
CA ILE C 465 -4.18 -15.02 -16.91
C ILE C 465 -5.08 -16.25 -16.91
N LEU C 466 -6.38 -16.04 -17.03
CA LEU C 466 -7.36 -17.12 -16.88
C LEU C 466 -7.28 -18.15 -18.01
N GLU C 467 -6.58 -17.85 -19.10
CA GLU C 467 -6.44 -18.78 -20.21
C GLU C 467 -5.23 -19.69 -20.06
N LEU C 468 -4.52 -19.59 -18.94
CA LEU C 468 -3.31 -20.38 -18.72
C LEU C 468 -3.66 -21.78 -18.24
N ALA C 469 -2.68 -22.68 -18.35
CA ALA C 469 -2.85 -24.06 -17.95
C ALA C 469 -2.35 -24.29 -16.53
N THR C 470 -3.16 -24.96 -15.72
CA THR C 470 -2.79 -25.20 -14.32
C THR C 470 -1.93 -26.44 -14.12
N GLU C 471 -1.58 -26.72 -12.88
CA GLU C 471 -0.73 -27.87 -12.58
C GLU C 471 -1.29 -29.23 -12.92
N LYS C 472 -2.56 -29.44 -12.65
CA LYS C 472 -3.19 -30.75 -12.85
C LYS C 472 -3.18 -31.25 -14.29
N GLU C 473 -3.43 -30.35 -15.24
CA GLU C 473 -3.50 -30.74 -16.64
C GLU C 473 -2.21 -31.32 -17.23
N LEU C 474 -1.06 -30.74 -16.89
CA LEU C 474 0.18 -31.25 -17.46
C LEU C 474 0.58 -32.63 -16.96
N ARG C 475 0.34 -32.92 -15.68
CA ARG C 475 0.71 -34.22 -15.14
C ARG C 475 -0.06 -35.40 -15.72
N GLU C 476 0.63 -36.54 -15.86
CA GLU C 476 0.01 -37.76 -16.36
C GLU C 476 -0.97 -38.30 -15.32
N ASP C 477 -2.19 -38.58 -15.73
CA ASP C 477 -3.22 -39.08 -14.82
C ASP C 477 -3.18 -40.60 -14.60
N SER C 478 -2.17 -41.09 -13.86
CA SER C 478 -2.06 -42.53 -13.61
C SER C 478 -1.24 -42.89 -12.36
N ASP C 479 -1.92 -43.03 -11.22
CA ASP C 479 -1.26 -43.36 -9.95
C ASP C 479 -1.44 -44.81 -9.44
N ASP C 480 -2.03 -45.67 -10.26
CA ASP C 480 -2.30 -47.08 -9.89
C ASP C 480 -1.18 -47.85 -9.17
N PHE C 481 -0.17 -48.25 -9.94
CA PHE C 481 1.00 -48.99 -9.49
C PHE C 481 1.53 -48.62 -8.10
N VAL C 482 1.55 -47.34 -7.76
CA VAL C 482 2.08 -46.92 -6.46
C VAL C 482 1.09 -46.26 -5.52
N ILE C 483 0.97 -46.79 -4.30
CA ILE C 483 0.08 -46.17 -3.32
C ILE C 483 0.89 -45.51 -2.23
N SER C 484 2.21 -45.72 -2.24
CA SER C 484 3.08 -45.13 -1.22
C SER C 484 4.43 -44.82 -1.85
N LEU C 485 5.09 -43.80 -1.31
CA LEU C 485 6.36 -43.33 -1.86
C LEU C 485 7.55 -43.90 -1.10
N LYS C 486 7.79 -45.20 -1.22
CA LYS C 486 8.95 -45.85 -0.62
C LYS C 486 9.83 -46.44 -1.71
N GLY C 487 11.04 -46.82 -1.32
CA GLY C 487 11.96 -47.48 -2.23
C GLY C 487 13.31 -46.82 -2.38
N ASP C 488 13.80 -46.72 -3.61
CA ASP C 488 15.13 -46.21 -3.91
C ASP C 488 14.98 -44.95 -4.74
N ILE C 489 15.74 -43.91 -4.39
CA ILE C 489 15.67 -42.64 -5.10
C ILE C 489 16.87 -42.54 -6.03
N GLU C 490 16.62 -42.24 -7.31
CA GLU C 490 17.68 -42.15 -8.30
C GLU C 490 17.46 -40.91 -9.16
N PHE C 491 18.48 -40.09 -9.28
CA PHE C 491 18.48 -38.92 -10.16
C PHE C 491 19.46 -39.22 -11.29
N ARG C 492 18.93 -39.32 -12.53
CA ARG C 492 19.76 -39.70 -13.68
C ARG C 492 19.92 -38.50 -14.60
N ASN C 493 21.16 -38.03 -14.74
CA ASN C 493 21.54 -36.91 -15.60
C ASN C 493 20.47 -35.83 -15.64
N VAL C 494 20.10 -35.35 -14.45
CA VAL C 494 19.03 -34.38 -14.29
C VAL C 494 19.61 -33.00 -14.53
N ASP C 495 19.12 -32.31 -15.57
CA ASP C 495 19.54 -30.95 -15.88
C ASP C 495 18.34 -30.03 -15.70
N PHE C 496 18.50 -29.01 -14.86
CA PHE C 496 17.45 -28.04 -14.58
C PHE C 496 17.93 -26.64 -14.88
N ARG C 497 17.13 -25.87 -15.60
CA ARG C 497 17.39 -24.47 -15.85
C ARG C 497 16.31 -23.66 -15.12
N TYR C 498 16.73 -22.62 -14.40
CA TYR C 498 15.83 -21.85 -13.56
C TYR C 498 15.03 -20.86 -14.40
N GLY C 499 15.24 -20.89 -15.71
CA GLY C 499 14.60 -19.96 -16.62
C GLY C 499 15.36 -19.88 -17.94
N LEU C 500 15.71 -18.66 -18.36
CA LEU C 500 16.52 -18.50 -19.56
C LEU C 500 17.89 -17.95 -19.18
N ARG C 501 18.46 -18.51 -18.11
CA ARG C 501 19.80 -18.16 -17.65
C ARG C 501 20.68 -19.40 -17.75
N LYS C 502 21.90 -19.28 -17.23
CA LYS C 502 22.80 -20.42 -17.19
C LYS C 502 22.22 -21.50 -16.28
N PRO C 503 22.30 -22.79 -16.66
CA PRO C 503 21.73 -23.84 -15.83
C PRO C 503 22.49 -23.97 -14.51
N VAL C 504 21.73 -23.95 -13.41
CA VAL C 504 22.33 -24.08 -12.09
C VAL C 504 22.74 -25.52 -11.79
N LEU C 505 22.09 -26.50 -12.42
CA LEU C 505 22.37 -27.91 -12.19
C LEU C 505 22.89 -28.54 -13.47
N LYS C 506 24.02 -29.23 -13.36
CA LYS C 506 24.64 -29.91 -14.48
C LYS C 506 24.34 -31.41 -14.41
N ASN C 507 25.03 -32.20 -15.22
CA ASN C 507 24.87 -33.65 -15.20
C ASN C 507 25.15 -34.20 -13.81
N ILE C 508 24.15 -34.89 -13.25
CA ILE C 508 24.22 -35.44 -11.90
C ILE C 508 23.78 -36.90 -11.93
N ASN C 509 24.32 -37.67 -10.97
CA ASN C 509 23.97 -39.09 -10.80
C ASN C 509 23.81 -39.32 -9.30
N LEU C 510 22.58 -39.27 -8.81
CA LEU C 510 22.30 -39.33 -7.38
C LEU C 510 21.62 -40.65 -7.04
N THR C 511 22.05 -41.27 -5.95
CA THR C 511 21.46 -42.52 -5.45
C THR C 511 21.20 -42.36 -3.96
N ILE C 512 19.95 -42.05 -3.60
CA ILE C 512 19.52 -42.01 -2.20
C ILE C 512 18.95 -43.39 -1.85
N PRO C 513 19.59 -44.12 -0.95
CA PRO C 513 19.25 -45.53 -0.77
C PRO C 513 17.96 -45.74 0.01
N LYS C 514 17.62 -47.02 0.19
CA LYS C 514 16.42 -47.39 0.91
C LYS C 514 16.54 -47.07 2.40
N GLY C 515 15.69 -46.16 2.86
CA GLY C 515 15.62 -45.82 4.27
C GLY C 515 16.92 -45.32 4.85
N LYS C 516 17.58 -44.41 4.15
CA LYS C 516 18.88 -43.89 4.56
C LYS C 516 18.78 -42.39 4.80
N THR C 517 19.35 -41.94 5.92
CA THR C 517 19.42 -40.53 6.24
C THR C 517 20.62 -39.93 5.54
N VAL C 518 20.40 -39.01 4.62
CA VAL C 518 21.45 -38.48 3.76
C VAL C 518 21.58 -36.98 4.00
N ALA C 519 22.79 -36.45 3.78
CA ALA C 519 23.10 -35.03 4.01
C ALA C 519 23.67 -34.44 2.73
N ILE C 520 22.97 -33.42 2.22
CA ILE C 520 23.40 -32.68 1.03
C ILE C 520 24.16 -31.44 1.53
N VAL C 521 25.44 -31.33 1.18
CA VAL C 521 26.26 -30.21 1.60
C VAL C 521 26.80 -29.51 0.36
N GLY C 522 26.88 -28.19 0.43
CA GLY C 522 27.39 -27.41 -0.68
C GLY C 522 27.58 -25.97 -0.27
N GLU C 523 28.24 -25.22 -1.16
CA GLU C 523 28.50 -23.81 -0.92
C GLU C 523 27.19 -23.01 -1.06
N SER C 524 27.17 -21.82 -0.47
CA SER C 524 25.95 -21.03 -0.41
C SER C 524 25.40 -20.73 -1.80
N GLY C 525 26.28 -20.37 -2.74
CA GLY C 525 25.84 -20.11 -4.11
C GLY C 525 25.47 -21.36 -4.88
N SER C 526 25.82 -22.54 -4.37
CA SER C 526 25.45 -23.78 -5.03
C SER C 526 23.97 -24.08 -4.82
N GLY C 527 23.42 -24.87 -5.73
CA GLY C 527 22.01 -25.21 -5.68
C GLY C 527 21.69 -26.38 -4.77
N LYS C 528 21.07 -26.10 -3.63
CA LYS C 528 20.68 -27.16 -2.70
C LYS C 528 19.17 -27.17 -2.53
N THR C 529 18.57 -26.00 -2.31
CA THR C 529 17.12 -25.92 -2.16
C THR C 529 16.41 -26.22 -3.48
N THR C 530 17.05 -25.90 -4.60
CA THR C 530 16.47 -26.21 -5.90
C THR C 530 16.31 -27.72 -6.07
N LEU C 531 17.30 -28.50 -5.62
CA LEU C 531 17.17 -29.95 -5.69
C LEU C 531 16.00 -30.44 -4.87
N ALA C 532 15.82 -29.90 -3.66
CA ALA C 532 14.69 -30.30 -2.82
C ALA C 532 13.37 -29.93 -3.48
N LYS C 533 13.30 -28.76 -4.12
CA LYS C 533 12.11 -28.39 -4.86
C LYS C 533 11.85 -29.36 -6.02
N LEU C 534 12.93 -29.86 -6.63
CA LEU C 534 12.78 -30.89 -7.66
C LEU C 534 12.21 -32.17 -7.07
N LEU C 535 12.60 -32.51 -5.84
CA LEU C 535 11.94 -33.62 -5.15
C LEU C 535 10.45 -33.35 -4.98
N MET C 536 10.08 -32.12 -4.62
CA MET C 536 8.71 -31.75 -4.34
C MET C 536 7.89 -31.50 -5.60
N ASN C 537 8.52 -31.54 -6.78
CA ASN C 537 7.85 -31.33 -8.06
C ASN C 537 7.19 -29.96 -8.16
N PHE C 538 7.88 -28.92 -7.68
CA PHE C 538 7.43 -27.55 -7.93
C PHE C 538 7.72 -27.13 -9.37
N TYR C 539 8.75 -27.72 -9.98
CA TYR C 539 9.12 -27.44 -11.36
C TYR C 539 9.15 -28.74 -12.15
N SER C 540 9.56 -28.64 -13.42
CA SER C 540 9.69 -29.79 -14.28
C SER C 540 11.09 -29.86 -14.88
N PRO C 541 11.80 -30.97 -14.68
CA PRO C 541 13.15 -31.08 -15.25
C PRO C 541 13.11 -31.07 -16.77
N GLU C 542 14.15 -30.46 -17.36
CA GLU C 542 14.27 -30.41 -18.81
C GLU C 542 14.93 -31.65 -19.39
N LYS C 543 15.97 -32.17 -18.75
CA LYS C 543 16.63 -33.38 -19.20
C LYS C 543 16.86 -34.27 -17.99
N GLY C 544 16.86 -35.59 -18.24
CA GLY C 544 17.02 -36.55 -17.16
C GLY C 544 15.70 -36.94 -16.53
N ASP C 545 15.79 -37.82 -15.54
CA ASP C 545 14.59 -38.31 -14.89
C ASP C 545 14.86 -38.63 -13.41
N ILE C 546 13.76 -38.70 -12.66
CA ILE C 546 13.75 -39.02 -11.25
C ILE C 546 13.03 -40.35 -11.08
N LEU C 547 13.75 -41.37 -10.62
CA LEU C 547 13.21 -42.72 -10.47
C LEU C 547 12.99 -43.01 -8.99
N ILE C 548 11.77 -43.40 -8.63
CA ILE C 548 11.44 -43.79 -7.26
C ILE C 548 11.00 -45.25 -7.30
N ASN C 549 11.87 -46.13 -6.79
CA ASN C 549 11.60 -47.56 -6.73
C ASN C 549 11.22 -48.11 -8.12
N GLY C 550 11.95 -47.65 -9.13
CA GLY C 550 11.71 -48.11 -10.49
C GLY C 550 10.58 -47.42 -11.21
N HIS C 551 10.04 -46.33 -10.68
CA HIS C 551 9.01 -45.56 -11.35
C HIS C 551 9.38 -44.08 -11.34
N SER C 552 8.93 -43.37 -12.37
CA SER C 552 9.29 -41.97 -12.53
C SER C 552 8.25 -41.05 -11.89
N ILE C 553 8.61 -39.76 -11.80
CA ILE C 553 7.71 -38.77 -11.21
C ILE C 553 6.47 -38.59 -12.09
N LYS C 554 6.66 -38.51 -13.40
CA LYS C 554 5.52 -38.25 -14.29
C LYS C 554 4.51 -39.38 -14.24
N ASN C 555 4.94 -40.59 -13.89
CA ASN C 555 4.00 -41.70 -13.73
C ASN C 555 3.18 -41.56 -12.45
N ILE C 556 3.84 -41.22 -11.35
CA ILE C 556 3.14 -41.16 -10.07
C ILE C 556 2.28 -39.91 -9.99
N SER C 557 1.13 -40.03 -9.34
CA SER C 557 0.18 -38.92 -9.26
C SER C 557 0.74 -37.79 -8.40
N LEU C 558 0.26 -36.58 -8.67
CA LEU C 558 0.73 -35.41 -7.94
C LEU C 558 0.25 -35.42 -6.48
N GLU C 559 -0.94 -35.97 -6.25
CA GLU C 559 -1.51 -35.96 -4.90
C GLU C 559 -0.63 -36.73 -3.92
N LEU C 560 -0.13 -37.90 -4.32
CA LEU C 560 0.73 -38.68 -3.44
C LEU C 560 2.02 -37.94 -3.13
N ILE C 561 2.60 -37.27 -4.14
CA ILE C 561 3.81 -36.50 -3.94
C ILE C 561 3.56 -35.37 -2.94
N ARG C 562 2.43 -34.68 -3.10
CA ARG C 562 2.13 -33.56 -2.21
C ARG C 562 1.78 -34.03 -0.80
N LYS C 563 1.25 -35.24 -0.66
CA LYS C 563 0.77 -35.69 0.65
C LYS C 563 1.86 -36.38 1.45
N LYS C 564 2.66 -37.24 0.81
CA LYS C 564 3.59 -38.11 1.52
C LYS C 564 4.99 -37.53 1.62
N ILE C 565 5.23 -36.31 1.14
CA ILE C 565 6.53 -35.67 1.19
C ILE C 565 6.39 -34.34 1.93
N ALA C 566 7.21 -34.14 2.96
CA ALA C 566 7.24 -32.88 3.70
C ALA C 566 8.57 -32.19 3.47
N PHE C 567 8.51 -30.88 3.25
CA PHE C 567 9.69 -30.05 2.98
C PHE C 567 9.66 -28.84 3.89
N VAL C 568 10.68 -28.68 4.72
CA VAL C 568 10.80 -27.54 5.62
C VAL C 568 11.42 -26.39 4.84
N SER C 569 10.68 -25.29 4.72
CA SER C 569 11.16 -24.12 3.98
C SER C 569 12.34 -23.43 4.66
N GLN C 570 13.12 -22.69 3.87
CA GLN C 570 14.27 -21.96 4.39
C GLN C 570 13.83 -20.92 5.41
N ASP C 571 12.72 -20.24 5.10
CA ASP C 571 12.17 -19.22 5.99
C ASP C 571 10.87 -19.76 6.56
N VAL C 572 10.76 -19.76 7.88
CA VAL C 572 9.57 -20.26 8.56
C VAL C 572 8.40 -19.30 8.46
N PHE C 573 7.46 -19.59 7.57
CA PHE C 573 6.28 -18.74 7.41
C PHE C 573 5.19 -19.28 8.32
N ILE C 574 4.70 -18.44 9.23
CA ILE C 574 3.67 -18.80 10.17
C ILE C 574 2.41 -18.02 9.82
N PHE C 575 1.32 -18.73 9.55
CA PHE C 575 0.07 -18.09 9.14
C PHE C 575 -0.64 -17.47 10.33
N SER C 576 -1.36 -16.39 10.05
CA SER C 576 -2.13 -15.71 11.10
C SER C 576 -3.36 -16.52 11.46
N GLY C 577 -3.52 -16.80 12.74
CA GLY C 577 -4.62 -17.59 13.23
C GLY C 577 -4.19 -18.39 14.44
N THR C 578 -5.04 -19.31 14.86
CA THR C 578 -4.74 -20.17 16.00
C THR C 578 -3.60 -21.11 15.66
N VAL C 579 -2.80 -21.43 16.69
CA VAL C 579 -1.68 -22.33 16.49
C VAL C 579 -2.16 -23.74 16.14
N LYS C 580 -3.30 -24.15 16.69
CA LYS C 580 -3.83 -25.49 16.40
C LYS C 580 -4.07 -25.67 14.91
N GLU C 581 -4.71 -24.69 14.26
CA GLU C 581 -4.93 -24.79 12.82
C GLU C 581 -3.61 -24.82 12.06
N ASN C 582 -2.61 -24.08 12.55
CA ASN C 582 -1.32 -24.05 11.87
C ASN C 582 -0.63 -25.41 11.89
N LEU C 583 -0.66 -26.10 13.03
CA LEU C 583 -0.03 -27.42 13.09
C LEU C 583 -0.74 -28.42 12.17
N CYS C 584 -2.07 -28.41 12.17
CA CYS C 584 -2.84 -29.34 11.34
C CYS C 584 -3.68 -28.54 10.34
N LEU C 585 -3.08 -28.25 9.19
CA LEU C 585 -3.77 -27.61 8.08
C LEU C 585 -3.66 -28.50 6.85
N GLY C 586 -4.73 -28.51 6.05
CA GLY C 586 -4.81 -29.43 4.93
C GLY C 586 -5.47 -30.74 5.33
N ASN C 587 -5.00 -31.35 6.42
CA ASN C 587 -5.60 -32.56 6.96
C ASN C 587 -6.37 -32.23 8.23
N GLU C 588 -7.57 -32.79 8.34
CA GLU C 588 -8.46 -32.52 9.46
C GLU C 588 -8.86 -33.84 10.09
N ASN C 589 -9.81 -33.77 11.04
CA ASN C 589 -10.20 -34.92 11.85
C ASN C 589 -8.98 -35.54 12.55
N VAL C 590 -8.12 -34.68 13.06
CA VAL C 590 -6.84 -35.09 13.62
C VAL C 590 -6.90 -35.01 15.14
N ASP C 591 -6.34 -36.02 15.79
CA ASP C 591 -6.40 -36.17 17.24
C ASP C 591 -5.32 -35.32 17.91
N MET C 592 -5.44 -35.18 19.23
CA MET C 592 -4.59 -34.24 19.95
C MET C 592 -3.29 -34.88 20.43
N ASP C 593 -3.30 -36.18 20.74
CA ASP C 593 -2.15 -36.77 21.42
C ASP C 593 -0.95 -36.94 20.47
N GLU C 594 -1.21 -37.20 19.19
CA GLU C 594 -0.10 -37.20 18.24
C GLU C 594 0.46 -35.78 18.06
N ILE C 595 -0.40 -34.77 18.20
CA ILE C 595 0.08 -33.40 18.20
C ILE C 595 0.99 -33.16 19.40
N ILE C 596 0.62 -33.68 20.57
CA ILE C 596 1.43 -33.50 21.76
C ILE C 596 2.78 -34.20 21.59
N LYS C 597 2.77 -35.42 21.07
CA LYS C 597 4.04 -36.13 20.88
C LYS C 597 4.89 -35.47 19.80
N ALA C 598 4.26 -34.84 18.79
CA ALA C 598 5.01 -34.08 17.80
C ALA C 598 5.64 -32.85 18.42
N ALA C 599 4.93 -32.18 19.32
CA ALA C 599 5.49 -31.04 20.02
C ALA C 599 6.69 -31.45 20.87
N LYS C 600 6.59 -32.60 21.54
CA LYS C 600 7.75 -33.13 22.26
C LYS C 600 8.87 -33.52 21.31
N MET C 601 8.51 -33.99 20.11
CA MET C 601 9.50 -34.35 19.10
C MET C 601 10.27 -33.14 18.60
N ALA C 602 9.61 -31.99 18.47
CA ALA C 602 10.26 -30.78 17.99
C ALA C 602 10.91 -29.98 19.12
N ASN C 603 10.91 -30.49 20.34
CA ASN C 603 11.41 -29.77 21.51
C ASN C 603 10.72 -28.42 21.64
N ALA C 604 9.41 -28.41 21.40
CA ALA C 604 8.59 -27.21 21.45
C ALA C 604 7.50 -27.24 22.50
N HIS C 605 7.19 -28.42 23.05
CA HIS C 605 6.10 -28.54 24.01
C HIS C 605 6.38 -27.76 25.29
N ASP C 606 7.64 -27.38 25.53
CA ASP C 606 7.99 -26.72 26.78
C ASP C 606 7.40 -25.32 26.88
N PHE C 607 7.54 -24.51 25.83
CA PHE C 607 7.21 -23.09 25.93
C PHE C 607 5.74 -22.78 25.63
N ILE C 608 4.96 -23.77 25.18
CA ILE C 608 3.56 -23.50 24.85
C ILE C 608 2.78 -23.11 26.10
N GLU C 609 3.13 -23.70 27.25
CA GLU C 609 2.43 -23.36 28.49
C GLU C 609 2.63 -21.90 28.88
N LYS C 610 3.75 -21.29 28.45
CA LYS C 610 4.02 -19.91 28.81
C LYS C 610 3.05 -18.93 28.15
N LEU C 611 2.41 -19.34 27.05
CA LEU C 611 1.42 -18.50 26.41
C LEU C 611 0.18 -18.35 27.29
N PRO C 612 -0.53 -17.23 27.18
CA PRO C 612 -1.74 -17.05 28.00
C PRO C 612 -2.78 -18.15 27.79
N LEU C 613 -2.92 -18.64 26.57
CA LEU C 613 -3.84 -19.72 26.25
C LEU C 613 -3.05 -20.90 25.69
N LYS C 614 -3.47 -22.11 26.05
CA LYS C 614 -2.70 -23.31 25.69
C LYS C 614 -2.62 -23.48 24.18
N TYR C 615 -3.76 -23.71 23.52
CA TYR C 615 -3.79 -23.90 22.08
C TYR C 615 -4.74 -22.95 21.37
N ASP C 616 -5.43 -22.06 22.07
CA ASP C 616 -6.38 -21.14 21.45
C ASP C 616 -5.76 -19.76 21.22
N THR C 617 -4.49 -19.58 21.56
CA THR C 617 -3.82 -18.30 21.36
C THR C 617 -3.75 -17.97 19.87
N PHE C 618 -4.09 -16.73 19.52
CA PHE C 618 -4.06 -16.26 18.14
C PHE C 618 -2.70 -15.64 17.88
N LEU C 619 -2.05 -16.06 16.79
CA LEU C 619 -0.73 -15.55 16.43
C LEU C 619 -0.92 -14.33 15.53
N ASN C 620 -0.89 -13.15 16.14
CA ASN C 620 -1.10 -11.92 15.40
C ASN C 620 0.14 -11.56 14.58
N GLU C 621 -0.09 -10.82 13.50
CA GLU C 621 0.97 -10.33 12.62
C GLU C 621 1.84 -11.49 12.11
N SER C 622 1.17 -12.57 11.72
CA SER C 622 1.84 -13.78 11.22
C SER C 622 2.84 -14.32 12.23
N GLY C 623 2.51 -14.22 13.51
CA GLY C 623 3.38 -14.70 14.57
C GLY C 623 4.70 -13.96 14.66
N ALA C 624 4.67 -12.63 14.49
CA ALA C 624 5.88 -11.84 14.57
C ALA C 624 6.42 -11.74 16.00
N ASN C 625 5.56 -11.88 17.01
CA ASN C 625 6.02 -11.81 18.39
C ASN C 625 6.90 -12.99 18.74
N LEU C 626 6.60 -14.16 18.19
CA LEU C 626 7.38 -15.36 18.49
C LEU C 626 8.80 -15.24 17.96
N SER C 627 9.74 -15.87 18.68
CA SER C 627 11.14 -15.84 18.29
C SER C 627 11.37 -16.74 17.08
N GLU C 628 12.54 -16.54 16.45
CA GLU C 628 12.89 -17.32 15.27
C GLU C 628 13.05 -18.80 15.62
N GLY C 629 13.64 -19.10 16.77
CA GLY C 629 13.76 -20.48 17.20
C GLY C 629 12.41 -21.14 17.41
N GLN C 630 11.47 -20.41 18.03
CA GLN C 630 10.11 -20.92 18.18
C GLN C 630 9.45 -21.10 16.83
N LYS C 631 9.71 -20.18 15.89
CA LYS C 631 9.16 -20.33 14.54
C LYS C 631 9.66 -21.62 13.89
N GLN C 632 10.95 -21.90 14.03
CA GLN C 632 11.50 -23.15 13.50
C GLN C 632 10.89 -24.36 14.19
N ARG C 633 10.70 -24.29 15.51
CA ARG C 633 10.10 -25.40 16.22
C ARG C 633 8.68 -25.68 15.72
N LEU C 634 7.88 -24.63 15.52
CA LEU C 634 6.54 -24.81 14.98
C LEU C 634 6.58 -25.36 13.56
N ALA C 635 7.54 -24.90 12.74
CA ALA C 635 7.66 -25.44 11.40
C ALA C 635 7.98 -26.93 11.42
N ILE C 636 8.89 -27.33 12.32
CA ILE C 636 9.24 -28.75 12.45
C ILE C 636 8.03 -29.56 12.91
N ALA C 637 7.28 -29.03 13.87
CA ALA C 637 6.08 -29.72 14.34
C ALA C 637 5.07 -29.89 13.22
N ARG C 638 4.87 -28.83 12.43
CA ARG C 638 3.95 -28.92 11.29
C ARG C 638 4.42 -29.96 10.30
N ALA C 639 5.73 -30.00 10.01
CA ALA C 639 6.26 -30.96 9.05
C ALA C 639 6.07 -32.40 9.53
N LEU C 640 6.42 -32.67 10.78
CA LEU C 640 6.38 -34.03 11.30
C LEU C 640 5.00 -34.46 11.78
N LEU C 641 4.03 -33.55 11.84
CA LEU C 641 2.65 -33.97 12.10
C LEU C 641 2.07 -34.74 10.92
N LYS C 642 2.64 -34.55 9.73
CA LYS C 642 2.13 -35.15 8.50
C LYS C 642 2.69 -36.56 8.28
N LYS C 643 3.64 -36.99 9.12
CA LYS C 643 4.36 -38.27 9.05
C LYS C 643 4.68 -38.65 7.61
N PRO C 644 5.52 -37.88 6.93
CA PRO C 644 5.80 -38.13 5.51
C PRO C 644 6.70 -39.34 5.31
N ASP C 645 6.66 -39.86 4.09
CA ASP C 645 7.62 -40.89 3.69
C ASP C 645 8.98 -40.27 3.39
N ILE C 646 8.99 -39.05 2.87
CA ILE C 646 10.21 -38.32 2.55
C ILE C 646 10.19 -37.00 3.30
N LEU C 647 11.13 -36.81 4.22
CA LEU C 647 11.21 -35.62 5.04
C LEU C 647 12.47 -34.84 4.69
N ILE C 648 12.30 -33.57 4.34
CA ILE C 648 13.43 -32.74 3.89
C ILE C 648 13.67 -31.62 4.89
N LEU C 649 14.73 -31.77 5.70
CA LEU C 649 15.18 -30.69 6.57
C LEU C 649 16.12 -29.78 5.80
N ASP C 650 15.91 -28.48 5.89
CA ASP C 650 16.81 -27.53 5.23
C ASP C 650 17.61 -26.65 6.17
N GLU C 651 16.96 -25.85 7.01
CA GLU C 651 17.64 -24.91 7.90
C GLU C 651 17.11 -25.05 9.32
N ALA C 652 16.90 -26.28 9.79
CA ALA C 652 16.37 -26.48 11.14
C ALA C 652 17.37 -26.02 12.19
N THR C 653 18.66 -26.27 11.96
CA THR C 653 19.70 -26.00 12.94
C THR C 653 20.15 -24.53 12.95
N SER C 654 19.38 -23.62 12.35
CA SER C 654 19.82 -22.23 12.25
C SER C 654 19.97 -21.58 13.62
N ASN C 655 19.01 -21.79 14.51
CA ASN C 655 19.04 -21.23 15.85
C ASN C 655 19.31 -22.34 16.85
N LEU C 656 20.22 -22.09 17.79
CA LEU C 656 20.73 -23.17 18.64
C LEU C 656 20.80 -22.70 20.09
N ASP C 657 20.60 -23.66 20.99
CA ASP C 657 20.83 -23.48 22.42
C ASP C 657 21.82 -24.52 22.95
N SER C 658 22.58 -25.14 22.04
CA SER C 658 23.62 -26.12 22.35
C SER C 658 23.04 -27.43 22.87
N ILE C 659 21.72 -27.50 23.04
CA ILE C 659 21.09 -28.73 23.50
C ILE C 659 19.93 -29.11 22.59
N THR C 660 19.33 -28.12 21.92
CA THR C 660 18.15 -28.37 21.10
C THR C 660 18.49 -29.28 19.93
N GLU C 661 19.59 -29.01 19.23
CA GLU C 661 19.99 -29.87 18.12
C GLU C 661 20.42 -31.25 18.61
N ASN C 662 20.99 -31.34 19.81
CA ASN C 662 21.30 -32.65 20.37
C ASN C 662 20.02 -33.47 20.56
N HIS C 663 18.97 -32.85 21.12
CA HIS C 663 17.71 -33.55 21.29
C HIS C 663 17.09 -33.90 19.94
N ILE C 664 17.16 -32.99 18.97
CA ILE C 664 16.59 -33.25 17.65
C ILE C 664 17.29 -34.42 16.98
N LYS C 665 18.63 -34.46 17.05
CA LYS C 665 19.37 -35.57 16.49
C LYS C 665 19.04 -36.88 17.19
N ASP C 666 18.96 -36.87 18.53
CA ASP C 666 18.64 -38.09 19.25
C ASP C 666 17.26 -38.60 18.88
N ALA C 667 16.29 -37.70 18.72
CA ALA C 667 14.94 -38.11 18.39
C ALA C 667 14.83 -38.56 16.93
N ILE C 668 15.55 -37.91 16.02
CA ILE C 668 15.56 -38.35 14.62
C ILE C 668 16.14 -39.75 14.52
N TYR C 669 17.23 -40.02 15.24
CA TYR C 669 17.73 -41.38 15.34
C TYR C 669 16.69 -42.33 15.90
N GLY C 670 15.77 -41.85 16.73
CA GLY C 670 14.68 -42.66 17.22
C GLY C 670 13.45 -42.58 16.33
N LEU C 671 13.55 -43.14 15.12
CA LEU C 671 12.41 -43.19 14.21
C LEU C 671 11.88 -44.59 13.97
N GLU C 672 12.73 -45.61 13.89
CA GLU C 672 12.31 -47.01 13.80
C GLU C 672 11.38 -47.21 12.60
N ASP C 673 11.73 -46.57 11.49
CA ASP C 673 10.92 -46.63 10.28
C ASP C 673 11.84 -46.44 9.09
N ASP C 674 11.38 -46.87 7.90
CA ASP C 674 12.19 -46.79 6.70
C ASP C 674 12.01 -45.46 5.95
N VAL C 675 11.57 -44.41 6.64
CA VAL C 675 11.41 -43.11 6.00
C VAL C 675 12.77 -42.56 5.60
N THR C 676 12.78 -41.76 4.52
CA THR C 676 14.00 -41.17 4.00
C THR C 676 14.07 -39.70 4.42
N VAL C 677 15.18 -39.33 5.07
CA VAL C 677 15.38 -37.99 5.59
C VAL C 677 16.56 -37.37 4.85
N ILE C 678 16.33 -36.22 4.23
CA ILE C 678 17.36 -35.49 3.52
C ILE C 678 17.65 -34.20 4.27
N ILE C 679 18.87 -34.04 4.75
CA ILE C 679 19.26 -32.88 5.55
C ILE C 679 20.20 -32.01 4.71
N ILE C 680 19.80 -30.78 4.45
CA ILE C 680 20.67 -29.83 3.76
C ILE C 680 21.51 -29.11 4.80
N ALA C 681 22.82 -29.11 4.59
CA ALA C 681 23.76 -28.60 5.59
C ALA C 681 24.57 -27.44 5.03
N HIS C 682 24.60 -26.34 5.79
CA HIS C 682 25.50 -25.24 5.49
C HIS C 682 26.76 -25.37 6.35
N ARG C 683 26.58 -25.57 7.65
CA ARG C 683 27.70 -25.80 8.54
C ARG C 683 28.09 -27.28 8.52
N LEU C 684 29.39 -27.54 8.45
CA LEU C 684 29.90 -28.90 8.28
C LEU C 684 29.87 -29.72 9.57
N SER C 685 30.09 -29.09 10.73
CA SER C 685 30.14 -29.85 11.97
C SER C 685 28.76 -30.35 12.37
N THR C 686 27.69 -29.75 11.82
CA THR C 686 26.34 -30.19 12.13
C THR C 686 26.11 -31.64 11.68
N ILE C 687 26.60 -31.99 10.49
CA ILE C 687 26.44 -33.34 9.98
C ILE C 687 27.59 -34.24 10.42
N VAL C 688 27.41 -34.91 11.56
CA VAL C 688 28.40 -35.83 12.08
C VAL C 688 27.88 -37.24 11.86
N ASN C 689 28.82 -38.18 11.69
CA ASN C 689 28.57 -39.63 11.54
C ASN C 689 27.33 -39.93 10.70
N CYS C 690 27.17 -39.18 9.61
CA CYS C 690 26.05 -39.35 8.70
C CYS C 690 26.28 -40.55 7.78
N ASP C 691 25.20 -41.23 7.43
CA ASP C 691 25.31 -42.42 6.60
C ASP C 691 25.86 -42.09 5.22
N LYS C 692 25.35 -41.03 4.61
CA LYS C 692 25.78 -40.63 3.28
C LYS C 692 25.82 -39.11 3.18
N ILE C 693 26.88 -38.59 2.58
CA ILE C 693 27.06 -37.16 2.37
C ILE C 693 27.32 -36.92 0.90
N TYR C 694 26.56 -35.99 0.30
CA TYR C 694 26.74 -35.60 -1.09
C TYR C 694 27.24 -34.16 -1.12
N LEU C 695 28.47 -33.98 -1.60
CA LEU C 695 29.06 -32.65 -1.76
C LEU C 695 28.76 -32.14 -3.16
N LEU C 696 28.18 -30.94 -3.23
CA LEU C 696 27.76 -30.34 -4.49
C LEU C 696 28.53 -29.06 -4.74
N LYS C 697 29.16 -28.98 -5.92
CA LYS C 697 29.91 -27.76 -6.31
C LYS C 697 30.03 -27.78 -7.84
N ASP C 698 30.09 -26.62 -8.48
CA ASP C 698 30.10 -26.57 -9.97
C ASP C 698 28.81 -27.23 -10.48
N GLY C 699 27.70 -27.00 -9.78
CA GLY C 699 26.39 -27.55 -10.20
C GLY C 699 26.43 -29.05 -10.42
N GLU C 700 27.22 -29.78 -9.62
CA GLU C 700 27.28 -31.22 -9.75
C GLU C 700 27.80 -31.83 -8.45
N ILE C 701 27.48 -33.10 -8.25
CA ILE C 701 27.95 -33.84 -7.09
C ILE C 701 29.35 -34.37 -7.37
N VAL C 702 30.28 -34.12 -6.45
CA VAL C 702 31.67 -34.52 -6.60
C VAL C 702 32.03 -35.64 -5.62
N GLU C 703 31.80 -35.42 -4.33
CA GLU C 703 32.15 -36.40 -3.31
C GLU C 703 30.90 -37.19 -2.91
N SER C 704 31.01 -38.51 -2.94
CA SER C 704 29.92 -39.42 -2.57
C SER C 704 30.51 -40.53 -1.71
N GLY C 705 30.40 -40.39 -0.39
CA GLY C 705 30.91 -41.40 0.51
C GLY C 705 30.64 -41.03 1.95
N SER C 706 31.06 -41.91 2.85
CA SER C 706 30.94 -41.68 4.28
C SER C 706 32.08 -40.76 4.74
N HIS C 707 32.00 -40.33 6.00
CA HIS C 707 32.96 -39.36 6.52
C HIS C 707 34.38 -39.91 6.50
N THR C 708 34.56 -41.16 6.94
CA THR C 708 35.91 -41.71 7.10
C THR C 708 36.61 -41.82 5.75
N GLU C 709 35.93 -42.37 4.74
CA GLU C 709 36.56 -42.58 3.44
C GLU C 709 36.78 -41.25 2.71
N LEU C 710 35.86 -40.30 2.89
CA LEU C 710 36.04 -38.99 2.27
C LEU C 710 37.22 -38.25 2.89
N ILE C 711 37.38 -38.34 4.21
CA ILE C 711 38.55 -37.74 4.86
C ILE C 711 39.82 -38.43 4.39
N ALA C 712 39.79 -39.77 4.32
CA ALA C 712 40.96 -40.51 3.83
C ALA C 712 41.19 -40.26 2.35
N LEU C 713 40.15 -39.88 1.61
CA LEU C 713 40.29 -39.64 0.18
C LEU C 713 41.22 -38.48 -0.13
N LYS C 714 41.33 -37.51 0.78
CA LYS C 714 42.14 -36.31 0.57
C LYS C 714 41.68 -35.59 -0.71
N GLY C 715 40.45 -35.09 -0.66
CA GLY C 715 39.87 -34.39 -1.80
C GLY C 715 39.34 -33.02 -1.44
N CYS C 716 38.23 -32.63 -2.09
CA CYS C 716 37.66 -31.31 -1.83
C CYS C 716 37.05 -31.24 -0.44
N TYR C 717 36.55 -32.36 0.09
CA TYR C 717 35.90 -32.35 1.39
C TYR C 717 36.91 -32.08 2.50
N PHE C 718 38.05 -32.78 2.48
CA PHE C 718 39.09 -32.51 3.46
C PHE C 718 39.68 -31.11 3.27
N LYS C 719 39.69 -30.63 2.02
CA LYS C 719 40.14 -29.26 1.77
C LYS C 719 39.20 -28.26 2.43
N MET C 720 37.90 -28.51 2.38
CA MET C 720 36.95 -27.64 3.08
C MET C 720 37.10 -27.78 4.59
N TRP C 721 37.53 -28.95 5.06
CA TRP C 721 37.83 -29.06 6.49
C TRP C 721 39.13 -28.37 6.89
N LYS C 722 39.80 -27.57 6.07
CA LYS C 722 40.95 -26.81 6.54
C LYS C 722 40.54 -25.83 7.63
N GLN C 723 39.29 -25.34 7.60
CA GLN C 723 38.75 -24.46 8.62
C GLN C 723 38.04 -25.27 9.69
N THR C 724 37.30 -24.59 10.57
CA THR C 724 36.49 -25.23 11.60
C THR C 724 37.33 -26.15 12.49
N GLU C 725 38.53 -25.71 12.86
CA GLU C 725 39.40 -26.49 13.72
C GLU C 725 40.15 -25.58 14.69
N ASN D 11 25.08 -10.40 -41.98
CA ASN D 11 24.00 -9.42 -42.05
C ASN D 11 24.52 -8.01 -41.86
N ILE D 12 23.93 -7.28 -40.92
CA ILE D 12 24.37 -5.92 -40.65
C ILE D 12 25.77 -5.90 -40.07
N GLY D 13 26.05 -6.78 -39.10
CA GLY D 13 27.35 -6.82 -38.47
C GLY D 13 27.70 -8.23 -38.02
N ARG D 14 28.81 -8.34 -37.32
CA ARG D 14 29.27 -9.62 -36.81
C ARG D 14 28.31 -10.15 -35.76
N GLU D 15 28.12 -11.47 -35.74
CA GLU D 15 27.19 -12.08 -34.80
C GLU D 15 27.69 -11.89 -33.36
N LEU D 16 26.76 -11.58 -32.47
CA LEU D 16 27.09 -11.32 -31.08
C LEU D 16 27.09 -12.61 -30.27
N THR D 17 28.01 -12.68 -29.31
CA THR D 17 28.14 -13.84 -28.44
C THR D 17 27.00 -13.88 -27.42
N ASP D 18 26.73 -15.09 -26.94
CA ASP D 18 25.66 -15.28 -25.96
C ASP D 18 26.03 -14.70 -24.61
N GLU D 19 27.33 -14.64 -24.29
CA GLU D 19 27.77 -14.20 -22.97
C GLU D 19 27.34 -12.77 -22.70
N GLU D 20 27.55 -11.88 -23.66
CA GLU D 20 27.14 -10.49 -23.47
C GLU D 20 25.64 -10.33 -23.76
N LEU D 21 25.05 -11.29 -24.48
CA LEU D 21 23.60 -11.33 -24.62
C LEU D 21 22.94 -11.53 -23.26
N MET D 22 23.58 -12.31 -22.38
CA MET D 22 23.12 -12.40 -21.00
C MET D 22 23.12 -11.04 -20.33
N GLU D 23 24.13 -10.22 -20.64
CA GLU D 23 24.20 -8.87 -20.08
C GLU D 23 23.06 -7.98 -20.55
N MET D 24 22.61 -8.14 -21.79
CA MET D 24 21.55 -7.31 -22.33
C MET D 24 20.23 -7.63 -21.61
N THR D 25 19.73 -6.66 -20.85
CA THR D 25 18.52 -6.83 -20.06
C THR D 25 17.51 -5.73 -20.39
N GLY D 26 16.25 -6.03 -20.14
CA GLY D 26 15.17 -5.09 -20.36
C GLY D 26 14.44 -4.71 -19.10
N GLY D 27 13.16 -4.37 -19.22
CA GLY D 27 12.36 -3.98 -18.08
C GLY D 27 12.42 -2.49 -17.77
PG ATP E . 19.64 -10.26 17.62
O1G ATP E . 18.82 -10.13 18.86
O2G ATP E . 19.39 -11.56 16.84
O3G ATP E . 19.50 -9.07 16.66
PB ATP E . 22.42 -9.31 18.23
O1B ATP E . 22.58 -8.34 17.13
O2B ATP E . 23.64 -10.18 18.53
O3B ATP E . 21.20 -10.31 17.97
PA ATP E . 21.52 -7.16 20.04
O1A ATP E . 22.64 -6.39 20.63
O2A ATP E . 20.85 -6.50 18.84
O3A ATP E . 21.99 -8.61 19.59
O5' ATP E . 20.42 -7.45 21.13
C5' ATP E . 19.46 -6.45 21.52
C4' ATP E . 18.81 -6.86 22.82
O4' ATP E . 17.59 -6.11 23.01
C3' ATP E . 18.43 -8.33 22.93
O3' ATP E . 18.55 -8.80 24.26
C2' ATP E . 16.98 -8.34 22.45
O2' ATP E . 16.24 -9.42 22.99
C1' ATP E . 16.48 -7.00 23.02
N9 ATP E . 15.40 -6.39 22.26
C8 ATP E . 14.11 -6.19 22.67
N7 ATP E . 13.33 -5.62 21.78
C5 ATP E . 14.18 -5.42 20.69
C6 ATP E . 13.97 -4.87 19.42
N6 ATP E . 12.81 -4.37 19.00
N1 ATP E . 15.03 -4.83 18.57
C2 ATP E . 16.19 -5.32 18.99
N3 ATP E . 16.51 -5.88 20.16
C4 ATP E . 15.45 -5.90 20.98
MG MG F . 22.52 -9.16 15.19
PG ATP G . 20.73 -20.08 0.04
O1G ATP G . 21.89 -19.13 0.13
O2G ATP G . 20.42 -20.77 1.31
O3G ATP G . 19.52 -19.49 -0.63
PB ATP G . 20.39 -22.54 -0.83
O1B ATP G . 21.15 -23.41 0.06
O2B ATP G . 19.01 -22.20 -0.49
O3B ATP G . 21.21 -21.21 -0.88
PA ATP G . 19.72 -22.01 -3.40
O1A ATP G . 18.26 -22.01 -3.19
O2A ATP G . 20.37 -20.69 -3.35
O3A ATP G . 20.43 -22.96 -2.36
O5' ATP G . 20.01 -22.63 -4.83
C5' ATP G . 19.24 -21.81 -5.71
C4' ATP G . 19.98 -21.53 -6.99
O4' ATP G . 19.09 -20.82 -7.88
C3' ATP G . 21.21 -20.63 -6.88
O3' ATP G . 22.09 -20.92 -7.95
C2' ATP G . 20.60 -19.25 -7.11
O2' ATP G . 21.56 -18.30 -7.52
C1' ATP G . 19.66 -19.59 -8.25
N9 ATP G . 18.63 -18.62 -8.44
C8 ATP G . 18.57 -17.72 -9.45
N7 ATP G . 17.54 -16.92 -9.37
C5 ATP G . 16.89 -17.31 -8.21
C6 ATP G . 15.74 -16.84 -7.57
N6 ATP G . 14.99 -15.85 -8.04
N1 ATP G . 15.35 -17.48 -6.46
C2 ATP G . 16.11 -18.48 -6.00
N3 ATP G . 17.21 -19.00 -6.50
C4 ATP G . 17.55 -18.36 -7.64
MG MG H . 18.63 -21.04 0.99
#